data_3E0U
# 
_entry.id   3E0U 
# 
_audit_conform.dict_name       mmcif_pdbx.dic 
_audit_conform.dict_version    5.377 
_audit_conform.dict_location   http://mmcif.pdb.org/dictionaries/ascii/mmcif_pdbx.dic 
# 
loop_
_database_2.database_id 
_database_2.database_code 
_database_2.pdbx_database_accession 
_database_2.pdbx_DOI 
PDB   3E0U         pdb_00003e0u 10.2210/pdb3e0u/pdb 
RCSB  RCSB048732   ?            ?                   
WWPDB D_1000048732 ?            ?                   
# 
_pdbx_database_status.status_code                     REL 
_pdbx_database_status.entry_id                        3E0U 
_pdbx_database_status.recvd_initial_deposition_date   2008-08-01 
_pdbx_database_status.deposit_site                    RCSB 
_pdbx_database_status.process_site                    RCSB 
_pdbx_database_status.status_code_sf                  REL 
_pdbx_database_status.status_code_mr                  ? 
_pdbx_database_status.SG_entry                        ? 
_pdbx_database_status.status_code_cs                  ? 
_pdbx_database_status.pdb_format_compatible           Y 
_pdbx_database_status.status_code_nmr_data            ? 
_pdbx_database_status.methods_development_category    ? 
# 
loop_
_audit_author.name 
_audit_author.pdbx_ordinal 
'Patel, S.H.'    1 
'Hussain, S.'    2 
'Harris, R.'     3 
'Driscoll, P.'   4 
'Djordjevic, S.' 5 
# 
_citation.id                        primary 
_citation.title                     
'Structural insights into the catalytic mechanism of Trypanosoma cruzi GPXI (glutathione peroxidase-like enzyme I).' 
_citation.journal_abbrev            Biochem.J. 
_citation.journal_volume            425 
_citation.page_first                513 
_citation.page_last                 522 
_citation.year                      2010 
_citation.journal_id_ASTM           BIJOAK 
_citation.country                   UK 
_citation.journal_id_ISSN           0264-6021 
_citation.journal_id_CSD            0043 
_citation.book_publisher            ? 
_citation.pdbx_database_id_PubMed   19886864 
_citation.pdbx_database_id_DOI      10.1042/BJ20091167 
# 
loop_
_citation_author.citation_id 
_citation_author.name 
_citation_author.ordinal 
_citation_author.identifier_ORCID 
primary 'Patel, S.'       1 ? 
primary 'Hussain, S.'     2 ? 
primary 'Harris, R.'      3 ? 
primary 'Sardiwal, S.'    4 ? 
primary 'Kelly, J.M.'     5 ? 
primary 'Wilkinson, S.R.' 6 ? 
primary 'Driscoll, P.C.'  7 ? 
primary 'Djordjevic, S.'  8 ? 
# 
_cell.entry_id           3E0U 
_cell.length_a           73.846 
_cell.length_b           46.591 
_cell.length_c           61.163 
_cell.angle_alpha        90.00 
_cell.angle_beta         121.54 
_cell.angle_gamma        90.00 
_cell.Z_PDB              4 
_cell.pdbx_unique_axis   ? 
_cell.length_a_esd       ? 
_cell.length_b_esd       ? 
_cell.length_c_esd       ? 
_cell.angle_alpha_esd    ? 
_cell.angle_beta_esd     ? 
_cell.angle_gamma_esd    ? 
# 
_symmetry.entry_id                         3E0U 
_symmetry.space_group_name_H-M             'C 1 2 1' 
_symmetry.pdbx_full_space_group_name_H-M   ? 
_symmetry.cell_setting                     ? 
_symmetry.Int_Tables_number                5 
_symmetry.space_group_name_Hall            ? 
# 
loop_
_entity.id 
_entity.type 
_entity.src_method 
_entity.pdbx_description 
_entity.formula_weight 
_entity.pdbx_number_of_molecules 
_entity.pdbx_ec 
_entity.pdbx_mutation 
_entity.pdbx_fragment 
_entity.details 
1 polymer     man 'Glutathione peroxidase' 18282.977 1  1.11.1.9 ? 'UNP residues 14 to 177' ? 
2 non-polymer syn 'AMMONIUM ION'           18.038    1  ?        ? ?                        ? 
3 non-polymer syn GLYCEROL                 92.094    2  ?        ? ?                        ? 
4 water       nat water                    18.015    72 ?        ? ?                        ? 
# 
_entity_poly.entity_id                      1 
_entity_poly.type                           'polypeptide(L)' 
_entity_poly.nstd_linkage                   no 
_entity_poly.nstd_monomer                   no 
_entity_poly.pdbx_seq_one_letter_code       
;GAKSIYEFQVNAADGKPYDLSQHKGHPLLIYNVASRCGYTKGGYETATTLYNKYKGQGFTVLAFPCNQFAGQEPGTALEV
KEFACTRFKADFPIMAKIDVNGSKAHPLYEFMKATIPGLFGTKAIKWNFTSFLIDRHGVPVERFSPGASVEDIEKKLLPL
LGGARI
;
_entity_poly.pdbx_seq_one_letter_code_can   
;GAKSIYEFQVNAADGKPYDLSQHKGHPLLIYNVASRCGYTKGGYETATTLYNKYKGQGFTVLAFPCNQFAGQEPGTALEV
KEFACTRFKADFPIMAKIDVNGSKAHPLYEFMKATIPGLFGTKAIKWNFTSFLIDRHGVPVERFSPGASVEDIEKKLLPL
LGGARI
;
_entity_poly.pdbx_strand_id                 A 
_entity_poly.pdbx_target_identifier         ? 
# 
loop_
_entity_poly_seq.entity_id 
_entity_poly_seq.num 
_entity_poly_seq.mon_id 
_entity_poly_seq.hetero 
1 1   GLY n 
1 2   ALA n 
1 3   LYS n 
1 4   SER n 
1 5   ILE n 
1 6   TYR n 
1 7   GLU n 
1 8   PHE n 
1 9   GLN n 
1 10  VAL n 
1 11  ASN n 
1 12  ALA n 
1 13  ALA n 
1 14  ASP n 
1 15  GLY n 
1 16  LYS n 
1 17  PRO n 
1 18  TYR n 
1 19  ASP n 
1 20  LEU n 
1 21  SER n 
1 22  GLN n 
1 23  HIS n 
1 24  LYS n 
1 25  GLY n 
1 26  HIS n 
1 27  PRO n 
1 28  LEU n 
1 29  LEU n 
1 30  ILE n 
1 31  TYR n 
1 32  ASN n 
1 33  VAL n 
1 34  ALA n 
1 35  SER n 
1 36  ARG n 
1 37  CYS n 
1 38  GLY n 
1 39  TYR n 
1 40  THR n 
1 41  LYS n 
1 42  GLY n 
1 43  GLY n 
1 44  TYR n 
1 45  GLU n 
1 46  THR n 
1 47  ALA n 
1 48  THR n 
1 49  THR n 
1 50  LEU n 
1 51  TYR n 
1 52  ASN n 
1 53  LYS n 
1 54  TYR n 
1 55  LYS n 
1 56  GLY n 
1 57  GLN n 
1 58  GLY n 
1 59  PHE n 
1 60  THR n 
1 61  VAL n 
1 62  LEU n 
1 63  ALA n 
1 64  PHE n 
1 65  PRO n 
1 66  CYS n 
1 67  ASN n 
1 68  GLN n 
1 69  PHE n 
1 70  ALA n 
1 71  GLY n 
1 72  GLN n 
1 73  GLU n 
1 74  PRO n 
1 75  GLY n 
1 76  THR n 
1 77  ALA n 
1 78  LEU n 
1 79  GLU n 
1 80  VAL n 
1 81  LYS n 
1 82  GLU n 
1 83  PHE n 
1 84  ALA n 
1 85  CYS n 
1 86  THR n 
1 87  ARG n 
1 88  PHE n 
1 89  LYS n 
1 90  ALA n 
1 91  ASP n 
1 92  PHE n 
1 93  PRO n 
1 94  ILE n 
1 95  MET n 
1 96  ALA n 
1 97  LYS n 
1 98  ILE n 
1 99  ASP n 
1 100 VAL n 
1 101 ASN n 
1 102 GLY n 
1 103 SER n 
1 104 LYS n 
1 105 ALA n 
1 106 HIS n 
1 107 PRO n 
1 108 LEU n 
1 109 TYR n 
1 110 GLU n 
1 111 PHE n 
1 112 MET n 
1 113 LYS n 
1 114 ALA n 
1 115 THR n 
1 116 ILE n 
1 117 PRO n 
1 118 GLY n 
1 119 LEU n 
1 120 PHE n 
1 121 GLY n 
1 122 THR n 
1 123 LYS n 
1 124 ALA n 
1 125 ILE n 
1 126 LYS n 
1 127 TRP n 
1 128 ASN n 
1 129 PHE n 
1 130 THR n 
1 131 SER n 
1 132 PHE n 
1 133 LEU n 
1 134 ILE n 
1 135 ASP n 
1 136 ARG n 
1 137 HIS n 
1 138 GLY n 
1 139 VAL n 
1 140 PRO n 
1 141 VAL n 
1 142 GLU n 
1 143 ARG n 
1 144 PHE n 
1 145 SER n 
1 146 PRO n 
1 147 GLY n 
1 148 ALA n 
1 149 SER n 
1 150 VAL n 
1 151 GLU n 
1 152 ASP n 
1 153 ILE n 
1 154 GLU n 
1 155 LYS n 
1 156 LYS n 
1 157 LEU n 
1 158 LEU n 
1 159 PRO n 
1 160 LEU n 
1 161 LEU n 
1 162 GLY n 
1 163 GLY n 
1 164 ALA n 
1 165 ARG n 
1 166 ILE n 
# 
_entity_src_gen.entity_id                          1 
_entity_src_gen.pdbx_src_id                        1 
_entity_src_gen.pdbx_alt_source_flag               sample 
_entity_src_gen.pdbx_seq_type                      ? 
_entity_src_gen.pdbx_beg_seq_num                   ? 
_entity_src_gen.pdbx_end_seq_num                   ? 
_entity_src_gen.gene_src_common_name               ? 
_entity_src_gen.gene_src_genus                     ? 
_entity_src_gen.pdbx_gene_src_gene                 GPXI 
_entity_src_gen.gene_src_species                   ? 
_entity_src_gen.gene_src_strain                    ? 
_entity_src_gen.gene_src_tissue                    ? 
_entity_src_gen.gene_src_tissue_fraction           ? 
_entity_src_gen.gene_src_details                   ? 
_entity_src_gen.pdbx_gene_src_fragment             ? 
_entity_src_gen.pdbx_gene_src_scientific_name      'Trypanosoma cruzi' 
_entity_src_gen.pdbx_gene_src_ncbi_taxonomy_id     5693 
_entity_src_gen.pdbx_gene_src_variant              ? 
_entity_src_gen.pdbx_gene_src_cell_line            ? 
_entity_src_gen.pdbx_gene_src_atcc                 ? 
_entity_src_gen.pdbx_gene_src_organ                ? 
_entity_src_gen.pdbx_gene_src_organelle            ? 
_entity_src_gen.pdbx_gene_src_cell                 ? 
_entity_src_gen.pdbx_gene_src_cellular_location    ? 
_entity_src_gen.host_org_common_name               ? 
_entity_src_gen.pdbx_host_org_scientific_name      'Escherichia coli' 
_entity_src_gen.pdbx_host_org_ncbi_taxonomy_id     562 
_entity_src_gen.host_org_genus                     ? 
_entity_src_gen.pdbx_host_org_gene                 ? 
_entity_src_gen.pdbx_host_org_organ                ? 
_entity_src_gen.host_org_species                   ? 
_entity_src_gen.pdbx_host_org_tissue               ? 
_entity_src_gen.pdbx_host_org_tissue_fraction      ? 
_entity_src_gen.pdbx_host_org_strain               'Rosetta (DE3)pLysS' 
_entity_src_gen.pdbx_host_org_variant              ? 
_entity_src_gen.pdbx_host_org_cell_line            ? 
_entity_src_gen.pdbx_host_org_atcc                 ? 
_entity_src_gen.pdbx_host_org_culture_collection   ? 
_entity_src_gen.pdbx_host_org_cell                 ? 
_entity_src_gen.pdbx_host_org_organelle            ? 
_entity_src_gen.pdbx_host_org_cellular_location    ? 
_entity_src_gen.pdbx_host_org_vector_type          ? 
_entity_src_gen.pdbx_host_org_vector               ? 
_entity_src_gen.host_org_details                   ? 
_entity_src_gen.expression_system_id               ? 
_entity_src_gen.plasmid_name                       ? 
_entity_src_gen.plasmid_details                    ? 
_entity_src_gen.pdbx_description                   ? 
# 
_struct_ref.id                         1 
_struct_ref.db_name                    UNP 
_struct_ref.db_code                    Q8T8E2_TRYCR 
_struct_ref.pdbx_db_accession          Q8T8E2 
_struct_ref.entity_id                  1 
_struct_ref.pdbx_seq_one_letter_code   
;KSIYEFQVNAADGKPYDLSQHKGHPLLIYNVASRCGYTKGGYETATTLYNKYKGQGFTVLAFPCNQFAGQEPGTALEVKE
FACTRFKADFPIMAKIDVNGSKAHPLYEFMKATIPGLFGTKAIKWNFTSFLIDRHGVPVERFSPGASVEDIEKKLLPLLG
GARI
;
_struct_ref.pdbx_align_begin           14 
_struct_ref.pdbx_db_isoform            ? 
# 
_struct_ref_seq.align_id                      1 
_struct_ref_seq.ref_id                        1 
_struct_ref_seq.pdbx_PDB_id_code              3E0U 
_struct_ref_seq.pdbx_strand_id                A 
_struct_ref_seq.seq_align_beg                 3 
_struct_ref_seq.pdbx_seq_align_beg_ins_code   ? 
_struct_ref_seq.seq_align_end                 166 
_struct_ref_seq.pdbx_seq_align_end_ins_code   ? 
_struct_ref_seq.pdbx_db_accession             Q8T8E2 
_struct_ref_seq.db_align_beg                  14 
_struct_ref_seq.pdbx_db_align_beg_ins_code    ? 
_struct_ref_seq.db_align_end                  177 
_struct_ref_seq.pdbx_db_align_end_ins_code    ? 
_struct_ref_seq.pdbx_auth_seq_align_beg       14 
_struct_ref_seq.pdbx_auth_seq_align_end       177 
# 
loop_
_struct_ref_seq_dif.align_id 
_struct_ref_seq_dif.pdbx_pdb_id_code 
_struct_ref_seq_dif.mon_id 
_struct_ref_seq_dif.pdbx_pdb_strand_id 
_struct_ref_seq_dif.seq_num 
_struct_ref_seq_dif.pdbx_pdb_ins_code 
_struct_ref_seq_dif.pdbx_seq_db_name 
_struct_ref_seq_dif.pdbx_seq_db_accession_code 
_struct_ref_seq_dif.db_mon_id 
_struct_ref_seq_dif.pdbx_seq_db_seq_num 
_struct_ref_seq_dif.details 
_struct_ref_seq_dif.pdbx_auth_seq_num 
_struct_ref_seq_dif.pdbx_ordinal 
1 3E0U GLY A 1 ? UNP Q8T8E2 ? ? 'expression tag' 12 1 
1 3E0U ALA A 2 ? UNP Q8T8E2 ? ? 'expression tag' 13 2 
# 
loop_
_chem_comp.id 
_chem_comp.type 
_chem_comp.mon_nstd_flag 
_chem_comp.name 
_chem_comp.pdbx_synonyms 
_chem_comp.formula 
_chem_comp.formula_weight 
ALA 'L-peptide linking' y ALANINE         ?                               'C3 H7 N O2'     89.093  
ARG 'L-peptide linking' y ARGININE        ?                               'C6 H15 N4 O2 1' 175.209 
ASN 'L-peptide linking' y ASPARAGINE      ?                               'C4 H8 N2 O3'    132.118 
ASP 'L-peptide linking' y 'ASPARTIC ACID' ?                               'C4 H7 N O4'     133.103 
CYS 'L-peptide linking' y CYSTEINE        ?                               'C3 H7 N O2 S'   121.158 
GLN 'L-peptide linking' y GLUTAMINE       ?                               'C5 H10 N2 O3'   146.144 
GLU 'L-peptide linking' y 'GLUTAMIC ACID' ?                               'C5 H9 N O4'     147.129 
GLY 'peptide linking'   y GLYCINE         ?                               'C2 H5 N O2'     75.067  
GOL non-polymer         . GLYCEROL        'GLYCERIN; PROPANE-1,2,3-TRIOL' 'C3 H8 O3'       92.094  
HIS 'L-peptide linking' y HISTIDINE       ?                               'C6 H10 N3 O2 1' 156.162 
HOH non-polymer         . WATER           ?                               'H2 O'           18.015  
ILE 'L-peptide linking' y ISOLEUCINE      ?                               'C6 H13 N O2'    131.173 
LEU 'L-peptide linking' y LEUCINE         ?                               'C6 H13 N O2'    131.173 
LYS 'L-peptide linking' y LYSINE          ?                               'C6 H15 N2 O2 1' 147.195 
MET 'L-peptide linking' y METHIONINE      ?                               'C5 H11 N O2 S'  149.211 
NH4 non-polymer         . 'AMMONIUM ION'  ?                               'H4 N 1'         18.038  
PHE 'L-peptide linking' y PHENYLALANINE   ?                               'C9 H11 N O2'    165.189 
PRO 'L-peptide linking' y PROLINE         ?                               'C5 H9 N O2'     115.130 
SER 'L-peptide linking' y SERINE          ?                               'C3 H7 N O3'     105.093 
THR 'L-peptide linking' y THREONINE       ?                               'C4 H9 N O3'     119.119 
TRP 'L-peptide linking' y TRYPTOPHAN      ?                               'C11 H12 N2 O2'  204.225 
TYR 'L-peptide linking' y TYROSINE        ?                               'C9 H11 N O3'    181.189 
VAL 'L-peptide linking' y VALINE          ?                               'C5 H11 N O2'    117.146 
# 
_exptl.entry_id          3E0U 
_exptl.method            'X-RAY DIFFRACTION' 
_exptl.crystals_number   1 
# 
_exptl_crystal.id                    1 
_exptl_crystal.density_meas          ? 
_exptl_crystal.density_Matthews      2.47 
_exptl_crystal.density_percent_sol   50.20 
_exptl_crystal.description           ? 
_exptl_crystal.F_000                 ? 
_exptl_crystal.preparation           ? 
# 
_exptl_crystal_grow.crystal_id      1 
_exptl_crystal_grow.method          'VAPOR DIFFUSION, HANGING DROP' 
_exptl_crystal_grow.temp            293 
_exptl_crystal_grow.temp_details    ? 
_exptl_crystal_grow.pH              ? 
_exptl_crystal_grow.pdbx_pH_range   ? 
_exptl_crystal_grow.pdbx_details    '1.9 M ammonium sulphate, VAPOR DIFFUSION, HANGING DROP, temperature 293K' 
# 
_diffrn.id                     1 
_diffrn.ambient_temp           ? 
_diffrn.ambient_temp_details   ? 
_diffrn.crystal_id             1 
# 
_diffrn_detector.diffrn_id              1 
_diffrn_detector.detector               'IMAGE PLATE' 
_diffrn_detector.type                   'RIGAKU RAXIS IV' 
_diffrn_detector.pdbx_collection_date   ? 
_diffrn_detector.details                ? 
# 
_diffrn_radiation.diffrn_id                        1 
_diffrn_radiation.wavelength_id                    1 
_diffrn_radiation.pdbx_monochromatic_or_laue_m_l   M 
_diffrn_radiation.monochromator                    ? 
_diffrn_radiation.pdbx_diffrn_protocol             'SINGLE WAVELENGTH' 
_diffrn_radiation.pdbx_scattering_type             x-ray 
# 
_diffrn_radiation_wavelength.id           1 
_diffrn_radiation_wavelength.wavelength   1.5 
_diffrn_radiation_wavelength.wt           1.0 
# 
_diffrn_source.diffrn_id                   1 
_diffrn_source.source                      'ROTATING ANODE' 
_diffrn_source.type                        'RIGAKU RU200' 
_diffrn_source.pdbx_synchrotron_site       ? 
_diffrn_source.pdbx_synchrotron_beamline   ? 
_diffrn_source.pdbx_wavelength             ? 
_diffrn_source.pdbx_wavelength_list        1.5 
# 
_reflns.entry_id                     3E0U 
_reflns.observed_criterion_sigma_I   ? 
_reflns.observed_criterion_sigma_F   ? 
_reflns.d_resolution_low             31.47 
_reflns.d_resolution_high            2.3 
_reflns.number_obs                   7515 
_reflns.number_all                   7987 
_reflns.percent_possible_obs         94.1 
_reflns.pdbx_Rmerge_I_obs            ? 
_reflns.pdbx_Rsym_value              ? 
_reflns.pdbx_netI_over_sigmaI        ? 
_reflns.B_iso_Wilson_estimate        ? 
_reflns.pdbx_redundancy              ? 
_reflns.R_free_details               ? 
_reflns.limit_h_max                  ? 
_reflns.limit_h_min                  ? 
_reflns.limit_k_max                  ? 
_reflns.limit_k_min                  ? 
_reflns.limit_l_max                  ? 
_reflns.limit_l_min                  ? 
_reflns.observed_criterion_F_max     ? 
_reflns.observed_criterion_F_min     ? 
_reflns.pdbx_chi_squared             ? 
_reflns.pdbx_scaling_rejects         ? 
_reflns.pdbx_ordinal                 1 
_reflns.pdbx_diffrn_id               1 
# 
_reflns_shell.d_res_high             2.30 
_reflns_shell.d_res_low              2.38 
_reflns_shell.percent_possible_all   85.7 
_reflns_shell.Rmerge_I_obs           ? 
_reflns_shell.pdbx_Rsym_value        ? 
_reflns_shell.meanI_over_sigI_obs    ? 
_reflns_shell.pdbx_redundancy        ? 
_reflns_shell.percent_possible_obs   ? 
_reflns_shell.number_unique_all      ? 
_reflns_shell.number_measured_all    ? 
_reflns_shell.number_measured_obs    ? 
_reflns_shell.number_unique_obs      ? 
_reflns_shell.pdbx_chi_squared       ? 
_reflns_shell.pdbx_ordinal           1 
_reflns_shell.pdbx_diffrn_id         1 
# 
_refine.entry_id                                 3E0U 
_refine.ls_number_reflns_obs                     7155 
_refine.ls_number_reflns_all                     ? 
_refine.pdbx_ls_sigma_I                          ? 
_refine.pdbx_ls_sigma_F                          ? 
_refine.pdbx_data_cutoff_high_absF               ? 
_refine.pdbx_data_cutoff_low_absF                ? 
_refine.pdbx_data_cutoff_high_rms_absF           ? 
_refine.ls_d_res_low                             25.42 
_refine.ls_d_res_high                            2.30 
_refine.ls_percent_reflns_obs                    94.07 
_refine.ls_R_factor_obs                          0.20951 
_refine.ls_R_factor_all                          ? 
_refine.ls_R_factor_R_work                       0.20739 
_refine.ls_R_factor_R_free                       0.25368 
_refine.ls_R_factor_R_free_error                 ? 
_refine.ls_R_factor_R_free_error_details         ? 
_refine.ls_percent_reflns_R_free                 4.7 
_refine.ls_number_reflns_R_free                  349 
_refine.ls_number_parameters                     ? 
_refine.ls_number_restraints                     ? 
_refine.occupancy_min                            ? 
_refine.occupancy_max                            ? 
_refine.correlation_coeff_Fo_to_Fc               0.949 
_refine.correlation_coeff_Fo_to_Fc_free          0.922 
_refine.B_iso_mean                               49.509 
_refine.aniso_B[1][1]                            0.35 
_refine.aniso_B[2][2]                            -0.13 
_refine.aniso_B[3][3]                            0.26 
_refine.aniso_B[1][2]                            0.00 
_refine.aniso_B[1][3]                            0.46 
_refine.aniso_B[2][3]                            0.00 
_refine.solvent_model_details                    MASK 
_refine.solvent_model_param_ksol                 ? 
_refine.solvent_model_param_bsol                 ? 
_refine.pdbx_solvent_vdw_probe_radii             1.20 
_refine.pdbx_solvent_ion_probe_radii             0.80 
_refine.pdbx_solvent_shrinkage_radii             0.80 
_refine.pdbx_ls_cross_valid_method               THROUGHOUT 
_refine.details                                  'HYDROGENS HAVE BEEN ADDED IN THE RIDING POSITIONS' 
_refine.pdbx_starting_model                      'Homology model based on 2P5R, all loops deleted' 
_refine.pdbx_method_to_determine_struct          'MOLECULAR REPLACEMENT' 
_refine.pdbx_isotropic_thermal_model             ? 
_refine.pdbx_stereochemistry_target_values       'MAXIMUM LIKELIHOOD' 
_refine.pdbx_stereochem_target_val_spec_case     ? 
_refine.pdbx_R_Free_selection_details            RANDOM 
_refine.pdbx_overall_ESU_R                       0.392 
_refine.pdbx_overall_ESU_R_Free                  0.256 
_refine.overall_SU_ML                            0.211 
_refine.pdbx_overall_phase_error                 ? 
_refine.overall_SU_B                             16.762 
_refine.pdbx_refine_id                           'X-RAY DIFFRACTION' 
_refine.ls_redundancy_reflns_obs                 ? 
_refine.B_iso_min                                ? 
_refine.B_iso_max                                ? 
_refine.overall_SU_R_Cruickshank_DPI             ? 
_refine.overall_SU_R_free                        ? 
_refine.ls_wR_factor_R_free                      ? 
_refine.ls_wR_factor_R_work                      ? 
_refine.overall_FOM_free_R_set                   ? 
_refine.overall_FOM_work_R_set                   ? 
_refine.pdbx_TLS_residual_ADP_flag               'LIKELY RESIDUAL' 
_refine.pdbx_diffrn_id                           1 
_refine.pdbx_overall_SU_R_free_Cruickshank_DPI   ? 
_refine.pdbx_overall_SU_R_Blow_DPI               ? 
_refine.pdbx_overall_SU_R_free_Blow_DPI          ? 
# 
_refine_hist.pdbx_refine_id                   'X-RAY DIFFRACTION' 
_refine_hist.cycle_id                         LAST 
_refine_hist.pdbx_number_atoms_protein        1194 
_refine_hist.pdbx_number_atoms_nucleic_acid   0 
_refine_hist.pdbx_number_atoms_ligand         13 
_refine_hist.number_atoms_solvent             72 
_refine_hist.number_atoms_total               1279 
_refine_hist.d_res_high                       2.30 
_refine_hist.d_res_low                        25.42 
# 
loop_
_refine_ls_restr.type 
_refine_ls_restr.dev_ideal 
_refine_ls_restr.dev_ideal_target 
_refine_ls_restr.weight 
_refine_ls_restr.number 
_refine_ls_restr.pdbx_refine_id 
_refine_ls_restr.pdbx_restraint_function 
r_bond_refined_d             0.021  0.022  ? 1237 'X-RAY DIFFRACTION' ? 
r_bond_other_d               ?      ?      ? ?    'X-RAY DIFFRACTION' ? 
r_angle_refined_deg          1.933  1.962  ? 1667 'X-RAY DIFFRACTION' ? 
r_angle_other_deg            ?      ?      ? ?    'X-RAY DIFFRACTION' ? 
r_dihedral_angle_1_deg       5.557  5.000  ? 151  'X-RAY DIFFRACTION' ? 
r_dihedral_angle_2_deg       29.526 23.269 ? 52   'X-RAY DIFFRACTION' ? 
r_dihedral_angle_3_deg       19.448 15.000 ? 198  'X-RAY DIFFRACTION' ? 
r_dihedral_angle_4_deg       17.943 15.000 ? 5    'X-RAY DIFFRACTION' ? 
r_chiral_restr               0.159  0.200  ? 175  'X-RAY DIFFRACTION' ? 
r_gen_planes_refined         0.021  0.020  ? 935  'X-RAY DIFFRACTION' ? 
r_gen_planes_other           ?      ?      ? ?    'X-RAY DIFFRACTION' ? 
r_nbd_refined                0.301  0.300  ? 593  'X-RAY DIFFRACTION' ? 
r_nbd_other                  ?      ?      ? ?    'X-RAY DIFFRACTION' ? 
r_nbtor_refined              0.339  0.500  ? 825  'X-RAY DIFFRACTION' ? 
r_nbtor_other                ?      ?      ? ?    'X-RAY DIFFRACTION' ? 
r_xyhbond_nbd_refined        0.289  0.500  ? 99   'X-RAY DIFFRACTION' ? 
r_xyhbond_nbd_other          ?      ?      ? ?    'X-RAY DIFFRACTION' ? 
r_metal_ion_refined          ?      ?      ? ?    'X-RAY DIFFRACTION' ? 
r_metal_ion_other            ?      ?      ? ?    'X-RAY DIFFRACTION' ? 
r_symmetry_vdw_refined       0.348  0.300  ? 45   'X-RAY DIFFRACTION' ? 
r_symmetry_vdw_other         ?      ?      ? ?    'X-RAY DIFFRACTION' ? 
r_symmetry_hbond_refined     0.107  0.500  ? 3    'X-RAY DIFFRACTION' ? 
r_symmetry_hbond_other       ?      ?      ? ?    'X-RAY DIFFRACTION' ? 
r_symmetry_metal_ion_refined ?      ?      ? ?    'X-RAY DIFFRACTION' ? 
r_symmetry_metal_ion_other   ?      ?      ? ?    'X-RAY DIFFRACTION' ? 
r_mcbond_it                  1.802  2.000  ? 778  'X-RAY DIFFRACTION' ? 
r_mcbond_other               ?      ?      ? ?    'X-RAY DIFFRACTION' ? 
r_mcangle_it                 2.745  3.000  ? 1210 'X-RAY DIFFRACTION' ? 
r_scbond_it                  1.812  2.000  ? 528  'X-RAY DIFFRACTION' ? 
r_scangle_it                 2.481  3.000  ? 457  'X-RAY DIFFRACTION' ? 
r_rigid_bond_restr           ?      ?      ? ?    'X-RAY DIFFRACTION' ? 
r_sphericity_free            ?      ?      ? ?    'X-RAY DIFFRACTION' ? 
r_sphericity_bonded          ?      ?      ? ?    'X-RAY DIFFRACTION' ? 
# 
_refine_ls_shell.pdbx_total_number_of_bins_used   20 
_refine_ls_shell.d_res_high                       2.301 
_refine_ls_shell.d_res_low                        2.361 
_refine_ls_shell.number_reflns_R_work             437 
_refine_ls_shell.R_factor_R_work                  0.289 
_refine_ls_shell.percent_reflns_obs               84.06 
_refine_ls_shell.R_factor_R_free                  0.294 
_refine_ls_shell.R_factor_R_free_error            ? 
_refine_ls_shell.percent_reflns_R_free            ? 
_refine_ls_shell.number_reflns_R_free             27 
_refine_ls_shell.number_reflns_all                ? 
_refine_ls_shell.R_factor_all                     ? 
_refine_ls_shell.pdbx_refine_id                   'X-RAY DIFFRACTION' 
_refine_ls_shell.redundancy_reflns_obs            ? 
_refine_ls_shell.number_reflns_obs                ? 
# 
_struct.entry_id                  3E0U 
_struct.title                     'Crystal structure of T. cruzi GPX1' 
_struct.pdbx_model_details        ? 
_struct.pdbx_CASP_flag            ? 
_struct.pdbx_model_type_details   ? 
# 
_struct_keywords.entry_id        3E0U 
_struct_keywords.pdbx_keywords   OXIDOREDUCTASE 
_struct_keywords.text            'thioredoxin fold, Oxidoreductase, Peroxidase' 
# 
loop_
_struct_asym.id 
_struct_asym.pdbx_blank_PDB_chainid_flag 
_struct_asym.pdbx_modified 
_struct_asym.entity_id 
_struct_asym.details 
A N N 1 ? 
B N N 2 ? 
C N N 3 ? 
D N N 3 ? 
E N N 4 ? 
# 
_struct_biol.id        1 
_struct_biol.details   ? 
# 
loop_
_struct_conf.conf_type_id 
_struct_conf.id 
_struct_conf.pdbx_PDB_helix_id 
_struct_conf.beg_label_comp_id 
_struct_conf.beg_label_asym_id 
_struct_conf.beg_label_seq_id 
_struct_conf.pdbx_beg_PDB_ins_code 
_struct_conf.end_label_comp_id 
_struct_conf.end_label_asym_id 
_struct_conf.end_label_seq_id 
_struct_conf.pdbx_end_PDB_ins_code 
_struct_conf.beg_auth_comp_id 
_struct_conf.beg_auth_asym_id 
_struct_conf.beg_auth_seq_id 
_struct_conf.end_auth_comp_id 
_struct_conf.end_auth_asym_id 
_struct_conf.end_auth_seq_id 
_struct_conf.pdbx_PDB_helix_class 
_struct_conf.details 
_struct_conf.pdbx_PDB_helix_length 
HELX_P HELX_P1 1 SER A 4   ? PHE A 8   ? SER A 15  PHE A 19  5 ? 5  
HELX_P HELX_P2 2 ASP A 19  ? LYS A 24  ? ASP A 30  LYS A 35  5 ? 6  
HELX_P HELX_P3 3 GLY A 42  ? LYS A 55  ? GLY A 53  LYS A 66  1 ? 14 
HELX_P HELX_P4 4 GLY A 56  ? GLY A 58  ? GLY A 67  GLY A 69  5 ? 3  
HELX_P HELX_P5 5 HIS A 106 ? ILE A 116 ? HIS A 117 ILE A 127 1 ? 11 
HELX_P HELX_P6 6 SER A 149 ? LEU A 158 ? SER A 160 LEU A 169 1 ? 10 
# 
_struct_conf_type.id          HELX_P 
_struct_conf_type.criteria    ? 
_struct_conf_type.reference   ? 
# 
_struct_sheet.id               A 
_struct_sheet.type             ? 
_struct_sheet.number_strands   4 
_struct_sheet.details          ? 
# 
loop_
_struct_sheet_order.sheet_id 
_struct_sheet_order.range_id_1 
_struct_sheet_order.range_id_2 
_struct_sheet_order.offset 
_struct_sheet_order.sense 
A 1 2 ? parallel      
A 2 3 ? anti-parallel 
A 3 4 ? anti-parallel 
# 
loop_
_struct_sheet_range.sheet_id 
_struct_sheet_range.id 
_struct_sheet_range.beg_label_comp_id 
_struct_sheet_range.beg_label_asym_id 
_struct_sheet_range.beg_label_seq_id 
_struct_sheet_range.pdbx_beg_PDB_ins_code 
_struct_sheet_range.end_label_comp_id 
_struct_sheet_range.end_label_asym_id 
_struct_sheet_range.end_label_seq_id 
_struct_sheet_range.pdbx_end_PDB_ins_code 
_struct_sheet_range.beg_auth_comp_id 
_struct_sheet_range.beg_auth_asym_id 
_struct_sheet_range.beg_auth_seq_id 
_struct_sheet_range.end_auth_comp_id 
_struct_sheet_range.end_auth_asym_id 
_struct_sheet_range.end_auth_seq_id 
A 1 THR A 60  ? PRO A 65  ? THR A 71  PRO A 76  
A 2 LEU A 28  ? VAL A 33  ? LEU A 39  VAL A 44  
A 3 SER A 131 ? ILE A 134 ? SER A 142 ILE A 145 
A 4 PRO A 140 ? PHE A 144 ? PRO A 151 PHE A 155 
# 
loop_
_pdbx_struct_sheet_hbond.sheet_id 
_pdbx_struct_sheet_hbond.range_id_1 
_pdbx_struct_sheet_hbond.range_id_2 
_pdbx_struct_sheet_hbond.range_1_label_atom_id 
_pdbx_struct_sheet_hbond.range_1_label_comp_id 
_pdbx_struct_sheet_hbond.range_1_label_asym_id 
_pdbx_struct_sheet_hbond.range_1_label_seq_id 
_pdbx_struct_sheet_hbond.range_1_PDB_ins_code 
_pdbx_struct_sheet_hbond.range_1_auth_atom_id 
_pdbx_struct_sheet_hbond.range_1_auth_comp_id 
_pdbx_struct_sheet_hbond.range_1_auth_asym_id 
_pdbx_struct_sheet_hbond.range_1_auth_seq_id 
_pdbx_struct_sheet_hbond.range_2_label_atom_id 
_pdbx_struct_sheet_hbond.range_2_label_comp_id 
_pdbx_struct_sheet_hbond.range_2_label_asym_id 
_pdbx_struct_sheet_hbond.range_2_label_seq_id 
_pdbx_struct_sheet_hbond.range_2_PDB_ins_code 
_pdbx_struct_sheet_hbond.range_2_auth_atom_id 
_pdbx_struct_sheet_hbond.range_2_auth_comp_id 
_pdbx_struct_sheet_hbond.range_2_auth_asym_id 
_pdbx_struct_sheet_hbond.range_2_auth_seq_id 
A 1 2 O PHE A 64  ? O PHE A 75  N TYR A 31  ? N TYR A 42  
A 2 3 N LEU A 28  ? N LEU A 39  O ILE A 134 ? O ILE A 145 
A 3 4 N SER A 131 ? N SER A 142 O PHE A 144 ? O PHE A 155 
# 
loop_
_struct_site.id 
_struct_site.pdbx_evidence_code 
_struct_site.pdbx_auth_asym_id 
_struct_site.pdbx_auth_comp_id 
_struct_site.pdbx_auth_seq_id 
_struct_site.pdbx_auth_ins_code 
_struct_site.pdbx_num_residues 
_struct_site.details 
AC1 Software A NH4 1   ? 7 'BINDING SITE FOR RESIDUE NH4 A 1'   
AC2 Software A GOL 178 ? 5 'BINDING SITE FOR RESIDUE GOL A 178' 
AC3 Software A GOL 179 ? 4 'BINDING SITE FOR RESIDUE GOL A 179' 
# 
loop_
_struct_site_gen.id 
_struct_site_gen.site_id 
_struct_site_gen.pdbx_num_res 
_struct_site_gen.label_comp_id 
_struct_site_gen.label_asym_id 
_struct_site_gen.label_seq_id 
_struct_site_gen.pdbx_auth_ins_code 
_struct_site_gen.auth_comp_id 
_struct_site_gen.auth_asym_id 
_struct_site_gen.auth_seq_id 
_struct_site_gen.label_atom_id 
_struct_site_gen.label_alt_id 
_struct_site_gen.symmetry 
_struct_site_gen.details 
1  AC1 7 VAL A 10  ? VAL A 21  . ? 1_555 ? 
2  AC1 7 ASN A 11  ? ASN A 22  . ? 1_555 ? 
3  AC1 7 PHE A 64  ? PHE A 75  . ? 1_555 ? 
4  AC1 7 MET A 95  ? MET A 106 . ? 1_555 ? 
5  AC1 7 ALA A 96  ? ALA A 107 . ? 1_555 ? 
6  AC1 7 ILE A 98  ? ILE A 109 . ? 1_555 ? 
7  AC1 7 HOH E .   ? HOH A 208 . ? 1_555 ? 
8  AC2 5 LYS A 126 ? LYS A 137 . ? 1_555 ? 
9  AC2 5 TRP A 127 ? TRP A 138 . ? 1_555 ? 
10 AC2 5 THR A 130 ? THR A 141 . ? 1_555 ? 
11 AC2 5 ARG A 143 ? ARG A 154 . ? 1_555 ? 
12 AC2 5 HOH E .   ? HOH A 185 . ? 1_555 ? 
13 AC3 4 PHE A 83  ? PHE A 94  . ? 2_555 ? 
14 AC3 4 ALA A 84  ? ALA A 95  . ? 2_555 ? 
15 AC3 4 CYS A 85  ? CYS A 96  . ? 1_555 ? 
16 AC3 4 HOH E .   ? HOH A 196 . ? 1_555 ? 
# 
_atom_sites.entry_id                    3E0U 
_atom_sites.fract_transf_matrix[1][1]   -0.00323029 
_atom_sites.fract_transf_matrix[1][2]   0.01395123 
_atom_sites.fract_transf_matrix[1][3]   -0.00688381 
_atom_sites.fract_transf_matrix[2][1]   -0.01446740 
_atom_sites.fract_transf_matrix[2][2]   -0.00958210 
_atom_sites.fract_transf_matrix[2][3]   -0.01263083 
_atom_sites.fract_transf_matrix[3][1]   -0.01365120 
_atom_sites.fract_transf_matrix[3][2]   0.01162945 
_atom_sites.fract_transf_matrix[3][3]   0.00681371 
_atom_sites.fract_transf_vector[1]      0.357386 
_atom_sites.fract_transf_vector[2]      0.011538 
_atom_sites.fract_transf_vector[3]      0.198972 
# 
loop_
_atom_type.symbol 
C 
N 
O 
S 
# 
loop_
_atom_site.group_PDB 
_atom_site.id 
_atom_site.type_symbol 
_atom_site.label_atom_id 
_atom_site.label_alt_id 
_atom_site.label_comp_id 
_atom_site.label_asym_id 
_atom_site.label_entity_id 
_atom_site.label_seq_id 
_atom_site.pdbx_PDB_ins_code 
_atom_site.Cartn_x 
_atom_site.Cartn_y 
_atom_site.Cartn_z 
_atom_site.occupancy 
_atom_site.B_iso_or_equiv 
_atom_site.pdbx_formal_charge 
_atom_site.auth_seq_id 
_atom_site.auth_comp_id 
_atom_site.auth_asym_id 
_atom_site.auth_atom_id 
_atom_site.pdbx_PDB_model_num 
ATOM   1    N N   . LYS A 1 3   ? -9.649  14.789  -5.247  1.00 44.01 ? 14  LYS A N   1 
ATOM   2    C CA  . LYS A 1 3   ? -9.698  13.608  -4.331  1.00 46.99 ? 14  LYS A CA  1 
ATOM   3    C C   . LYS A 1 3   ? -8.372  12.915  -4.249  1.00 47.43 ? 14  LYS A C   1 
ATOM   4    O O   . LYS A 1 3   ? -7.814  12.525  -5.256  1.00 51.07 ? 14  LYS A O   1 
ATOM   5    C CB  . LYS A 1 3   ? -10.754 12.588  -4.747  1.00 46.93 ? 14  LYS A CB  1 
ATOM   6    C CG  . LYS A 1 3   ? -12.059 12.720  -3.975  1.00 50.48 ? 14  LYS A CG  1 
ATOM   7    C CD  . LYS A 1 3   ? -13.061 11.671  -4.430  1.00 50.36 ? 14  LYS A CD  1 
ATOM   8    C CE  . LYS A 1 3   ? -14.455 12.031  -3.941  1.00 53.39 ? 14  LYS A CE  1 
ATOM   9    N NZ  . LYS A 1 3   ? -15.450 10.969  -4.244  1.00 52.86 ? 14  LYS A NZ  1 
ATOM   10   N N   . SER A 1 4   ? -7.917  12.667  -3.035  1.00 46.49 ? 15  SER A N   1 
ATOM   11   C CA  . SER A 1 4   ? -6.637  12.036  -2.858  1.00 45.91 ? 15  SER A CA  1 
ATOM   12   C C   . SER A 1 4   ? -6.670  11.263  -1.548  1.00 44.64 ? 15  SER A C   1 
ATOM   13   O O   . SER A 1 4   ? -7.607  11.399  -0.752  1.00 45.60 ? 15  SER A O   1 
ATOM   14   C CB  . SER A 1 4   ? -5.531  13.101  -2.837  1.00 45.37 ? 15  SER A CB  1 
ATOM   15   O OG  . SER A 1 4   ? -5.809  14.124  -1.863  1.00 43.23 ? 15  SER A OG  1 
ATOM   16   N N   . ILE A 1 5   ? -5.624  10.476  -1.327  1.00 41.97 ? 16  ILE A N   1 
ATOM   17   C CA  . ILE A 1 5   ? -5.496  9.709   -0.156  1.00 40.97 ? 16  ILE A CA  1 
ATOM   18   C C   . ILE A 1 5   ? -5.347  10.620  1.066   1.00 43.78 ? 16  ILE A C   1 
ATOM   19   O O   . ILE A 1 5   ? -5.421  10.166  2.199   1.00 45.12 ? 16  ILE A O   1 
ATOM   20   C CB  . ILE A 1 5   ? -4.225  8.776   -0.215  1.00 43.30 ? 16  ILE A CB  1 
ATOM   21   C CG1 . ILE A 1 5   ? -2.923  9.560   -0.124  1.00 39.33 ? 16  ILE A CG1 1 
ATOM   22   C CG2 . ILE A 1 5   ? -4.237  7.758   -1.376  1.00 39.40 ? 16  ILE A CG2 1 
ATOM   23   C CD1 . ILE A 1 5   ? -1.760  8.596   0.004   1.00 40.95 ? 16  ILE A CD1 1 
ATOM   24   N N   . TYR A 1 6   ? -4.987  11.880  0.828   1.00 45.01 ? 17  TYR A N   1 
ATOM   25   C CA  . TYR A 1 6   ? -4.687  12.812  1.908   1.00 42.63 ? 17  TYR A CA  1 
ATOM   26   C C   . TYR A 1 6   ? -5.915  13.438  2.571   1.00 42.54 ? 17  TYR A C   1 
ATOM   27   O O   . TYR A 1 6   ? -5.802  14.181  3.598   1.00 38.23 ? 17  TYR A O   1 
ATOM   28   C CB  . TYR A 1 6   ? -3.720  13.891  1.404   1.00 44.00 ? 17  TYR A CB  1 
ATOM   29   C CG  . TYR A 1 6   ? -2.411  13.286  0.995   1.00 41.61 ? 17  TYR A CG  1 
ATOM   30   C CD1 . TYR A 1 6   ? -1.671  12.577  1.889   1.00 39.19 ? 17  TYR A CD1 1 
ATOM   31   C CD2 . TYR A 1 6   ? -2.003  13.319  -0.329  1.00 43.41 ? 17  TYR A CD2 1 
ATOM   32   C CE1 . TYR A 1 6   ? -0.480  11.997  1.501   1.00 43.01 ? 17  TYR A CE1 1 
ATOM   33   C CE2 . TYR A 1 6   ? -0.833  12.728  -0.738  1.00 42.83 ? 17  TYR A CE2 1 
ATOM   34   C CZ  . TYR A 1 6   ? -0.070  12.076  0.169   1.00 43.14 ? 17  TYR A CZ  1 
ATOM   35   O OH  . TYR A 1 6   ? 1.144   11.571  -0.240  1.00 44.41 ? 17  TYR A OH  1 
ATOM   36   N N   . GLU A 1 7   ? -7.075  13.023  2.067   1.00 40.59 ? 18  GLU A N   1 
ATOM   37   C CA  . GLU A 1 7   ? -8.340  13.399  2.653   1.00 41.84 ? 18  GLU A CA  1 
ATOM   38   C C   . GLU A 1 7   ? -8.769  12.300  3.636   1.00 43.76 ? 18  GLU A C   1 
ATOM   39   O O   . GLU A 1 7   ? -9.899  12.326  4.094   1.00 45.00 ? 18  GLU A O   1 
ATOM   40   C CB  . GLU A 1 7   ? -9.402  13.574  1.588   1.00 42.26 ? 18  GLU A CB  1 
ATOM   41   C CG  . GLU A 1 7   ? -9.147  14.688  0.592   1.00 41.11 ? 18  GLU A CG  1 
ATOM   42   C CD  . GLU A 1 7   ? -10.231 14.775  -0.424  1.00 40.54 ? 18  GLU A CD  1 
ATOM   43   O OE1 . GLU A 1 7   ? -10.722 13.744  -0.908  1.00 44.38 ? 18  GLU A OE1 1 
ATOM   44   O OE2 . GLU A 1 7   ? -10.617 15.873  -0.763  1.00 43.75 ? 18  GLU A OE2 1 
ATOM   45   N N   . PHE A 1 8   ? -7.897  11.306  3.889   1.00 43.05 ? 19  PHE A N   1 
ATOM   46   C CA  . PHE A 1 8   ? -8.173  10.247  4.898   1.00 43.09 ? 19  PHE A CA  1 
ATOM   47   C C   . PHE A 1 8   ? -7.169  10.274  6.012   1.00 45.54 ? 19  PHE A C   1 
ATOM   48   O O   . PHE A 1 8   ? -6.019  10.749  5.842   1.00 43.89 ? 19  PHE A O   1 
ATOM   49   C CB  . PHE A 1 8   ? -8.208  8.852   4.284   1.00 41.64 ? 19  PHE A CB  1 
ATOM   50   C CG  . PHE A 1 8   ? -9.138  8.760   3.156   1.00 41.62 ? 19  PHE A CG  1 
ATOM   51   C CD1 . PHE A 1 8   ? -8.769  9.230   1.925   1.00 42.80 ? 19  PHE A CD1 1 
ATOM   52   C CD2 . PHE A 1 8   ? -10.451 8.442   3.362   1.00 41.94 ? 19  PHE A CD2 1 
ATOM   53   C CE1 . PHE A 1 8   ? -9.658  9.263   0.882   1.00 41.53 ? 19  PHE A CE1 1 
ATOM   54   C CE2 . PHE A 1 8   ? -11.320 8.396   2.305   1.00 35.49 ? 19  PHE A CE2 1 
ATOM   55   C CZ  . PHE A 1 8   ? -10.949 8.884   1.100   1.00 40.46 ? 19  PHE A CZ  1 
ATOM   56   N N   . GLN A 1 9   ? -7.636  9.820   7.172   1.00 46.34 ? 20  GLN A N   1 
ATOM   57   C CA  . GLN A 1 9   ? -6.803  9.798   8.338   1.00 50.39 ? 20  GLN A CA  1 
ATOM   58   C C   . GLN A 1 9   ? -6.640  8.342   8.763   1.00 47.95 ? 20  GLN A C   1 
ATOM   59   O O   . GLN A 1 9   ? -7.584  7.575   8.747   1.00 49.12 ? 20  GLN A O   1 
ATOM   60   C CB  . GLN A 1 9   ? -7.493  10.617  9.428   1.00 54.83 ? 20  GLN A CB  1 
ATOM   61   C CG  . GLN A 1 9   ? -6.696  11.725  9.982   1.00 61.52 ? 20  GLN A CG  1 
ATOM   62   C CD  . GLN A 1 9   ? -5.544  11.221  10.710  1.00 65.20 ? 20  GLN A CD  1 
ATOM   63   O OE1 . GLN A 1 9   ? -5.637  10.173  11.342  1.00 70.47 ? 20  GLN A OE1 1 
ATOM   64   N NE2 . GLN A 1 9   ? -4.410  11.896  10.585  1.00 66.52 ? 20  GLN A NE2 1 
ATOM   65   N N   . VAL A 1 10  ? -5.514  8.043   9.364   1.00 48.95 ? 21  VAL A N   1 
ATOM   66   C CA  . VAL A 1 10  ? -5.150  6.679   9.704   1.00 46.24 ? 21  VAL A CA  1 
ATOM   67   C C   . VAL A 1 10  ? -4.228  6.640   10.906  1.00 45.70 ? 21  VAL A C   1 
ATOM   68   O O   . VAL A 1 10  ? -3.547  7.615   11.201  1.00 47.58 ? 21  VAL A O   1 
ATOM   69   C CB  . VAL A 1 10  ? -4.492  6.101   8.405   1.00 46.55 ? 21  VAL A CB  1 
ATOM   70   C CG1 . VAL A 1 10  ? -3.170  5.447   8.621   1.00 45.99 ? 21  VAL A CG1 1 
ATOM   71   C CG2 . VAL A 1 10  ? -5.464  5.387   7.592   1.00 41.69 ? 21  VAL A CG2 1 
ATOM   72   N N   . ASN A 1 11  ? -4.424  5.659   11.781  1.00 48.50 ? 22  ASN A N   1 
ATOM   73   C CA  . ASN A 1 11  ? -3.430  5.408   12.803  1.00 48.32 ? 22  ASN A CA  1 
ATOM   74   C C   . ASN A 1 11  ? -2.267  4.544   12.286  1.00 48.03 ? 22  ASN A C   1 
ATOM   75   O O   . ASN A 1 11  ? -2.410  3.804   11.251  1.00 50.08 ? 22  ASN A O   1 
ATOM   76   C CB  . ASN A 1 11  ? -4.062  4.817   14.061  1.00 51.07 ? 22  ASN A CB  1 
ATOM   77   C CG  . ASN A 1 11  ? -5.061  5.768   14.681  1.00 51.01 ? 22  ASN A CG  1 
ATOM   78   O OD1 . ASN A 1 11  ? -4.756  6.946   14.806  1.00 50.98 ? 22  ASN A OD1 1 
ATOM   79   N ND2 . ASN A 1 11  ? -6.304  5.321   14.847  1.00 46.82 ? 22  ASN A ND2 1 
ATOM   80   N N   . ALA A 1 12  ? -1.106  4.827   12.877  1.00 42.76 ? 23  ALA A N   1 
ATOM   81   C CA  . ALA A 1 12  ? 0.148   4.152   12.674  1.00 44.82 ? 23  ALA A CA  1 
ATOM   82   C C   . ALA A 1 12  ? 0.193   2.950   13.619  1.00 47.90 ? 23  ALA A C   1 
ATOM   83   O O   . ALA A 1 12  ? -0.742  2.726   14.369  1.00 49.46 ? 23  ALA A O   1 
ATOM   84   C CB  . ALA A 1 12  ? 1.313   5.100   13.030  1.00 41.52 ? 23  ALA A CB  1 
ATOM   85   N N   . ALA A 1 13  ? 1.285   2.196   13.590  1.00 48.16 ? 24  ALA A N   1 
ATOM   86   C CA  . ALA A 1 13  ? 1.399   1.030   14.437  1.00 51.13 ? 24  ALA A CA  1 
ATOM   87   C C   . ALA A 1 13  ? 1.310   1.393   15.922  1.00 52.11 ? 24  ALA A C   1 
ATOM   88   O O   . ALA A 1 13  ? 0.540   0.749   16.632  1.00 52.16 ? 24  ALA A O   1 
ATOM   89   C CB  . ALA A 1 13  ? 2.682   0.230   14.145  1.00 48.11 ? 24  ALA A CB  1 
ATOM   90   N N   . ASP A 1 14  ? 2.110   2.363   16.397  1.00 50.78 ? 25  ASP A N   1 
ATOM   91   C CA  . ASP A 1 14  ? 2.011   2.797   17.809  1.00 52.50 ? 25  ASP A CA  1 
ATOM   92   C C   . ASP A 1 14  ? 0.573   3.119   18.263  1.00 50.74 ? 25  ASP A C   1 
ATOM   93   O O   . ASP A 1 14  ? 0.371   3.520   19.395  1.00 50.56 ? 25  ASP A O   1 
ATOM   94   C CB  . ASP A 1 14  ? 2.953   3.986   18.135  1.00 52.51 ? 25  ASP A CB  1 
ATOM   95   C CG  . ASP A 1 14  ? 2.546   5.302   17.418  1.00 53.05 ? 25  ASP A CG  1 
ATOM   96   O OD1 . ASP A 1 14  ? 1.516   5.344   16.705  1.00 52.15 ? 25  ASP A OD1 1 
ATOM   97   O OD2 . ASP A 1 14  ? 3.243   6.325   17.616  1.00 52.53 ? 25  ASP A OD2 1 
ATOM   98   N N   . GLY A 1 15  ? -0.393  3.073   17.342  1.00 51.79 ? 26  GLY A N   1 
ATOM   99   C CA  . GLY A 1 15  ? -1.809  3.317   17.665  1.00 49.68 ? 26  GLY A CA  1 
ATOM   100  C C   . GLY A 1 15  ? -2.255  4.767   17.666  1.00 51.01 ? 26  GLY A C   1 
ATOM   101  O O   . GLY A 1 15  ? -3.420  5.082   17.982  1.00 51.71 ? 26  GLY A O   1 
ATOM   102  N N   . LYS A 1 16  ? -1.371  5.676   17.276  1.00 51.33 ? 27  LYS A N   1 
ATOM   103  C CA  . LYS A 1 16  ? -1.789  7.070   17.226  1.00 52.81 ? 27  LYS A CA  1 
ATOM   104  C C   . LYS A 1 16  ? -1.727  7.649   15.808  1.00 53.13 ? 27  LYS A C   1 
ATOM   105  O O   . LYS A 1 16  ? -1.165  7.032   14.892  1.00 51.91 ? 27  LYS A O   1 
ATOM   106  C CB  . LYS A 1 16  ? -1.073  7.909   18.303  1.00 56.06 ? 27  LYS A CB  1 
ATOM   107  C CG  . LYS A 1 16  ? 0.380   8.248   18.051  1.00 56.90 ? 27  LYS A CG  1 
ATOM   108  C CD  . LYS A 1 16  ? 1.112   8.288   19.362  1.00 56.72 ? 27  LYS A CD  1 
ATOM   109  C CE  . LYS A 1 16  ? 0.208   8.843   20.450  1.00 58.39 ? 27  LYS A CE  1 
ATOM   110  N NZ  . LYS A 1 16  ? 0.768   8.628   21.821  1.00 56.03 ? 27  LYS A NZ  1 
ATOM   111  N N   . PRO A 1 17  ? -2.417  8.783   15.593  1.00 52.04 ? 28  PRO A N   1 
ATOM   112  C CA  . PRO A 1 17  ? -2.674  9.289   14.243  1.00 48.71 ? 28  PRO A CA  1 
ATOM   113  C C   . PRO A 1 17  ? -1.405  9.308   13.393  1.00 48.05 ? 28  PRO A C   1 
ATOM   114  O O   . PRO A 1 17  ? -0.376  9.669   13.877  1.00 50.56 ? 28  PRO A O   1 
ATOM   115  C CB  . PRO A 1 17  ? -3.179  10.701  14.492  1.00 47.28 ? 28  PRO A CB  1 
ATOM   116  C CG  . PRO A 1 17  ? -3.741  10.660  15.864  1.00 48.06 ? 28  PRO A CG  1 
ATOM   117  C CD  . PRO A 1 17  ? -2.801  9.752   16.630  1.00 49.25 ? 28  PRO A CD  1 
ATOM   118  N N   . TYR A 1 18  ? -1.453  8.894   12.142  1.00 48.43 ? 29  TYR A N   1 
ATOM   119  C CA  . TYR A 1 18  ? -0.211  8.926   11.369  1.00 51.03 ? 29  TYR A CA  1 
ATOM   120  C C   . TYR A 1 18  ? -0.165  10.187  10.525  1.00 50.79 ? 29  TYR A C   1 
ATOM   121  O O   . TYR A 1 18  ? -1.192  10.633  9.997   1.00 53.16 ? 29  TYR A O   1 
ATOM   122  C CB  . TYR A 1 18  ? -0.065  7.659   10.486  1.00 49.31 ? 29  TYR A CB  1 
ATOM   123  C CG  . TYR A 1 18  ? 1.187   7.602   9.585   1.00 47.58 ? 29  TYR A CG  1 
ATOM   124  C CD1 . TYR A 1 18  ? 1.052   7.527   8.194   1.00 45.98 ? 29  TYR A CD1 1 
ATOM   125  C CD2 . TYR A 1 18  ? 2.479   7.553   10.125  1.00 45.55 ? 29  TYR A CD2 1 
ATOM   126  C CE1 . TYR A 1 18  ? 2.175   7.528   7.362   1.00 45.35 ? 29  TYR A CE1 1 
ATOM   127  C CE2 . TYR A 1 18  ? 3.608   7.487   9.300   1.00 42.33 ? 29  TYR A CE2 1 
ATOM   128  C CZ  . TYR A 1 18  ? 3.449   7.544   7.934   1.00 45.19 ? 29  TYR A CZ  1 
ATOM   129  O OH  . TYR A 1 18  ? 4.524   7.447   7.087   1.00 45.83 ? 29  TYR A OH  1 
ATOM   130  N N   . ASP A 1 19  ? 1.018   10.761  10.393  1.00 48.81 ? 30  ASP A N   1 
ATOM   131  C CA  . ASP A 1 19  ? 1.190   11.899  9.489   1.00 46.84 ? 30  ASP A CA  1 
ATOM   132  C C   . ASP A 1 19  ? 1.273   11.389  8.017   1.00 47.40 ? 30  ASP A C   1 
ATOM   133  O O   . ASP A 1 19  ? 2.377   11.156  7.471   1.00 50.39 ? 30  ASP A O   1 
ATOM   134  C CB  . ASP A 1 19  ? 2.457   12.656  9.885   1.00 46.22 ? 30  ASP A CB  1 
ATOM   135  C CG  . ASP A 1 19  ? 2.552   14.032  9.241   1.00 47.86 ? 30  ASP A CG  1 
ATOM   136  O OD1 . ASP A 1 19  ? 1.566   14.533  8.666   1.00 49.37 ? 30  ASP A OD1 1 
ATOM   137  O OD2 . ASP A 1 19  ? 3.634   14.639  9.339   1.00 49.40 ? 30  ASP A OD2 1 
ATOM   138  N N   . LEU A 1 20  ? 0.116   11.190  7.389   1.00 42.24 ? 31  LEU A N   1 
ATOM   139  C CA  . LEU A 1 20  ? 0.074   10.782  6.030   1.00 40.63 ? 31  LEU A CA  1 
ATOM   140  C C   . LEU A 1 20  ? 0.585   11.841  5.038   1.00 41.00 ? 31  LEU A C   1 
ATOM   141  O O   . LEU A 1 20  ? 1.240   11.518  4.026   1.00 40.73 ? 31  LEU A O   1 
ATOM   142  C CB  . LEU A 1 20  ? -1.363  10.346  5.693   1.00 41.76 ? 31  LEU A CB  1 
ATOM   143  C CG  . LEU A 1 20  ? -1.622  9.516   4.435   1.00 43.32 ? 31  LEU A CG  1 
ATOM   144  C CD1 . LEU A 1 20  ? -0.713  8.292   4.376   1.00 42.39 ? 31  LEU A CD1 1 
ATOM   145  C CD2 . LEU A 1 20  ? -3.116  9.126   4.297   1.00 41.46 ? 31  LEU A CD2 1 
ATOM   146  N N   . SER A 1 21  ? 0.250   13.094  5.319   1.00 41.34 ? 32  SER A N   1 
ATOM   147  C CA  . SER A 1 21  ? 0.515   14.222  4.418   1.00 44.12 ? 32  SER A CA  1 
ATOM   148  C C   . SER A 1 21  ? 1.991   14.562  4.247   1.00 43.56 ? 32  SER A C   1 
ATOM   149  O O   . SER A 1 21  ? 2.334   15.346  3.352   1.00 40.55 ? 32  SER A O   1 
ATOM   150  C CB  . SER A 1 21  ? -0.287  15.485  4.837   1.00 44.81 ? 32  SER A CB  1 
ATOM   151  O OG  . SER A 1 21  ? -1.693  15.218  4.793   1.00 45.78 ? 32  SER A OG  1 
ATOM   152  N N   . GLN A 1 22  ? 2.861   13.997  5.098   1.00 45.30 ? 33  GLN A N   1 
ATOM   153  C CA  . GLN A 1 22  ? 4.317   14.178  4.898   1.00 43.88 ? 33  GLN A CA  1 
ATOM   154  C C   . GLN A 1 22  ? 4.753   13.568  3.525   1.00 43.97 ? 33  GLN A C   1 
ATOM   155  O O   . GLN A 1 22  ? 5.762   13.935  2.959   1.00 43.60 ? 33  GLN A O   1 
ATOM   156  C CB  . GLN A 1 22  ? 5.137   13.555  6.047   1.00 41.92 ? 33  GLN A CB  1 
ATOM   157  C CG  . GLN A 1 22  ? 5.125   11.990  6.081   1.00 44.10 ? 33  GLN A CG  1 
ATOM   158  C CD  . GLN A 1 22  ? 6.045   11.410  7.178   1.00 45.73 ? 33  GLN A CD  1 
ATOM   159  O OE1 . GLN A 1 22  ? 7.260   11.645  7.167   1.00 47.86 ? 33  GLN A OE1 1 
ATOM   160  N NE2 . GLN A 1 22  ? 5.460   10.704  8.150   1.00 44.71 ? 33  GLN A NE2 1 
ATOM   161  N N   . HIS A 1 23  ? 3.965   12.650  2.984   1.00 42.59 ? 34  HIS A N   1 
ATOM   162  C CA  . HIS A 1 23  ? 4.317   11.994  1.718   1.00 43.38 ? 34  HIS A CA  1 
ATOM   163  C C   . HIS A 1 23  ? 3.746   12.697  0.501   1.00 46.79 ? 34  HIS A C   1 
ATOM   164  O O   . HIS A 1 23  ? 3.870   12.185  -0.613  1.00 47.95 ? 34  HIS A O   1 
ATOM   165  C CB  . HIS A 1 23  ? 3.817   10.525  1.749   1.00 40.27 ? 34  HIS A CB  1 
ATOM   166  C CG  . HIS A 1 23  ? 4.420   9.731   2.860   1.00 35.61 ? 34  HIS A CG  1 
ATOM   167  N ND1 . HIS A 1 23  ? 3.660   9.185   3.876   1.00 37.33 ? 34  HIS A ND1 1 
ATOM   168  C CD2 . HIS A 1 23  ? 5.715   9.580   3.234   1.00 33.36 ? 34  HIS A CD2 1 
ATOM   169  C CE1 . HIS A 1 23  ? 4.463   8.713   4.818   1.00 35.53 ? 34  HIS A CE1 1 
ATOM   170  N NE2 . HIS A 1 23  ? 5.715   8.910   4.431   1.00 37.98 ? 34  HIS A NE2 1 
ATOM   171  N N   . LYS A 1 24  ? 3.053   13.825  0.725   1.00 49.05 ? 35  LYS A N   1 
ATOM   172  C CA  . LYS A 1 24  ? 2.399   14.585  -0.349  1.00 49.37 ? 35  LYS A CA  1 
ATOM   173  C C   . LYS A 1 24  ? 3.415   15.234  -1.309  1.00 47.59 ? 35  LYS A C   1 
ATOM   174  O O   . LYS A 1 24  ? 4.375   15.860  -0.881  1.00 46.13 ? 35  LYS A O   1 
ATOM   175  C CB  . LYS A 1 24  ? 1.435   15.614  0.244   1.00 52.90 ? 35  LYS A CB  1 
ATOM   176  C CG  . LYS A 1 24  ? 0.921   16.691  -0.708  1.00 56.31 ? 35  LYS A CG  1 
ATOM   177  C CD  . LYS A 1 24  ? -0.420  16.339  -1.407  1.00 58.47 ? 35  LYS A CD  1 
ATOM   178  C CE  . LYS A 1 24  ? -1.008  17.555  -2.201  1.00 56.94 ? 35  LYS A CE  1 
ATOM   179  N NZ  . LYS A 1 24  ? -2.293  17.237  -2.938  1.00 57.51 ? 35  LYS A NZ  1 
ATOM   180  N N   . GLY A 1 25  ? 3.236   15.007  -2.608  1.00 45.79 ? 36  GLY A N   1 
ATOM   181  C CA  . GLY A 1 25  ? 4.149   15.566  -3.586  1.00 46.30 ? 36  GLY A CA  1 
ATOM   182  C C   . GLY A 1 25  ? 5.263   14.588  -3.890  1.00 46.10 ? 36  GLY A C   1 
ATOM   183  O O   . GLY A 1 25  ? 6.376   14.998  -4.240  1.00 44.02 ? 36  GLY A O   1 
ATOM   184  N N   . HIS A 1 26  ? 4.979   13.309  -3.639  1.00 44.37 ? 37  HIS A N   1 
ATOM   185  C CA  . HIS A 1 26  ? 5.896   12.195  -3.925  1.00 45.08 ? 37  HIS A CA  1 
ATOM   186  C C   . HIS A 1 26  ? 5.112   10.906  -4.104  1.00 43.44 ? 37  HIS A C   1 
ATOM   187  O O   . HIS A 1 26  ? 4.159   10.677  -3.394  1.00 45.30 ? 37  HIS A O   1 
ATOM   188  C CB  . HIS A 1 26  ? 6.919   11.998  -2.809  1.00 43.92 ? 37  HIS A CB  1 
ATOM   189  C CG  . HIS A 1 26  ? 8.041   12.980  -2.847  1.00 45.84 ? 37  HIS A CG  1 
ATOM   190  N ND1 . HIS A 1 26  ? 8.300   13.850  -1.813  1.00 45.96 ? 37  HIS A ND1 1 
ATOM   191  C CD2 . HIS A 1 26  ? 8.923   13.287  -3.830  1.00 46.76 ? 37  HIS A CD2 1 
ATOM   192  C CE1 . HIS A 1 26  ? 9.335   14.607  -2.128  1.00 47.15 ? 37  HIS A CE1 1 
ATOM   193  N NE2 . HIS A 1 26  ? 9.724   14.295  -3.353  1.00 48.21 ? 37  HIS A NE2 1 
ATOM   194  N N   . PRO A 1 27  ? 5.521   10.054  -5.045  1.00 43.02 ? 38  PRO A N   1 
ATOM   195  C CA  . PRO A 1 27  ? 4.778   8.793   -5.152  1.00 41.38 ? 38  PRO A CA  1 
ATOM   196  C C   . PRO A 1 27  ? 4.931   7.909   -3.897  1.00 39.53 ? 38  PRO A C   1 
ATOM   197  O O   . PRO A 1 27  ? 5.869   8.070   -3.087  1.00 40.30 ? 38  PRO A O   1 
ATOM   198  C CB  . PRO A 1 27  ? 5.397   8.123   -6.390  1.00 41.71 ? 38  PRO A CB  1 
ATOM   199  C CG  . PRO A 1 27  ? 6.813   8.737   -6.485  1.00 42.23 ? 38  PRO A CG  1 
ATOM   200  C CD  . PRO A 1 27  ? 6.660   10.145  -5.993  1.00 42.41 ? 38  PRO A CD  1 
ATOM   201  N N   . LEU A 1 28  ? 4.104   6.887   -3.818  1.00 36.61 ? 39  LEU A N   1 
ATOM   202  C CA  . LEU A 1 28  ? 4.009   6.121   -2.606  1.00 40.26 ? 39  LEU A CA  1 
ATOM   203  C C   . LEU A 1 28  ? 3.336   4.805   -3.046  1.00 42.69 ? 39  LEU A C   1 
ATOM   204  O O   . LEU A 1 28  ? 2.678   4.804   -4.072  1.00 41.61 ? 39  LEU A O   1 
ATOM   205  C CB  . LEU A 1 28  ? 3.062   6.913   -1.653  1.00 40.98 ? 39  LEU A CB  1 
ATOM   206  C CG  . LEU A 1 28  ? 2.734   6.281   -0.341  1.00 41.28 ? 39  LEU A CG  1 
ATOM   207  C CD1 . LEU A 1 28  ? 4.133   6.099   0.340   1.00 40.84 ? 39  LEU A CD1 1 
ATOM   208  C CD2 . LEU A 1 28  ? 1.762   7.097   0.515   1.00 36.77 ? 39  LEU A CD2 1 
ATOM   209  N N   . LEU A 1 29  ? 3.665   3.682   -2.412  1.00 43.32 ? 40  LEU A N   1 
ATOM   210  C CA  . LEU A 1 29  ? 2.951   2.404   -2.619  1.00 42.87 ? 40  LEU A CA  1 
ATOM   211  C C   . LEU A 1 29  ? 2.327   2.045   -1.305  1.00 43.77 ? 40  LEU A C   1 
ATOM   212  O O   . LEU A 1 29  ? 3.030   1.970   -0.281  1.00 41.60 ? 40  LEU A O   1 
ATOM   213  C CB  . LEU A 1 29  ? 3.899   1.239   -2.938  1.00 41.66 ? 40  LEU A CB  1 
ATOM   214  C CG  . LEU A 1 29  ? 4.025   0.667   -4.339  1.00 43.04 ? 40  LEU A CG  1 
ATOM   215  C CD1 . LEU A 1 29  ? 5.074   -0.405  -4.287  1.00 42.82 ? 40  LEU A CD1 1 
ATOM   216  C CD2 . LEU A 1 29  ? 2.755   0.106   -4.817  1.00 40.72 ? 40  LEU A CD2 1 
ATOM   217  N N   . ILE A 1 30  ? 1.104   1.567   -1.380  1.00 43.35 ? 41  ILE A N   1 
ATOM   218  C CA  . ILE A 1 30  ? 0.391   1.150   -0.199  1.00 45.21 ? 41  ILE A CA  1 
ATOM   219  C C   . ILE A 1 30  ? -0.033  -0.304  -0.318  1.00 43.43 ? 41  ILE A C   1 
ATOM   220  O O   . ILE A 1 30  ? -0.856  -0.665  -1.189  1.00 41.40 ? 41  ILE A O   1 
ATOM   221  C CB  . ILE A 1 30  ? -0.883  2.015   -0.005  1.00 46.84 ? 41  ILE A CB  1 
ATOM   222  C CG1 . ILE A 1 30  ? -0.499  3.520   0.024   1.00 45.12 ? 41  ILE A CG1 1 
ATOM   223  C CG2 . ILE A 1 30  ? -1.631  1.512   1.223   1.00 49.28 ? 41  ILE A CG2 1 
ATOM   224  C CD1 . ILE A 1 30  ? -1.681  4.522   0.388   1.00 43.08 ? 41  ILE A CD1 1 
ATOM   225  N N   . TYR A 1 31  ? 0.439   -1.107  0.636   1.00 43.70 ? 42  TYR A N   1 
ATOM   226  C CA  . TYR A 1 31  ? 0.150   -2.544  0.687   1.00 41.34 ? 42  TYR A CA  1 
ATOM   227  C C   . TYR A 1 31  ? -0.693  -2.948  1.889   1.00 44.17 ? 42  TYR A C   1 
ATOM   228  O O   . TYR A 1 31  ? -0.540  -2.373  2.977   1.00 43.13 ? 42  TYR A O   1 
ATOM   229  C CB  . TYR A 1 31  ? 1.444   -3.362  0.793   1.00 39.72 ? 42  TYR A CB  1 
ATOM   230  C CG  . TYR A 1 31  ? 2.394   -3.421  -0.401  1.00 39.32 ? 42  TYR A CG  1 
ATOM   231  C CD1 . TYR A 1 31  ? 2.381   -4.495  -1.253  1.00 37.83 ? 42  TYR A CD1 1 
ATOM   232  C CD2 . TYR A 1 31  ? 3.420   -2.486  -0.550  1.00 39.38 ? 42  TYR A CD2 1 
ATOM   233  C CE1 . TYR A 1 31  ? 3.363   -4.652  -2.204  1.00 38.17 ? 42  TYR A CE1 1 
ATOM   234  C CE2 . TYR A 1 31  ? 4.394   -2.627  -1.524  1.00 38.88 ? 42  TYR A CE2 1 
ATOM   235  C CZ  . TYR A 1 31  ? 4.359   -3.705  -2.353  1.00 38.06 ? 42  TYR A CZ  1 
ATOM   236  O OH  . TYR A 1 31  ? 5.237   -3.805  -3.406  1.00 35.00 ? 42  TYR A OH  1 
ATOM   237  N N   . ASN A 1 32  ? -1.543  -3.972  1.665   1.00 45.05 ? 43  ASN A N   1 
ATOM   238  C CA  . ASN A 1 32  ? -2.212  -4.743  2.717   1.00 42.48 ? 43  ASN A CA  1 
ATOM   239  C C   . ASN A 1 32  ? -1.418  -6.013  2.946   1.00 41.49 ? 43  ASN A C   1 
ATOM   240  O O   . ASN A 1 32  ? -1.017  -6.709  2.009   1.00 42.07 ? 43  ASN A O   1 
ATOM   241  C CB  . ASN A 1 32  ? -3.695  -5.067  2.431   1.00 42.57 ? 43  ASN A CB  1 
ATOM   242  C CG  . ASN A 1 32  ? -3.900  -5.960  1.228   1.00 41.21 ? 43  ASN A CG  1 
ATOM   243  O OD1 . ASN A 1 32  ? -3.731  -5.502  0.110   1.00 40.81 ? 43  ASN A OD1 1 
ATOM   244  N ND2 . ASN A 1 32  ? -4.419  -7.198  1.449   1.00 39.40 ? 43  ASN A ND2 1 
ATOM   245  N N   . VAL A 1 33  ? -1.168  -6.313  4.210   1.00 42.72 ? 44  VAL A N   1 
ATOM   246  C CA  . VAL A 1 33  ? -0.271  -7.382  4.540   1.00 44.15 ? 44  VAL A CA  1 
ATOM   247  C C   . VAL A 1 33  ? -0.964  -8.033  5.687   1.00 48.96 ? 44  VAL A C   1 
ATOM   248  O O   . VAL A 1 33  ? -1.852  -7.422  6.288   1.00 52.09 ? 44  VAL A O   1 
ATOM   249  C CB  . VAL A 1 33  ? 1.124   -6.812  5.008   1.00 42.31 ? 44  VAL A CB  1 
ATOM   250  C CG1 . VAL A 1 33  ? 1.754   -5.993  3.896   1.00 40.18 ? 44  VAL A CG1 1 
ATOM   251  C CG2 . VAL A 1 33  ? 0.963   -5.927  6.226   1.00 42.72 ? 44  VAL A CG2 1 
ATOM   252  N N   . ALA A 1 34  ? -0.723  -9.323  5.854   1.00 51.21 ? 45  ALA A N   1 
ATOM   253  C CA  . ALA A 1 34  ? -1.245  -10.043 6.978   1.00 52.73 ? 45  ALA A CA  1 
ATOM   254  C C   . ALA A 1 34  ? -0.542  -9.568  8.241   1.00 55.25 ? 45  ALA A C   1 
ATOM   255  O O   . ALA A 1 34  ? 0.671   -9.347  8.259   1.00 56.29 ? 45  ALA A O   1 
ATOM   256  C CB  . ALA A 1 34  ? -1.040  -11.516 6.777   1.00 53.61 ? 45  ALA A CB  1 
ATOM   257  N N   . SER A 1 35  ? -1.321  -9.434  9.303   1.00 59.00 ? 46  SER A N   1 
ATOM   258  C CA  . SER A 1 35  ? -0.829  -8.987  10.584  1.00 62.26 ? 46  SER A CA  1 
ATOM   259  C C   . SER A 1 35  ? -0.005  -10.074 11.273  1.00 64.75 ? 46  SER A C   1 
ATOM   260  O O   . SER A 1 35  ? 0.990   -9.758  11.933  1.00 66.32 ? 46  SER A O   1 
ATOM   261  C CB  . SER A 1 35  ? -2.012  -8.555  11.467  1.00 62.47 ? 46  SER A CB  1 
ATOM   262  O OG  . SER A 1 35  ? -2.970  -9.604  11.610  1.00 62.38 ? 46  SER A OG  1 
ATOM   263  N N   . ARG A 1 36  ? -0.310  -11.344 10.992  1.00 67.17 ? 47  ARG A N   1 
ATOM   264  C CA  . ARG A 1 36  ? 0.322   -12.476 11.728  1.00 70.38 ? 47  ARG A CA  1 
ATOM   265  C C   . ARG A 1 36  ? 1.504   -13.257 11.090  1.00 71.78 ? 47  ARG A C   1 
ATOM   266  O O   . ARG A 1 36  ? 2.653   -13.121 11.540  1.00 72.60 ? 47  ARG A O   1 
ATOM   267  C CB  . ARG A 1 36  ? -0.751  -13.417 12.314  1.00 70.34 ? 47  ARG A CB  1 
ATOM   268  C CG  . ARG A 1 36  ? -1.280  -12.918 13.649  1.00 70.55 ? 47  ARG A CG  1 
ATOM   269  C CD  . ARG A 1 36  ? -0.073  -12.596 14.514  1.00 71.62 ? 47  ARG A CD  1 
ATOM   270  N NE  . ARG A 1 36  ? -0.393  -12.242 15.890  1.00 72.94 ? 47  ARG A NE  1 
ATOM   271  C CZ  . ARG A 1 36  ? 0.503   -12.228 16.880  1.00 74.17 ? 47  ARG A CZ  1 
ATOM   272  N NH1 . ARG A 1 36  ? 1.758   -12.609 16.645  1.00 74.04 ? 47  ARG A NH1 1 
ATOM   273  N NH2 . ARG A 1 36  ? 0.135   -11.905 18.118  1.00 74.87 ? 47  ARG A NH2 1 
ATOM   274  N N   . CYS A 1 37  ? 1.190   -14.233 10.236  1.00 72.80 ? 48  CYS A N   1 
ATOM   275  C CA  . CYS A 1 37  ? 2.216   -14.960 9.474   1.00 73.48 ? 48  CYS A CA  1 
ATOM   276  C C   . CYS A 1 37  ? 2.151   -14.301 8.090   1.00 75.42 ? 48  CYS A C   1 
ATOM   277  O O   . CYS A 1 37  ? 1.183   -13.582 7.803   1.00 76.85 ? 48  CYS A O   1 
ATOM   278  C CB  . CYS A 1 37  ? 1.901   -16.458 9.386   1.00 73.16 ? 48  CYS A CB  1 
ATOM   279  S SG  . CYS A 1 37  ? 1.813   -17.420 10.982  1.00 72.77 ? 48  CYS A SG  1 
ATOM   280  N N   . GLY A 1 38  ? 3.201   -14.398 7.274   1.00 75.74 ? 49  GLY A N   1 
ATOM   281  C CA  . GLY A 1 38  ? 3.147   -13.673 6.007   1.00 74.97 ? 49  GLY A CA  1 
ATOM   282  C C   . GLY A 1 38  ? 4.158   -13.946 4.918   1.00 74.48 ? 49  GLY A C   1 
ATOM   283  O O   . GLY A 1 38  ? 4.814   -12.998 4.455   1.00 75.53 ? 49  GLY A O   1 
ATOM   284  N N   . TYR A 1 39  ? 4.097   -15.148 4.340   1.00 73.08 ? 50  TYR A N   1 
ATOM   285  C CA  . TYR A 1 39  ? 5.035   -15.569 3.289   1.00 73.51 ? 50  TYR A CA  1 
ATOM   286  C C   . TYR A 1 39  ? 6.051   -14.446 3.039   1.00 74.30 ? 50  TYR A C   1 
ATOM   287  O O   . TYR A 1 39  ? 5.818   -13.577 2.170   1.00 77.06 ? 50  TYR A O   1 
ATOM   288  C CB  . TYR A 1 39  ? 4.308   -15.916 1.970   1.00 73.21 ? 50  TYR A CB  1 
ATOM   289  C CG  . TYR A 1 39  ? 3.106   -16.868 2.071   1.00 73.59 ? 50  TYR A CG  1 
ATOM   290  C CD1 . TYR A 1 39  ? 1.855   -16.510 1.542   1.00 73.57 ? 50  TYR A CD1 1 
ATOM   291  C CD2 . TYR A 1 39  ? 3.224   -18.122 2.680   1.00 73.67 ? 50  TYR A CD2 1 
ATOM   292  C CE1 . TYR A 1 39  ? 0.765   -17.360 1.623   1.00 73.26 ? 50  TYR A CE1 1 
ATOM   293  C CE2 . TYR A 1 39  ? 2.136   -18.977 2.780   1.00 73.41 ? 50  TYR A CE2 1 
ATOM   294  C CZ  . TYR A 1 39  ? 0.908   -18.600 2.242   1.00 73.87 ? 50  TYR A CZ  1 
ATOM   295  O OH  . TYR A 1 39  ? -0.170  -19.470 2.335   1.00 73.21 ? 50  TYR A OH  1 
ATOM   296  N N   . THR A 1 40  ? 7.155   -14.419 3.800   1.00 71.10 ? 51  THR A N   1 
ATOM   297  C CA  . THR A 1 40  ? 8.087   -13.284 3.655   1.00 67.48 ? 51  THR A CA  1 
ATOM   298  C C   . THR A 1 40  ? 8.967   -13.402 2.408   1.00 65.21 ? 51  THR A C   1 
ATOM   299  O O   . THR A 1 40  ? 10.041  -12.804 2.341   1.00 66.41 ? 51  THR A O   1 
ATOM   300  C CB  . THR A 1 40  ? 8.925   -12.956 4.929   1.00 66.69 ? 51  THR A CB  1 
ATOM   301  O OG1 . THR A 1 40  ? 9.809   -14.036 5.216   1.00 68.10 ? 51  THR A OG1 1 
ATOM   302  C CG2 . THR A 1 40  ? 8.035   -12.681 6.143   1.00 66.01 ? 51  THR A CG2 1 
ATOM   303  N N   . LYS A 1 41  ? 8.502   -14.192 1.440   1.00 61.31 ? 52  LYS A N   1 
ATOM   304  C CA  . LYS A 1 41  ? 9.090   -14.278 0.103   1.00 57.01 ? 52  LYS A CA  1 
ATOM   305  C C   . LYS A 1 41  ? 8.045   -13.626 -0.790  1.00 54.10 ? 52  LYS A C   1 
ATOM   306  O O   . LYS A 1 41  ? 6.898   -13.483 -0.367  1.00 53.02 ? 52  LYS A O   1 
ATOM   307  C CB  . LYS A 1 41  ? 9.310   -15.735 -0.297  1.00 56.87 ? 52  LYS A CB  1 
ATOM   308  N N   . GLY A 1 42  ? 8.444   -13.142 -1.966  1.00 53.14 ? 53  GLY A N   1 
ATOM   309  C CA  . GLY A 1 42  ? 7.512   -12.503 -2.917  1.00 50.02 ? 53  GLY A CA  1 
ATOM   310  C C   . GLY A 1 42  ? 7.154   -11.042 -2.615  1.00 49.46 ? 53  GLY A C   1 
ATOM   311  O O   . GLY A 1 42  ? 8.022   -10.210 -2.449  1.00 51.53 ? 53  GLY A O   1 
ATOM   312  N N   . GLY A 1 43  ? 5.867   -10.720 -2.583  1.00 47.70 ? 54  GLY A N   1 
ATOM   313  C CA  . GLY A 1 43  ? 5.398   -9.362  -2.276  1.00 46.16 ? 54  GLY A CA  1 
ATOM   314  C C   . GLY A 1 43  ? 6.251   -8.576  -1.282  1.00 43.90 ? 54  GLY A C   1 
ATOM   315  O O   . GLY A 1 43  ? 6.459   -7.355  -1.453  1.00 41.74 ? 54  GLY A O   1 
ATOM   316  N N   . TYR A 1 44  ? 6.761   -9.281  -0.274  1.00 41.51 ? 55  TYR A N   1 
ATOM   317  C CA  . TYR A 1 44  ? 7.518   -8.678  0.826   1.00 43.05 ? 55  TYR A CA  1 
ATOM   318  C C   . TYR A 1 44  ? 8.919   -8.189  0.367   1.00 42.29 ? 55  TYR A C   1 
ATOM   319  O O   . TYR A 1 44  ? 9.470   -7.197  0.879   1.00 39.48 ? 55  TYR A O   1 
ATOM   320  C CB  . TYR A 1 44  ? 7.646   -9.662  1.989   1.00 43.97 ? 55  TYR A CB  1 
ATOM   321  C CG  . TYR A 1 44  ? 8.394   -9.129  3.177   1.00 44.78 ? 55  TYR A CG  1 
ATOM   322  C CD1 . TYR A 1 44  ? 7.745   -8.366  4.137   1.00 47.71 ? 55  TYR A CD1 1 
ATOM   323  C CD2 . TYR A 1 44  ? 9.754   -9.350  3.326   1.00 45.44 ? 55  TYR A CD2 1 
ATOM   324  C CE1 . TYR A 1 44  ? 8.433   -7.844  5.226   1.00 46.91 ? 55  TYR A CE1 1 
ATOM   325  C CE2 . TYR A 1 44  ? 10.467  -8.791  4.392   1.00 45.89 ? 55  TYR A CE2 1 
ATOM   326  C CZ  . TYR A 1 44  ? 9.794   -8.066  5.350   1.00 46.60 ? 55  TYR A CZ  1 
ATOM   327  O OH  . TYR A 1 44  ? 10.438  -7.664  6.510   1.00 45.99 ? 55  TYR A OH  1 
ATOM   328  N N   . GLU A 1 45  ? 9.514   -8.977  -0.515  1.00 40.38 ? 56  GLU A N   1 
ATOM   329  C CA  . GLU A 1 45  ? 10.776  -8.687  -1.101  1.00 40.29 ? 56  GLU A CA  1 
ATOM   330  C C   . GLU A 1 45  ? 10.664  -7.632  -2.207  1.00 40.42 ? 56  GLU A C   1 
ATOM   331  O O   . GLU A 1 45  ? 11.656  -6.988  -2.509  1.00 42.12 ? 56  GLU A O   1 
ATOM   332  C CB  . GLU A 1 45  ? 11.384  -9.983  -1.631  1.00 41.53 ? 56  GLU A CB  1 
ATOM   333  C CG  . GLU A 1 45  ? 11.813  -10.935 -0.510  1.00 43.53 ? 56  GLU A CG  1 
ATOM   334  C CD  . GLU A 1 45  ? 12.240  -12.309 -1.025  1.00 44.54 ? 56  GLU A CD  1 
ATOM   335  O OE1 . GLU A 1 45  ? 11.719  -12.773 -2.084  1.00 45.50 ? 56  GLU A OE1 1 
ATOM   336  O OE2 . GLU A 1 45  ? 13.127  -12.921 -0.376  1.00 47.17 ? 56  GLU A OE2 1 
ATOM   337  N N   . THR A 1 46  ? 9.547   -7.600  -2.937  1.00 39.43 ? 57  THR A N   1 
ATOM   338  C CA  . THR A 1 46  ? 9.293   -6.514  -3.897  1.00 40.25 ? 57  THR A CA  1 
ATOM   339  C C   . THR A 1 46  ? 9.125   -5.197  -3.144  1.00 38.52 ? 57  THR A C   1 
ATOM   340  O O   . THR A 1 46  ? 9.779   -4.229  -3.496  1.00 40.19 ? 57  THR A O   1 
ATOM   341  C CB  . THR A 1 46  ? 8.043   -6.752  -4.799  1.00 39.86 ? 57  THR A CB  1 
ATOM   342  O OG1 . THR A 1 46  ? 8.194   -8.009  -5.442  1.00 41.94 ? 57  THR A OG1 1 
ATOM   343  C CG2 . THR A 1 46  ? 7.920   -5.695  -5.894  1.00 37.84 ? 57  THR A CG2 1 
ATOM   344  N N   . ALA A 1 47  ? 8.288   -5.197  -2.100  1.00 35.87 ? 58  ALA A N   1 
ATOM   345  C CA  . ALA A 1 47  ? 8.045   -4.044  -1.240  1.00 35.43 ? 58  ALA A CA  1 
ATOM   346  C C   . ALA A 1 47  ? 9.349   -3.432  -0.678  1.00 37.51 ? 58  ALA A C   1 
ATOM   347  O O   . ALA A 1 47  ? 9.598   -2.231  -0.835  1.00 38.71 ? 58  ALA A O   1 
ATOM   348  C CB  . ALA A 1 47  ? 7.158   -4.430  -0.135  1.00 32.65 ? 58  ALA A CB  1 
ATOM   349  N N   . THR A 1 48  ? 10.137  -4.266  -0.005  1.00 37.07 ? 59  THR A N   1 
ATOM   350  C CA  . THR A 1 48  ? 11.464  -3.958  0.514   1.00 37.65 ? 59  THR A CA  1 
ATOM   351  C C   . THR A 1 48  ? 12.469  -3.516  -0.572  1.00 39.20 ? 59  THR A C   1 
ATOM   352  O O   . THR A 1 48  ? 13.261  -2.613  -0.347  1.00 39.51 ? 59  THR A O   1 
ATOM   353  C CB  . THR A 1 48  ? 11.970  -5.208  1.224   1.00 38.86 ? 59  THR A CB  1 
ATOM   354  O OG1 . THR A 1 48  ? 11.032  -5.554  2.246   1.00 41.37 ? 59  THR A OG1 1 
ATOM   355  C CG2 . THR A 1 48  ? 13.367  -5.007  1.859   1.00 41.01 ? 59  THR A CG2 1 
ATOM   356  N N   . THR A 1 49  ? 12.504  -4.205  -1.716  1.00 38.62 ? 60  THR A N   1 
ATOM   357  C CA  . THR A 1 49  ? 13.354  -3.771  -2.813  1.00 38.12 ? 60  THR A CA  1 
ATOM   358  C C   . THR A 1 49  ? 12.977  -2.350  -3.265  1.00 38.56 ? 60  THR A C   1 
ATOM   359  O O   . THR A 1 49  ? 13.805  -1.444  -3.197  1.00 37.20 ? 60  THR A O   1 
ATOM   360  C CB  . THR A 1 49  ? 13.333  -4.736  -4.021  1.00 36.91 ? 60  THR A CB  1 
ATOM   361  O OG1 . THR A 1 49  ? 13.774  -6.028  -3.594  1.00 37.21 ? 60  THR A OG1 1 
ATOM   362  C CG2 . THR A 1 49  ? 14.297  -4.238  -5.139  1.00 35.66 ? 60  THR A CG2 1 
ATOM   363  N N   . LEU A 1 50  ? 11.713  -2.142  -3.630  1.00 37.59 ? 61  LEU A N   1 
ATOM   364  C CA  . LEU A 1 50  ? 11.300  -0.835  -4.081  1.00 39.63 ? 61  LEU A CA  1 
ATOM   365  C C   . LEU A 1 50  ? 11.527  0.255   -3.058  1.00 39.99 ? 61  LEU A C   1 
ATOM   366  O O   . LEU A 1 50  ? 11.774  1.373   -3.426  1.00 41.90 ? 61  LEU A O   1 
ATOM   367  C CB  . LEU A 1 50  ? 9.834   -0.838  -4.520  1.00 40.03 ? 61  LEU A CB  1 
ATOM   368  C CG  . LEU A 1 50  ? 9.624   -1.620  -5.804  1.00 37.91 ? 61  LEU A CG  1 
ATOM   369  C CD1 . LEU A 1 50  ? 8.158   -1.983  -5.903  1.00 36.64 ? 61  LEU A CD1 1 
ATOM   370  C CD2 . LEU A 1 50  ? 10.135  -0.789  -6.993  1.00 36.16 ? 61  LEU A CD2 1 
ATOM   371  N N   . TYR A 1 51  ? 11.313  -0.045  -1.789  1.00 43.04 ? 62  TYR A N   1 
ATOM   372  C CA  . TYR A 1 51  ? 11.467  0.907   -0.705  1.00 41.73 ? 62  TYR A CA  1 
ATOM   373  C C   . TYR A 1 51  ? 12.936  1.313   -0.567  1.00 43.76 ? 62  TYR A C   1 
ATOM   374  O O   . TYR A 1 51  ? 13.265  2.479   -0.330  1.00 44.38 ? 62  TYR A O   1 
ATOM   375  C CB  . TYR A 1 51  ? 10.925  0.300   0.587   1.00 41.12 ? 62  TYR A CB  1 
ATOM   376  C CG  . TYR A 1 51  ? 11.121  1.178   1.798   1.00 41.79 ? 62  TYR A CG  1 
ATOM   377  C CD1 . TYR A 1 51  ? 10.370  2.351   1.968   1.00 43.18 ? 62  TYR A CD1 1 
ATOM   378  C CD2 . TYR A 1 51  ? 12.062  0.854   2.776   1.00 40.84 ? 62  TYR A CD2 1 
ATOM   379  C CE1 . TYR A 1 51  ? 10.613  3.240   3.058   1.00 40.75 ? 62  TYR A CE1 1 
ATOM   380  C CE2 . TYR A 1 51  ? 12.292  1.701   3.854   1.00 41.47 ? 62  TYR A CE2 1 
ATOM   381  C CZ  . TYR A 1 51  ? 11.519  2.877   3.999   1.00 41.81 ? 62  TYR A CZ  1 
ATOM   382  O OH  . TYR A 1 51  ? 11.732  3.694   5.076   1.00 43.29 ? 62  TYR A OH  1 
ATOM   383  N N   . ASN A 1 52  ? 13.839  0.352   -0.742  1.00 45.81 ? 63  ASN A N   1 
ATOM   384  C CA  . ASN A 1 52  ? 15.264  0.641   -0.692  1.00 43.70 ? 63  ASN A CA  1 
ATOM   385  C C   . ASN A 1 52  ? 15.826  1.275   -1.988  1.00 42.19 ? 63  ASN A C   1 
ATOM   386  O O   . ASN A 1 52  ? 16.721  2.133   -1.926  1.00 40.40 ? 63  ASN A O   1 
ATOM   387  C CB  . ASN A 1 52  ? 16.070  -0.595  -0.231  1.00 46.12 ? 63  ASN A CB  1 
ATOM   388  C CG  . ASN A 1 52  ? 15.884  -0.896  1.264   1.00 48.26 ? 63  ASN A CG  1 
ATOM   389  O OD1 . ASN A 1 52  ? 16.297  -0.113  2.120   1.00 49.88 ? 63  ASN A OD1 1 
ATOM   390  N ND2 . ASN A 1 52  ? 15.252  -2.023  1.577   1.00 47.33 ? 63  ASN A ND2 1 
ATOM   391  N N   . LYS A 1 53  ? 15.308  0.886   -3.150  1.00 40.10 ? 64  LYS A N   1 
ATOM   392  C CA  . LYS A 1 53  ? 15.853  1.416   -4.405  1.00 42.01 ? 64  LYS A CA  1 
ATOM   393  C C   . LYS A 1 53  ? 15.452  2.889   -4.560  1.00 42.63 ? 64  LYS A C   1 
ATOM   394  O O   . LYS A 1 53  ? 16.259  3.727   -4.994  1.00 40.83 ? 64  LYS A O   1 
ATOM   395  C CB  . LYS A 1 53  ? 15.358  0.622   -5.630  1.00 42.15 ? 64  LYS A CB  1 
ATOM   396  C CG  . LYS A 1 53  ? 16.157  -0.603  -6.039  1.00 43.18 ? 64  LYS A CG  1 
ATOM   397  C CD  . LYS A 1 53  ? 16.955  -0.392  -7.319  1.00 46.60 ? 64  LYS A CD  1 
ATOM   398  C CE  . LYS A 1 53  ? 16.062  -0.333  -8.571  1.00 47.62 ? 64  LYS A CE  1 
ATOM   399  N NZ  . LYS A 1 53  ? 15.829  -1.655  -9.249  1.00 48.78 ? 64  LYS A NZ  1 
ATOM   400  N N   . TYR A 1 54  ? 14.276  3.220   -4.039  1.00 41.53 ? 65  TYR A N   1 
ATOM   401  C CA  . TYR A 1 54  ? 13.666  4.480   -4.363  1.00 41.80 ? 65  TYR A CA  1 
ATOM   402  C C   . TYR A 1 54  ? 13.347  5.465   -3.242  1.00 44.13 ? 65  TYR A C   1 
ATOM   403  O O   . TYR A 1 54  ? 12.990  6.618   -3.539  1.00 44.01 ? 65  TYR A O   1 
ATOM   404  C CB  . TYR A 1 54  ? 12.404  4.197   -5.188  1.00 41.58 ? 65  TYR A CB  1 
ATOM   405  C CG  . TYR A 1 54  ? 12.747  3.556   -6.514  1.00 42.53 ? 65  TYR A CG  1 
ATOM   406  C CD1 . TYR A 1 54  ? 13.467  4.275   -7.471  1.00 43.37 ? 65  TYR A CD1 1 
ATOM   407  C CD2 . TYR A 1 54  ? 12.540  2.195   -6.741  1.00 41.73 ? 65  TYR A CD2 1 
ATOM   408  C CE1 . TYR A 1 54  ? 13.897  3.683   -8.647  1.00 42.61 ? 65  TYR A CE1 1 
ATOM   409  C CE2 . TYR A 1 54  ? 12.944  1.600   -7.930  1.00 40.44 ? 65  TYR A CE2 1 
ATOM   410  C CZ  . TYR A 1 54  ? 13.603  2.356   -8.883  1.00 41.62 ? 65  TYR A CZ  1 
ATOM   411  O OH  . TYR A 1 54  ? 14.008  1.809   -10.072 1.00 41.19 ? 65  TYR A OH  1 
ATOM   412  N N   . LYS A 1 55  ? 13.533  5.079   -1.978  1.00 45.23 ? 66  LYS A N   1 
ATOM   413  C CA  . LYS A 1 55  ? 13.115  5.981   -0.890  1.00 45.15 ? 66  LYS A CA  1 
ATOM   414  C C   . LYS A 1 55  ? 13.842  7.314   -0.945  1.00 45.01 ? 66  LYS A C   1 
ATOM   415  O O   . LYS A 1 55  ? 13.223  8.367   -0.768  1.00 44.04 ? 66  LYS A O   1 
ATOM   416  C CB  . LYS A 1 55  ? 13.262  5.340   0.489   1.00 45.85 ? 66  LYS A CB  1 
ATOM   417  C CG  . LYS A 1 55  ? 14.658  4.896   0.830   1.00 45.38 ? 66  LYS A CG  1 
ATOM   418  C CD  . LYS A 1 55  ? 14.607  3.847   1.927   1.00 45.81 ? 66  LYS A CD  1 
ATOM   419  C CE  . LYS A 1 55  ? 14.688  4.473   3.297   1.00 46.90 ? 66  LYS A CE  1 
ATOM   420  N NZ  . LYS A 1 55  ? 16.008  5.111   3.445   1.00 47.69 ? 66  LYS A NZ  1 
ATOM   421  N N   . GLY A 1 56  ? 15.139  7.246   -1.232  1.00 44.85 ? 67  GLY A N   1 
ATOM   422  C CA  . GLY A 1 56  ? 16.019  8.415   -1.355  1.00 45.89 ? 67  GLY A CA  1 
ATOM   423  C C   . GLY A 1 56  ? 15.462  9.604   -2.131  1.00 46.74 ? 67  GLY A C   1 
ATOM   424  O O   . GLY A 1 56  ? 15.846  10.743  -1.886  1.00 47.64 ? 67  GLY A O   1 
ATOM   425  N N   . GLN A 1 57  ? 14.532  9.346   -3.044  1.00 46.91 ? 68  GLN A N   1 
ATOM   426  C CA  . GLN A 1 57  ? 13.932  10.380  -3.883  1.00 46.36 ? 68  GLN A CA  1 
ATOM   427  C C   . GLN A 1 57  ? 12.485  10.722  -3.543  1.00 48.58 ? 68  GLN A C   1 
ATOM   428  O O   . GLN A 1 57  ? 11.737  11.199  -4.404  1.00 50.07 ? 68  GLN A O   1 
ATOM   429  C CB  . GLN A 1 57  ? 14.092  10.010  -5.361  1.00 45.89 ? 68  GLN A CB  1 
ATOM   430  C CG  . GLN A 1 57  ? 14.797  8.663   -5.518  1.00 44.54 ? 68  GLN A CG  1 
ATOM   431  C CD  . GLN A 1 57  ? 15.315  8.446   -6.918  1.00 44.96 ? 68  GLN A CD  1 
ATOM   432  O OE1 . GLN A 1 57  ? 15.009  9.197   -7.836  1.00 45.26 ? 68  GLN A OE1 1 
ATOM   433  N NE2 . GLN A 1 57  ? 16.099  7.382   -7.095  1.00 44.68 ? 68  GLN A NE2 1 
ATOM   434  N N   . GLY A 1 58  ? 12.106  10.471  -2.286  1.00 48.93 ? 69  GLY A N   1 
ATOM   435  C CA  . GLY A 1 58  ? 10.806  10.859  -1.757  1.00 48.11 ? 69  GLY A CA  1 
ATOM   436  C C   . GLY A 1 58  ? 9.815   9.727   -1.609  1.00 48.68 ? 69  GLY A C   1 
ATOM   437  O O   . GLY A 1 58  ? 8.802   9.865   -0.904  1.00 50.79 ? 69  GLY A O   1 
ATOM   438  N N   . PHE A 1 59  ? 10.146  8.576   -2.194  1.00 46.67 ? 70  PHE A N   1 
ATOM   439  C CA  . PHE A 1 59  ? 9.241   7.419   -2.193  1.00 43.93 ? 70  PHE A CA  1 
ATOM   440  C C   . PHE A 1 59  ? 9.137   6.650   -0.860  1.00 43.39 ? 70  PHE A C   1 
ATOM   441  O O   . PHE A 1 59  ? 10.038  6.695   -0.037  1.00 39.56 ? 70  PHE A O   1 
ATOM   442  C CB  . PHE A 1 59  ? 9.646   6.494   -3.332  1.00 40.57 ? 70  PHE A CB  1 
ATOM   443  C CG  . PHE A 1 59  ? 8.848   5.232   -3.413  1.00 38.58 ? 70  PHE A CG  1 
ATOM   444  C CD1 . PHE A 1 59  ? 7.617   5.215   -4.095  1.00 37.59 ? 70  PHE A CD1 1 
ATOM   445  C CD2 . PHE A 1 59  ? 9.421   4.027   -2.996  1.00 36.15 ? 70  PHE A CD2 1 
ATOM   446  C CE1 . PHE A 1 59  ? 6.932   4.014   -4.295  1.00 37.74 ? 70  PHE A CE1 1 
ATOM   447  C CE2 . PHE A 1 59  ? 8.765   2.830   -3.168  1.00 36.31 ? 70  PHE A CE2 1 
ATOM   448  C CZ  . PHE A 1 59  ? 7.501   2.812   -3.766  1.00 39.12 ? 70  PHE A CZ  1 
ATOM   449  N N   . THR A 1 60  ? 7.952   6.119   -0.558  1.00 44.86 ? 71  THR A N   1 
ATOM   450  C CA  . THR A 1 60  ? 7.821   5.271   0.622   1.00 45.23 ? 71  THR A CA  1 
ATOM   451  C C   . THR A 1 60  ? 6.854   4.163   0.324   1.00 45.67 ? 71  THR A C   1 
ATOM   452  O O   . THR A 1 60  ? 6.149   4.187   -0.705  1.00 47.14 ? 71  THR A O   1 
ATOM   453  C CB  . THR A 1 60  ? 7.334   6.031   1.894   1.00 47.37 ? 71  THR A CB  1 
ATOM   454  O OG1 . THR A 1 60  ? 7.727   5.310   3.074   1.00 46.60 ? 71  THR A OG1 1 
ATOM   455  C CG2 . THR A 1 60  ? 5.782   6.276   1.898   1.00 42.21 ? 71  THR A CG2 1 
ATOM   456  N N   . VAL A 1 61  ? 6.921   3.122   1.144   1.00 44.22 ? 72  VAL A N   1 
ATOM   457  C CA  . VAL A 1 61  ? 5.894   2.124   1.140   1.00 40.55 ? 72  VAL A CA  1 
ATOM   458  C C   . VAL A 1 61  ? 5.201   2.061   2.470   1.00 40.24 ? 72  VAL A C   1 
ATOM   459  O O   . VAL A 1 61  ? 5.814   2.215   3.517   1.00 40.29 ? 72  VAL A O   1 
ATOM   460  C CB  . VAL A 1 61  ? 6.307   0.722   0.550   1.00 43.66 ? 72  VAL A CB  1 
ATOM   461  C CG1 . VAL A 1 61  ? 7.743   0.641   0.138   1.00 44.36 ? 72  VAL A CG1 1 
ATOM   462  C CG2 . VAL A 1 61  ? 5.770   -0.482  1.384   1.00 38.16 ? 72  VAL A CG2 1 
ATOM   463  N N   . LEU A 1 62  ? 3.883   1.987   2.400   1.00 41.70 ? 73  LEU A N   1 
ATOM   464  C CA  . LEU A 1 62  ? 3.038   1.939   3.572   1.00 43.47 ? 73  LEU A CA  1 
ATOM   465  C C   . LEU A 1 62  ? 2.357   0.571   3.638   1.00 44.78 ? 73  LEU A C   1 
ATOM   466  O O   . LEU A 1 62  ? 1.830   0.142   2.645   1.00 40.29 ? 73  LEU A O   1 
ATOM   467  C CB  . LEU A 1 62  ? 1.968   3.035   3.441   1.00 43.92 ? 73  LEU A CB  1 
ATOM   468  C CG  . LEU A 1 62  ? 2.115   4.423   4.106   1.00 44.21 ? 73  LEU A CG  1 
ATOM   469  C CD1 . LEU A 1 62  ? 3.517   4.887   4.355   1.00 40.15 ? 73  LEU A CD1 1 
ATOM   470  C CD2 . LEU A 1 62  ? 1.240   5.515   3.577   1.00 42.73 ? 73  LEU A CD2 1 
ATOM   471  N N   . ALA A 1 63  ? 2.453   -0.133  4.782   1.00 44.98 ? 74  ALA A N   1 
ATOM   472  C CA  . ALA A 1 63  ? 1.832   -1.456  4.975   1.00 41.47 ? 74  ALA A CA  1 
ATOM   473  C C   . ALA A 1 63  ? 0.698   -1.337  5.939   1.00 43.40 ? 74  ALA A C   1 
ATOM   474  O O   . ALA A 1 63  ? 0.882   -0.843  7.068   1.00 42.24 ? 74  ALA A O   1 
ATOM   475  C CB  . ALA A 1 63  ? 2.830   -2.463  5.522   1.00 39.78 ? 74  ALA A CB  1 
ATOM   476  N N   . PHE A 1 64  ? -0.486  -1.776  5.493   1.00 44.45 ? 75  PHE A N   1 
ATOM   477  C CA  . PHE A 1 64  ? -1.678  -1.798  6.338   1.00 43.73 ? 75  PHE A CA  1 
ATOM   478  C C   . PHE A 1 64  ? -1.945  -3.245  6.716   1.00 45.64 ? 75  PHE A C   1 
ATOM   479  O O   . PHE A 1 64  ? -2.542  -3.979  5.904   1.00 47.02 ? 75  PHE A O   1 
ATOM   480  C CB  . PHE A 1 64  ? -2.916  -1.240  5.609   1.00 44.13 ? 75  PHE A CB  1 
ATOM   481  C CG  . PHE A 1 64  ? -2.977  0.270   5.542   1.00 43.49 ? 75  PHE A CG  1 
ATOM   482  C CD1 . PHE A 1 64  ? -2.344  0.955   4.518   1.00 43.04 ? 75  PHE A CD1 1 
ATOM   483  C CD2 . PHE A 1 64  ? -3.624  1.008   6.551   1.00 44.39 ? 75  PHE A CD2 1 
ATOM   484  C CE1 . PHE A 1 64  ? -2.308  2.370   4.486   1.00 41.86 ? 75  PHE A CE1 1 
ATOM   485  C CE2 . PHE A 1 64  ? -3.689  2.444   6.480   1.00 47.56 ? 75  PHE A CE2 1 
ATOM   486  C CZ  . PHE A 1 64  ? -2.986  3.121   5.460   1.00 45.14 ? 75  PHE A CZ  1 
ATOM   487  N N   . PRO A 1 65  ? -1.625  -3.627  7.985   1.00 44.67 ? 76  PRO A N   1 
ATOM   488  C CA  . PRO A 1 65  ? -1.902  -4.981  8.476   1.00 46.35 ? 76  PRO A CA  1 
ATOM   489  C C   . PRO A 1 65  ? -3.382  -5.217  8.450   1.00 46.94 ? 76  PRO A C   1 
ATOM   490  O O   . PRO A 1 65  ? -4.164  -4.336  8.772   1.00 44.37 ? 76  PRO A O   1 
ATOM   491  C CB  . PRO A 1 65  ? -1.387  -4.980  9.936   1.00 45.39 ? 76  PRO A CB  1 
ATOM   492  C CG  . PRO A 1 65  ? -0.505  -3.776  10.044  1.00 43.41 ? 76  PRO A CG  1 
ATOM   493  C CD  . PRO A 1 65  ? -1.150  -2.768  9.071   1.00 44.28 ? 76  PRO A CD  1 
ATOM   494  N N   . CYS A 1 66  ? -3.746  -6.443  8.107   1.00 52.41 ? 77  CYS A N   1 
ATOM   495  C CA  . CYS A 1 66  ? -5.119  -6.810  7.921   1.00 52.89 ? 77  CYS A CA  1 
ATOM   496  C C   . CYS A 1 66  ? -5.238  -8.316  8.080   1.00 54.31 ? 77  CYS A C   1 
ATOM   497  O O   . CYS A 1 66  ? -4.622  -9.064  7.344   1.00 54.88 ? 77  CYS A O   1 
ATOM   498  C CB  . CYS A 1 66  ? -5.517  -6.362  6.526   1.00 54.26 ? 77  CYS A CB  1 
ATOM   499  S SG  . CYS A 1 66  ? -7.129  -6.749  6.043   1.00 56.51 ? 77  CYS A SG  1 
ATOM   500  N N   . ASN A 1 67  ? -6.007  -8.778  9.057   1.00 56.09 ? 78  ASN A N   1 
ATOM   501  C CA  . ASN A 1 67  ? -6.083  -10.231 9.276   1.00 58.17 ? 78  ASN A CA  1 
ATOM   502  C C   . ASN A 1 67  ? -7.217  -10.934 8.500   1.00 58.08 ? 78  ASN A C   1 
ATOM   503  O O   . ASN A 1 67  ? -7.544  -12.093 8.793   1.00 59.95 ? 78  ASN A O   1 
ATOM   504  C CB  . ASN A 1 67  ? -6.021  -10.598 10.790  1.00 59.08 ? 78  ASN A CB  1 
ATOM   505  C CG  . ASN A 1 67  ? -7.182  -9.990  11.639  1.00 61.65 ? 78  ASN A CG  1 
ATOM   506  O OD1 . ASN A 1 67  ? -7.308  -10.264 12.856  1.00 61.37 ? 78  ASN A OD1 1 
ATOM   507  N ND2 . ASN A 1 67  ? -8.065  -9.246  10.988  1.00 62.62 ? 78  ASN A ND2 1 
ATOM   508  N N   . GLN A 1 68  ? -7.546  -10.357 7.339   1.00 58.37 ? 79  GLN A N   1 
ATOM   509  C CA  . GLN A 1 68  ? -8.721  -10.720 6.512   1.00 56.93 ? 79  GLN A CA  1 
ATOM   510  C C   . GLN A 1 68  ? -8.495  -11.796 5.428   1.00 59.02 ? 79  GLN A C   1 
ATOM   511  O O   . GLN A 1 68  ? -9.451  -12.214 4.745   1.00 59.56 ? 79  GLN A O   1 
ATOM   512  C CB  . GLN A 1 68  ? -9.266  -9.441  5.866   1.00 56.52 ? 79  GLN A CB  1 
ATOM   513  C CG  . GLN A 1 68  ? -10.780 -9.341  5.728   1.00 53.90 ? 79  GLN A CG  1 
ATOM   514  C CD  . GLN A 1 68  ? -11.326 -7.886  5.914   1.00 52.20 ? 79  GLN A CD  1 
ATOM   515  O OE1 . GLN A 1 68  ? -12.532 -7.688  6.161   1.00 52.41 ? 79  GLN A OE1 1 
ATOM   516  N NE2 . GLN A 1 68  ? -10.453 -6.898  5.799   1.00 45.91 ? 79  GLN A NE2 1 
ATOM   517  N N   . PHE A 1 69  ? -7.256  -12.257 5.264   1.00 59.76 ? 80  PHE A N   1 
ATOM   518  C CA  . PHE A 1 69  ? -6.988  -13.323 4.295   1.00 60.39 ? 80  PHE A CA  1 
ATOM   519  C C   . PHE A 1 69  ? -6.086  -14.429 4.812   1.00 62.11 ? 80  PHE A C   1 
ATOM   520  O O   . PHE A 1 69  ? -5.172  -14.856 4.106   1.00 64.24 ? 80  PHE A O   1 
ATOM   521  C CB  . PHE A 1 69  ? -6.392  -12.763 3.010   1.00 58.52 ? 80  PHE A CB  1 
ATOM   522  C CG  . PHE A 1 69  ? -7.131  -11.588 2.476   1.00 58.28 ? 80  PHE A CG  1 
ATOM   523  C CD1 . PHE A 1 69  ? -8.372  -11.748 1.876   1.00 58.58 ? 80  PHE A CD1 1 
ATOM   524  C CD2 . PHE A 1 69  ? -6.617  -10.306 2.628   1.00 56.92 ? 80  PHE A CD2 1 
ATOM   525  C CE1 . PHE A 1 69  ? -9.070  -10.644 1.401   1.00 57.87 ? 80  PHE A CE1 1 
ATOM   526  C CE2 . PHE A 1 69  ? -7.297  -9.219  2.141   1.00 56.80 ? 80  PHE A CE2 1 
ATOM   527  C CZ  . PHE A 1 69  ? -8.533  -9.389  1.538   1.00 57.47 ? 80  PHE A CZ  1 
ATOM   528  N N   . ALA A 1 70  ? -6.325  -14.883 6.042   1.00 63.40 ? 81  ALA A N   1 
ATOM   529  C CA  . ALA A 1 70  ? -5.545  -15.998 6.607   1.00 64.13 ? 81  ALA A CA  1 
ATOM   530  C C   . ALA A 1 70  ? -6.202  -17.329 6.306   1.00 64.09 ? 81  ALA A C   1 
ATOM   531  O O   . ALA A 1 70  ? -6.121  -18.252 7.113   1.00 65.67 ? 81  ALA A O   1 
ATOM   532  C CB  . ALA A 1 70  ? -5.361  -15.837 8.118   1.00 63.32 ? 81  ALA A CB  1 
ATOM   533  N N   . GLY A 1 71  ? -6.892  -17.412 5.167   1.00 64.53 ? 82  GLY A N   1 
ATOM   534  C CA  . GLY A 1 71  ? -7.583  -18.644 4.765   1.00 63.86 ? 82  GLY A CA  1 
ATOM   535  C C   . GLY A 1 71  ? -7.039  -19.138 3.403   1.00 63.98 ? 82  GLY A C   1 
ATOM   536  O O   . GLY A 1 71  ? -6.544  -18.272 2.548   1.00 63.39 ? 82  GLY A O   1 
ATOM   537  N N   . PHE A 1 83  ? -3.998  -15.608 14.939  1.00 68.34 ? 94  PHE A N   1 
ATOM   538  C CA  . PHE A 1 83  ? -3.077  -15.770 16.056  1.00 68.35 ? 94  PHE A CA  1 
ATOM   539  C C   . PHE A 1 83  ? -2.014  -16.759 15.631  1.00 68.08 ? 94  PHE A C   1 
ATOM   540  O O   . PHE A 1 83  ? -2.071  -17.927 16.023  1.00 69.85 ? 94  PHE A O   1 
ATOM   541  C CB  . PHE A 1 83  ? -3.791  -16.349 17.285  1.00 68.56 ? 94  PHE A CB  1 
ATOM   542  C CG  . PHE A 1 83  ? -5.287  -16.163 17.282  1.00 68.68 ? 94  PHE A CG  1 
ATOM   543  C CD1 . PHE A 1 83  ? -6.127  -17.252 17.075  1.00 68.76 ? 94  PHE A CD1 1 
ATOM   544  C CD2 . PHE A 1 83  ? -5.855  -14.913 17.500  1.00 68.72 ? 94  PHE A CD2 1 
ATOM   545  C CE1 . PHE A 1 83  ? -7.497  -17.094 17.085  1.00 68.98 ? 94  PHE A CE1 1 
ATOM   546  C CE2 . PHE A 1 83  ? -7.222  -14.746 17.488  1.00 68.88 ? 94  PHE A CE2 1 
ATOM   547  C CZ  . PHE A 1 83  ? -8.046  -15.839 17.294  1.00 68.84 ? 94  PHE A CZ  1 
ATOM   548  N N   . ALA A 1 84  ? -1.049  -16.307 14.835  1.00 67.48 ? 95  ALA A N   1 
ATOM   549  C CA  . ALA A 1 84  ? 0.004   -17.197 14.325  1.00 67.17 ? 95  ALA A CA  1 
ATOM   550  C C   . ALA A 1 84  ? 1.459   -16.768 14.641  1.00 67.36 ? 95  ALA A C   1 
ATOM   551  O O   . ALA A 1 84  ? 1.810   -16.492 15.819  1.00 67.37 ? 95  ALA A O   1 
ATOM   552  C CB  . ALA A 1 84  ? -0.181  -17.446 12.820  1.00 66.72 ? 95  ALA A CB  1 
ATOM   553  N N   . CYS A 1 85  ? 2.294   -16.719 13.581  1.00 66.95 ? 96  CYS A N   1 
ATOM   554  C CA  . CYS A 1 85  ? 3.750   -16.470 13.692  1.00 67.25 ? 96  CYS A CA  1 
ATOM   555  C C   . CYS A 1 85  ? 4.218   -15.212 14.470  1.00 67.18 ? 96  CYS A C   1 
ATOM   556  O O   . CYS A 1 85  ? 3.546   -14.744 15.422  1.00 66.61 ? 96  CYS A O   1 
ATOM   557  C CB  . CYS A 1 85  ? 4.410   -16.542 12.292  1.00 66.93 ? 96  CYS A CB  1 
ATOM   558  S SG  . CYS A 1 85  ? 6.244   -16.517 12.224  1.00 66.54 ? 96  CYS A SG  1 
ATOM   559  N N   . THR A 1 86  ? 5.266   -14.599 13.960  1.00 67.90 ? 97  THR A N   1 
ATOM   560  C CA  . THR A 1 86  ? 6.069   -13.633 14.682  1.00 66.86 ? 97  THR A CA  1 
ATOM   561  C C   . THR A 1 86  ? 5.734   -12.147 14.423  1.00 65.54 ? 97  THR A C   1 
ATOM   562  O O   . THR A 1 86  ? 6.549   -11.284 14.712  1.00 65.12 ? 97  THR A O   1 
ATOM   563  C CB  . THR A 1 86  ? 7.538   -13.875 14.323  1.00 67.14 ? 97  THR A CB  1 
ATOM   564  O OG1 . THR A 1 86  ? 8.361   -13.050 15.129  1.00 66.72 ? 97  THR A OG1 1 
ATOM   565  C CG2 . THR A 1 86  ? 7.773   -13.484 12.887  1.00 67.31 ? 97  THR A CG2 1 
ATOM   566  N N   . ARG A 1 87  ? 4.539   -11.833 13.913  1.00 63.79 ? 98  ARG A N   1 
ATOM   567  C CA  . ARG A 1 87  ? 4.112   -10.417 13.792  1.00 62.29 ? 98  ARG A CA  1 
ATOM   568  C C   . ARG A 1 87  ? 4.890   -9.668  12.702  1.00 58.19 ? 98  ARG A C   1 
ATOM   569  O O   . ARG A 1 87  ? 6.110   -9.734  12.638  1.00 57.97 ? 98  ARG A O   1 
ATOM   570  C CB  . ARG A 1 87  ? 4.305   -9.772  15.165  1.00 64.77 ? 98  ARG A CB  1 
ATOM   571  C CG  . ARG A 1 87  ? 3.457   -8.587  15.510  1.00 67.22 ? 98  ARG A CG  1 
ATOM   572  C CD  . ARG A 1 87  ? 4.231   -7.293  15.342  1.00 69.31 ? 98  ARG A CD  1 
ATOM   573  N NE  . ARG A 1 87  ? 5.639   -7.390  15.753  1.00 70.18 ? 98  ARG A NE  1 
ATOM   574  C CZ  . ARG A 1 87  ? 6.396   -6.337  16.071  1.00 70.16 ? 98  ARG A CZ  1 
ATOM   575  N NH1 . ARG A 1 87  ? 5.841   -5.137  16.169  1.00 69.80 ? 98  ARG A NH1 1 
ATOM   576  N NH2 . ARG A 1 87  ? 7.680   -6.485  16.374  1.00 69.45 ? 98  ARG A NH2 1 
ATOM   577  N N   . PHE A 1 88  ? 4.180   -9.027  11.789  1.00 55.57 ? 99  PHE A N   1 
ATOM   578  C CA  . PHE A 1 88  ? 4.818   -8.364  10.623  1.00 52.90 ? 99  PHE A CA  1 
ATOM   579  C C   . PHE A 1 88  ? 5.938   -7.340  10.975  1.00 52.56 ? 99  PHE A C   1 
ATOM   580  O O   . PHE A 1 88  ? 5.796   -6.537  11.900  1.00 53.23 ? 99  PHE A O   1 
ATOM   581  C CB  . PHE A 1 88  ? 3.736   -7.764  9.711   1.00 49.18 ? 99  PHE A CB  1 
ATOM   582  C CG  . PHE A 1 88  ? 4.258   -7.166  8.437   1.00 47.76 ? 99  PHE A CG  1 
ATOM   583  C CD1 . PHE A 1 88  ? 4.495   -7.960  7.328   1.00 47.77 ? 99  PHE A CD1 1 
ATOM   584  C CD2 . PHE A 1 88  ? 4.387   -5.793  8.312   1.00 45.65 ? 99  PHE A CD2 1 
ATOM   585  C CE1 . PHE A 1 88  ? 4.876   -7.382  6.135   1.00 48.77 ? 99  PHE A CE1 1 
ATOM   586  C CE2 . PHE A 1 88  ? 4.888   -5.236  7.204   1.00 44.64 ? 99  PHE A CE2 1 
ATOM   587  C CZ  . PHE A 1 88  ? 5.038   -5.987  6.069   1.00 47.19 ? 99  PHE A CZ  1 
ATOM   588  N N   . LYS A 1 89  ? 7.093   -7.482  10.319  1.00 50.68 ? 100 LYS A N   1 
ATOM   589  C CA  . LYS A 1 89  ? 8.237   -6.601  10.518  1.00 49.85 ? 100 LYS A CA  1 
ATOM   590  C C   . LYS A 1 89  ? 8.719   -6.124  9.176   1.00 47.01 ? 100 LYS A C   1 
ATOM   591  O O   . LYS A 1 89  ? 8.765   -6.880  8.205   1.00 47.92 ? 100 LYS A O   1 
ATOM   592  C CB  . LYS A 1 89  ? 9.415   -7.278  11.247  1.00 51.65 ? 100 LYS A CB  1 
ATOM   593  C CG  . LYS A 1 89  ? 9.145   -7.568  12.685  1.00 55.45 ? 100 LYS A CG  1 
ATOM   594  C CD  . LYS A 1 89  ? 10.242  -7.074  13.598  1.00 58.87 ? 100 LYS A CD  1 
ATOM   595  C CE  . LYS A 1 89  ? 11.241  -8.156  14.006  1.00 62.78 ? 100 LYS A CE  1 
ATOM   596  N NZ  . LYS A 1 89  ? 12.087  -8.551  12.839  1.00 65.82 ? 100 LYS A NZ  1 
ATOM   597  N N   . ALA A 1 90  ? 9.114   -4.868  9.117   1.00 45.27 ? 101 ALA A N   1 
ATOM   598  C CA  . ALA A 1 90  ? 9.620   -4.318  7.873   1.00 44.32 ? 101 ALA A CA  1 
ATOM   599  C C   . ALA A 1 90  ? 10.385  -3.054  8.167   1.00 42.36 ? 101 ALA A C   1 
ATOM   600  O O   . ALA A 1 90  ? 10.254  -2.505  9.252   1.00 41.58 ? 101 ALA A O   1 
ATOM   601  C CB  . ALA A 1 90  ? 8.441   -4.036  6.907   1.00 44.69 ? 101 ALA A CB  1 
ATOM   602  N N   . ASP A 1 91  ? 11.151  -2.589  7.189   1.00 42.50 ? 102 ASP A N   1 
ATOM   603  C CA  . ASP A 1 91  ? 11.898  -1.307  7.255   1.00 43.98 ? 102 ASP A CA  1 
ATOM   604  C C   . ASP A 1 91  ? 10.985  -0.099  6.935   1.00 44.17 ? 102 ASP A C   1 
ATOM   605  O O   . ASP A 1 91  ? 11.262  1.039   7.306   1.00 44.74 ? 102 ASP A O   1 
ATOM   606  C CB  . ASP A 1 91  ? 13.069  -1.320  6.278   1.00 41.21 ? 102 ASP A CB  1 
ATOM   607  C CG  . ASP A 1 91  ? 14.147  -2.287  6.680   1.00 45.85 ? 102 ASP A CG  1 
ATOM   608  O OD1 . ASP A 1 91  ? 14.221  -2.569  7.906   1.00 47.14 ? 102 ASP A OD1 1 
ATOM   609  O OD2 . ASP A 1 91  ? 14.989  -2.677  5.810   1.00 44.60 ? 102 ASP A OD2 1 
ATOM   610  N N   . PHE A 1 92  ? 9.914   -0.342  6.198   1.00 42.04 ? 103 PHE A N   1 
ATOM   611  C CA  . PHE A 1 92  ? 8.990   0.714   5.886   1.00 40.44 ? 103 PHE A CA  1 
ATOM   612  C C   . PHE A 1 92  ? 7.924   0.798   6.983   1.00 40.54 ? 103 PHE A C   1 
ATOM   613  O O   . PHE A 1 92  ? 7.815   -0.102  7.839   1.00 39.88 ? 103 PHE A O   1 
ATOM   614  C CB  . PHE A 1 92  ? 8.390   0.546   4.451   1.00 41.91 ? 103 PHE A CB  1 
ATOM   615  C CG  . PHE A 1 92  ? 7.948   -0.869  4.123   1.00 41.16 ? 103 PHE A CG  1 
ATOM   616  C CD1 . PHE A 1 92  ? 6.770   -1.379  4.635   1.00 43.13 ? 103 PHE A CD1 1 
ATOM   617  C CD2 . PHE A 1 92  ? 8.787   -1.732  3.431   1.00 41.43 ? 103 PHE A CD2 1 
ATOM   618  C CE1 . PHE A 1 92  ? 6.425   -2.728  4.453   1.00 44.09 ? 103 PHE A CE1 1 
ATOM   619  C CE2 . PHE A 1 92  ? 8.417   -3.056  3.211   1.00 43.01 ? 103 PHE A CE2 1 
ATOM   620  C CZ  . PHE A 1 92  ? 7.238   -3.558  3.733   1.00 41.81 ? 103 PHE A CZ  1 
ATOM   621  N N   . PRO A 1 93  ? 7.205   1.938   7.032   1.00 42.81 ? 104 PRO A N   1 
ATOM   622  C CA  . PRO A 1 93  ? 6.074   2.254   7.947   1.00 45.14 ? 104 PRO A CA  1 
ATOM   623  C C   . PRO A 1 93  ? 4.915   1.224   7.986   1.00 44.47 ? 104 PRO A C   1 
ATOM   624  O O   . PRO A 1 93  ? 4.396   0.865   6.949   1.00 42.10 ? 104 PRO A O   1 
ATOM   625  C CB  . PRO A 1 93  ? 5.552   3.580   7.396   1.00 44.45 ? 104 PRO A CB  1 
ATOM   626  C CG  . PRO A 1 93  ? 6.864   4.228   6.799   1.00 47.12 ? 104 PRO A CG  1 
ATOM   627  C CD  . PRO A 1 93  ? 7.537   3.066   6.129   1.00 44.41 ? 104 PRO A CD  1 
ATOM   628  N N   . ILE A 1 94  ? 4.713   0.573   9.132   1.00 44.94 ? 105 ILE A N   1 
ATOM   629  C CA  . ILE A 1 94  ? 3.596   -0.355  9.286   1.00 45.07 ? 105 ILE A CA  1 
ATOM   630  C C   . ILE A 1 94  ? 2.532   0.507   9.969   1.00 45.31 ? 105 ILE A C   1 
ATOM   631  O O   . ILE A 1 94  ? 2.840   1.304   10.857  1.00 48.23 ? 105 ILE A O   1 
ATOM   632  C CB  . ILE A 1 94  ? 3.880   -1.604  10.254  1.00 44.56 ? 105 ILE A CB  1 
ATOM   633  C CG1 . ILE A 1 94  ? 5.308   -2.228  10.183  1.00 45.21 ? 105 ILE A CG1 1 
ATOM   634  C CG2 . ILE A 1 94  ? 2.738   -2.626  10.247  1.00 42.69 ? 105 ILE A CG2 1 
ATOM   635  C CD1 . ILE A 1 94  ? 5.925   -2.328  8.877   1.00 45.71 ? 105 ILE A CD1 1 
ATOM   636  N N   . MET A 1 95  ? 1.284   0.353   9.558   1.00 46.94 ? 106 MET A N   1 
ATOM   637  C CA  . MET A 1 95  ? 0.165   1.088   10.125  1.00 43.42 ? 106 MET A CA  1 
ATOM   638  C C   . MET A 1 95  ? -0.633  0.213   11.093  1.00 43.46 ? 106 MET A C   1 
ATOM   639  O O   . MET A 1 95  ? -0.394  -0.960  11.146  1.00 43.63 ? 106 MET A O   1 
ATOM   640  C CB  . MET A 1 95  ? -0.747  1.512   8.984   1.00 41.12 ? 106 MET A CB  1 
ATOM   641  C CG  . MET A 1 95  ? -0.072  2.427   7.894   1.00 46.96 ? 106 MET A CG  1 
ATOM   642  S SD  . MET A 1 95  ? 0.387   4.114   8.447   1.00 46.73 ? 106 MET A SD  1 
ATOM   643  C CE  . MET A 1 95  ? 2.142   4.002   8.785   1.00 43.61 ? 106 MET A CE  1 
ATOM   644  N N   . ALA A 1 96  ? -1.684  0.758   11.723  1.00 43.41 ? 107 ALA A N   1 
ATOM   645  C CA  . ALA A 1 96  ? -2.548  0.016   12.610  1.00 42.88 ? 107 ALA A CA  1 
ATOM   646  C C   . ALA A 1 96  ? -3.434  -0.863  11.731  1.00 45.61 ? 107 ALA A C   1 
ATOM   647  O O   . ALA A 1 96  ? -3.739  -0.503  10.554  1.00 46.34 ? 107 ALA A O   1 
ATOM   648  C CB  . ALA A 1 96  ? -3.396  0.988   13.520  1.00 38.68 ? 107 ALA A CB  1 
ATOM   649  N N   . LYS A 1 97  ? -3.716  -2.069  12.239  1.00 47.88 ? 108 LYS A N   1 
ATOM   650  C CA  . LYS A 1 97  ? -4.530  -3.047  11.556  1.00 48.11 ? 108 LYS A CA  1 
ATOM   651  C C   . LYS A 1 97  ? -5.886  -2.436  11.232  1.00 49.41 ? 108 LYS A C   1 
ATOM   652  O O   . LYS A 1 97  ? -6.421  -1.666  12.025  1.00 51.47 ? 108 LYS A O   1 
ATOM   653  C CB  . LYS A 1 97  ? -4.664  -4.330  12.395  1.00 50.77 ? 108 LYS A CB  1 
ATOM   654  C CG  . LYS A 1 97  ? -5.565  -5.424  11.729  1.00 52.63 ? 108 LYS A CG  1 
ATOM   655  C CD  . LYS A 1 97  ? -5.319  -6.809  12.239  1.00 53.00 ? 108 LYS A CD  1 
ATOM   656  C CE  . LYS A 1 97  ? -5.574  -6.893  13.742  1.00 59.97 ? 108 LYS A CE  1 
ATOM   657  N NZ  . LYS A 1 97  ? -4.350  -6.630  14.591  1.00 62.59 ? 108 LYS A NZ  1 
ATOM   658  N N   . ILE A 1 98  ? -6.382  -2.700  10.022  1.00 48.03 ? 109 ILE A N   1 
ATOM   659  C CA  . ILE A 1 98  ? -7.645  -2.178  9.538   1.00 46.52 ? 109 ILE A CA  1 
ATOM   660  C C   . ILE A 1 98  ? -8.344  -3.319  8.803   1.00 46.63 ? 109 ILE A C   1 
ATOM   661  O O   . ILE A 1 98  ? -7.779  -4.378  8.639   1.00 46.51 ? 109 ILE A O   1 
ATOM   662  C CB  . ILE A 1 98  ? -7.451  -0.974  8.516   1.00 48.79 ? 109 ILE A CB  1 
ATOM   663  C CG1 . ILE A 1 98  ? -6.624  -1.405  7.263   1.00 46.02 ? 109 ILE A CG1 1 
ATOM   664  C CG2 . ILE A 1 98  ? -6.855  0.259   9.237   1.00 48.57 ? 109 ILE A CG2 1 
ATOM   665  C CD1 . ILE A 1 98  ? -6.813  -0.533  6.022   1.00 44.22 ? 109 ILE A CD1 1 
ATOM   666  N N   . ASP A 1 99  ? -9.596  -3.124  8.424   1.00 46.29 ? 110 ASP A N   1 
ATOM   667  C CA  . ASP A 1 99  ? -10.244 -4.027  7.509   1.00 45.92 ? 110 ASP A CA  1 
ATOM   668  C C   . ASP A 1 99  ? -10.141 -3.295  6.165   1.00 46.25 ? 110 ASP A C   1 
ATOM   669  O O   . ASP A 1 99  ? -10.162 -2.071  6.131   1.00 48.98 ? 110 ASP A O   1 
ATOM   670  C CB  . ASP A 1 99  ? -11.715 -4.266  7.929   1.00 47.55 ? 110 ASP A CB  1 
ATOM   671  C CG  . ASP A 1 99  ? -11.851 -5.112  9.235   1.00 47.82 ? 110 ASP A CG  1 
ATOM   672  O OD1 . ASP A 1 99  ? -11.055 -6.045  9.445   1.00 49.95 ? 110 ASP A OD1 1 
ATOM   673  O OD2 . ASP A 1 99  ? -12.762 -4.881  10.048  1.00 48.17 ? 110 ASP A OD2 1 
ATOM   674  N N   . VAL A 1 100 ? -9.998  -4.022  5.065   1.00 44.51 ? 111 VAL A N   1 
ATOM   675  C CA  . VAL A 1 100 ? -9.894  -3.411  3.750   1.00 43.77 ? 111 VAL A CA  1 
ATOM   676  C C   . VAL A 1 100 ? -11.139 -3.659  2.922   1.00 44.82 ? 111 VAL A C   1 
ATOM   677  O O   . VAL A 1 100 ? -11.311 -2.989  1.896   1.00 44.78 ? 111 VAL A O   1 
ATOM   678  C CB  . VAL A 1 100 ? -8.607  -3.867  2.944   1.00 42.01 ? 111 VAL A CB  1 
ATOM   679  C CG1 . VAL A 1 100 ? -7.348  -3.496  3.700   1.00 41.45 ? 111 VAL A CG1 1 
ATOM   680  C CG2 . VAL A 1 100 ? -8.626  -5.326  2.725   1.00 41.96 ? 111 VAL A CG2 1 
ATOM   681  N N   . ASN A 1 101 ? -11.947 -4.663  3.344   1.00 46.64 ? 112 ASN A N   1 
ATOM   682  C CA  . ASN A 1 101 ? -13.284 -5.023  2.767   1.00 46.11 ? 112 ASN A CA  1 
ATOM   683  C C   . ASN A 1 101 ? -14.361 -5.059  3.834   1.00 45.29 ? 112 ASN A C   1 
ATOM   684  O O   . ASN A 1 101 ? -14.054 -5.293  4.981   1.00 43.28 ? 112 ASN A O   1 
ATOM   685  C CB  . ASN A 1 101 ? -13.305 -6.418  2.107   1.00 45.14 ? 112 ASN A CB  1 
ATOM   686  C CG  . ASN A 1 101 ? -12.298 -6.568  0.964   1.00 45.30 ? 112 ASN A CG  1 
ATOM   687  O OD1 . ASN A 1 101 ? -12.112 -5.673  0.123   1.00 43.61 ? 112 ASN A OD1 1 
ATOM   688  N ND2 . ASN A 1 101 ? -11.733 -7.762  0.869   1.00 45.78 ? 112 ASN A ND2 1 
ATOM   689  N N   . GLY A 1 102 ? -15.634 -5.033  3.419   1.00 47.36 ? 113 GLY A N   1 
ATOM   690  C CA  . GLY A 1 102 ? -16.775 -5.128  4.356   1.00 47.91 ? 113 GLY A CA  1 
ATOM   691  C C   . GLY A 1 102 ? -17.252 -3.843  5.033   1.00 50.14 ? 113 GLY A C   1 
ATOM   692  O O   . GLY A 1 102 ? -16.654 -2.778  4.861   1.00 51.17 ? 113 GLY A O   1 
ATOM   693  N N   . SER A 1 103 ? -18.352 -3.934  5.783   1.00 50.77 ? 114 SER A N   1 
ATOM   694  C CA  . SER A 1 103 ? -18.941 -2.787  6.503   1.00 50.73 ? 114 SER A CA  1 
ATOM   695  C C   . SER A 1 103 ? -17.987 -1.974  7.415   1.00 51.05 ? 114 SER A C   1 
ATOM   696  O O   . SER A 1 103 ? -18.327 -0.874  7.877   1.00 49.26 ? 114 SER A O   1 
ATOM   697  C CB  . SER A 1 103 ? -20.142 -3.259  7.330   1.00 51.40 ? 114 SER A CB  1 
ATOM   698  O OG  . SER A 1 103 ? -19.708 -3.996  8.469   1.00 51.60 ? 114 SER A OG  1 
ATOM   699  N N   . LYS A 1 104 ? -16.810 -2.513  7.716   1.00 52.22 ? 115 LYS A N   1 
ATOM   700  C CA  . LYS A 1 104 ? -15.862 -1.737  8.511   1.00 52.86 ? 115 LYS A CA  1 
ATOM   701  C C   . LYS A 1 104 ? -14.543 -1.411  7.771   1.00 50.10 ? 115 LYS A C   1 
ATOM   702  O O   . LYS A 1 104 ? -13.588 -0.976  8.393   1.00 49.40 ? 115 LYS A O   1 
ATOM   703  C CB  . LYS A 1 104 ? -15.588 -2.398  9.883   1.00 54.12 ? 115 LYS A CB  1 
ATOM   704  C CG  . LYS A 1 104 ? -16.830 -2.911  10.592  1.00 56.16 ? 115 LYS A CG  1 
ATOM   705  C CD  . LYS A 1 104 ? -16.664 -2.986  12.130  1.00 56.81 ? 115 LYS A CD  1 
ATOM   706  C CE  . LYS A 1 104 ? -15.249 -3.455  12.552  1.00 58.17 ? 115 LYS A CE  1 
ATOM   707  N NZ  . LYS A 1 104 ? -15.160 -3.706  14.046  1.00 57.04 ? 115 LYS A NZ  1 
ATOM   708  N N   . ALA A 1 105 ? -14.517 -1.553  6.448   1.00 48.62 ? 116 ALA A N   1 
ATOM   709  C CA  . ALA A 1 105 ? -13.320 -1.259  5.673   1.00 46.75 ? 116 ALA A CA  1 
ATOM   710  C C   . ALA A 1 105 ? -12.911 0.177   5.987   1.00 49.72 ? 116 ALA A C   1 
ATOM   711  O O   . ALA A 1 105 ? -13.764 0.949   6.472   1.00 50.36 ? 116 ALA A O   1 
ATOM   712  C CB  . ALA A 1 105 ? -13.617 -1.412  4.205   1.00 44.27 ? 116 ALA A CB  1 
ATOM   713  N N   . HIS A 1 106 ? -11.628 0.543   5.768   1.00 50.79 ? 117 HIS A N   1 
ATOM   714  C CA  . HIS A 1 106 ? -11.196 1.952   5.938   1.00 48.65 ? 117 HIS A CA  1 
ATOM   715  C C   . HIS A 1 106 ? -11.569 2.709   4.672   1.00 50.47 ? 117 HIS A C   1 
ATOM   716  O O   . HIS A 1 106 ? -11.447 2.140   3.601   1.00 54.78 ? 117 HIS A O   1 
ATOM   717  C CB  . HIS A 1 106 ? -9.706  2.118   6.216   1.00 45.91 ? 117 HIS A CB  1 
ATOM   718  C CG  . HIS A 1 106 ? -9.364  3.447   6.860   1.00 45.54 ? 117 HIS A CG  1 
ATOM   719  N ND1 . HIS A 1 106 ? -9.485  4.654   6.199   1.00 44.20 ? 117 HIS A ND1 1 
ATOM   720  C CD2 . HIS A 1 106 ? -8.928  3.752   8.108   1.00 45.79 ? 117 HIS A CD2 1 
ATOM   721  C CE1 . HIS A 1 106 ? -9.178  5.645   7.015   1.00 42.20 ? 117 HIS A CE1 1 
ATOM   722  N NE2 . HIS A 1 106 ? -8.808  5.125   8.169   1.00 46.40 ? 117 HIS A NE2 1 
ATOM   723  N N   . PRO A 1 107 ? -12.227 3.893   4.802   1.00 48.15 ? 118 PRO A N   1 
ATOM   724  C CA  . PRO A 1 107 ? -12.624 4.672   3.647   1.00 47.33 ? 118 PRO A CA  1 
ATOM   725  C C   . PRO A 1 107 ? -11.467 4.963   2.713   1.00 47.86 ? 118 PRO A C   1 
ATOM   726  O O   . PRO A 1 107 ? -11.678 5.094   1.489   1.00 52.08 ? 118 PRO A O   1 
ATOM   727  C CB  . PRO A 1 107 ? -13.171 5.962   4.280   1.00 48.92 ? 118 PRO A CB  1 
ATOM   728  C CG  . PRO A 1 107 ? -13.729 5.485   5.572   1.00 48.43 ? 118 PRO A CG  1 
ATOM   729  C CD  . PRO A 1 107 ? -12.697 4.520   6.053   1.00 46.40 ? 118 PRO A CD  1 
ATOM   730  N N   . LEU A 1 108 ? -10.246 4.851   3.239   1.00 47.78 ? 119 LEU A N   1 
ATOM   731  C CA  . LEU A 1 108 ? -9.033  5.049   2.432   1.00 45.86 ? 119 LEU A CA  1 
ATOM   732  C C   . LEU A 1 108 ? -8.979  3.934   1.449   1.00 46.94 ? 119 LEU A C   1 
ATOM   733  O O   . LEU A 1 108 ? -8.765  4.130   0.258   1.00 49.84 ? 119 LEU A O   1 
ATOM   734  C CB  . LEU A 1 108 ? -7.756  5.036   3.314   1.00 45.56 ? 119 LEU A CB  1 
ATOM   735  C CG  . LEU A 1 108 ? -6.509  5.084   2.427   1.00 45.89 ? 119 LEU A CG  1 
ATOM   736  C CD1 . LEU A 1 108 ? -6.471  6.318   1.431   1.00 41.74 ? 119 LEU A CD1 1 
ATOM   737  C CD2 . LEU A 1 108 ? -5.311  4.882   3.228   1.00 43.98 ? 119 LEU A CD2 1 
ATOM   738  N N   . TYR A 1 109 ? -9.255  2.735   1.947   1.00 50.22 ? 120 TYR A N   1 
ATOM   739  C CA  . TYR A 1 109 ? -9.329  1.540   1.092   1.00 47.67 ? 120 TYR A CA  1 
ATOM   740  C C   . TYR A 1 109 ? -10.533 1.497   0.199   1.00 49.56 ? 120 TYR A C   1 
ATOM   741  O O   . TYR A 1 109 ? -10.413 1.079   -0.942  1.00 52.76 ? 120 TYR A O   1 
ATOM   742  C CB  . TYR A 1 109 ? -9.180  0.265   1.897   1.00 43.50 ? 120 TYR A CB  1 
ATOM   743  C CG  . TYR A 1 109 ? -7.751  -0.266  1.791   1.00 44.36 ? 120 TYR A CG  1 
ATOM   744  C CD1 . TYR A 1 109 ? -6.758  0.230   2.629   1.00 42.56 ? 120 TYR A CD1 1 
ATOM   745  C CD2 . TYR A 1 109 ? -7.362  -1.125  0.746   1.00 41.84 ? 120 TYR A CD2 1 
ATOM   746  C CE1 . TYR A 1 109 ? -5.491  -0.112  2.465   1.00 42.02 ? 120 TYR A CE1 1 
ATOM   747  C CE2 . TYR A 1 109 ? -6.026  -1.539  0.631   1.00 41.18 ? 120 TYR A CE2 1 
ATOM   748  C CZ  . TYR A 1 109 ? -5.127  -1.087  1.563   1.00 40.83 ? 120 TYR A CZ  1 
ATOM   749  O OH  . TYR A 1 109 ? -3.781  -1.455  1.568   1.00 43.58 ? 120 TYR A OH  1 
ATOM   750  N N   . GLU A 1 110 ? -11.692 1.935   0.685   1.00 51.02 ? 121 GLU A N   1 
ATOM   751  C CA  . GLU A 1 110 ? -12.854 2.071   -0.191  1.00 51.70 ? 121 GLU A CA  1 
ATOM   752  C C   . GLU A 1 110 ? -12.506 3.039   -1.327  1.00 50.26 ? 121 GLU A C   1 
ATOM   753  O O   . GLU A 1 110 ? -12.700 2.719   -2.494  1.00 56.93 ? 121 GLU A O   1 
ATOM   754  C CB  . GLU A 1 110 ? -14.142 2.515   0.572   1.00 53.67 ? 121 GLU A CB  1 
ATOM   755  C CG  . GLU A 1 110 ? -14.547 1.642   1.802   1.00 56.15 ? 121 GLU A CG  1 
ATOM   756  C CD  . GLU A 1 110 ? -15.266 0.315   1.462   1.00 60.42 ? 121 GLU A CD  1 
ATOM   757  O OE1 . GLU A 1 110 ? -16.321 0.013   2.106   1.00 61.84 ? 121 GLU A OE1 1 
ATOM   758  O OE2 . GLU A 1 110 ? -14.830 -0.407  0.527   1.00 61.30 ? 121 GLU A OE2 1 
ATOM   759  N N   . PHE A 1 111 ? -11.961 4.207   -1.009  1.00 49.61 ? 122 PHE A N   1 
ATOM   760  C CA  . PHE A 1 111 ? -11.473 5.162   -2.048  1.00 48.92 ? 122 PHE A CA  1 
ATOM   761  C C   . PHE A 1 111 ? -10.536 4.517   -3.132  1.00 48.51 ? 122 PHE A C   1 
ATOM   762  O O   . PHE A 1 111 ? -10.813 4.585   -4.348  1.00 47.95 ? 122 PHE A O   1 
ATOM   763  C CB  . PHE A 1 111 ? -10.794 6.407   -1.382  1.00 50.01 ? 122 PHE A CB  1 
ATOM   764  C CG  . PHE A 1 111 ? -10.134 7.345   -2.394  1.00 50.02 ? 122 PHE A CG  1 
ATOM   765  C CD1 . PHE A 1 111 ? -10.899 7.998   -3.357  1.00 48.61 ? 122 PHE A CD1 1 
ATOM   766  C CD2 . PHE A 1 111 ? -8.755  7.546   -2.389  1.00 47.97 ? 122 PHE A CD2 1 
ATOM   767  C CE1 . PHE A 1 111 ? -10.288 8.800   -4.339  1.00 50.19 ? 122 PHE A CE1 1 
ATOM   768  C CE2 . PHE A 1 111 ? -8.130  8.315   -3.355  1.00 48.14 ? 122 PHE A CE2 1 
ATOM   769  C CZ  . PHE A 1 111 ? -8.893  8.953   -4.342  1.00 50.96 ? 122 PHE A CZ  1 
ATOM   770  N N   . MET A 1 112 ? -9.448  3.874   -2.693  1.00 47.31 ? 123 MET A N   1 
ATOM   771  C CA  . MET A 1 112 ? -8.500  3.272   -3.632  1.00 46.66 ? 123 MET A CA  1 
ATOM   772  C C   . MET A 1 112 ? -9.122  2.130   -4.384  1.00 46.22 ? 123 MET A C   1 
ATOM   773  O O   . MET A 1 112 ? -8.812  1.937   -5.535  1.00 48.43 ? 123 MET A O   1 
ATOM   774  C CB  . MET A 1 112 ? -7.231  2.762   -2.940  1.00 47.09 ? 123 MET A CB  1 
ATOM   775  C CG  . MET A 1 112 ? -6.549  3.778   -2.036  1.00 46.99 ? 123 MET A CG  1 
ATOM   776  S SD  . MET A 1 112 ? -4.917  3.341   -1.458  1.00 47.49 ? 123 MET A SD  1 
ATOM   777  C CE  . MET A 1 112 ? -5.175  2.013   -0.314  1.00 43.76 ? 123 MET A CE  1 
ATOM   778  N N   . LYS A 1 113 ? -9.894  1.281   -3.716  1.00 48.40 ? 124 LYS A N   1 
ATOM   779  C CA  . LYS A 1 113 ? -10.526 0.131   -4.406  1.00 46.71 ? 124 LYS A CA  1 
ATOM   780  C C   . LYS A 1 113 ? -11.594 0.598   -5.404  1.00 50.08 ? 124 LYS A C   1 
ATOM   781  O O   . LYS A 1 113 ? -11.745 0.024   -6.476  1.00 51.72 ? 124 LYS A O   1 
ATOM   782  C CB  . LYS A 1 113 ? -11.117 -0.865  -3.395  1.00 45.40 ? 124 LYS A CB  1 
ATOM   783  C CG  . LYS A 1 113 ? -10.085 -1.484  -2.408  1.00 42.15 ? 124 LYS A CG  1 
ATOM   784  C CD  . LYS A 1 113 ? -10.797 -2.036  -1.160  1.00 42.16 ? 124 LYS A CD  1 
ATOM   785  C CE  . LYS A 1 113 ? -12.045 -2.809  -1.549  1.00 43.77 ? 124 LYS A CE  1 
ATOM   786  N NZ  . LYS A 1 113 ? -12.819 -3.201  -0.348  1.00 40.63 ? 124 LYS A NZ  1 
ATOM   787  N N   . ALA A 1 114 ? -12.343 1.637   -5.043  1.00 53.76 ? 125 ALA A N   1 
ATOM   788  C CA  . ALA A 1 114 ? -13.328 2.232   -5.944  1.00 53.85 ? 125 ALA A CA  1 
ATOM   789  C C   . ALA A 1 114 ? -12.621 2.929   -7.118  1.00 53.51 ? 125 ALA A C   1 
ATOM   790  O O   . ALA A 1 114 ? -12.955 2.689   -8.259  1.00 56.02 ? 125 ALA A O   1 
ATOM   791  C CB  . ALA A 1 114 ? -14.250 3.194   -5.175  1.00 55.18 ? 125 ALA A CB  1 
ATOM   792  N N   . THR A 1 115 ? -11.527 3.638   -6.863  1.00 54.29 ? 126 THR A N   1 
ATOM   793  C CA  . THR A 1 115 ? -10.792 4.289   -7.954  1.00 53.91 ? 126 THR A CA  1 
ATOM   794  C C   . THR A 1 115 ? -10.259 3.230   -8.935  1.00 55.00 ? 126 THR A C   1 
ATOM   795  O O   . THR A 1 115 ? -10.433 3.357   -10.125 1.00 53.34 ? 126 THR A O   1 
ATOM   796  C CB  . THR A 1 115 ? -9.636  5.190   -7.417  1.00 53.80 ? 126 THR A CB  1 
ATOM   797  O OG1 . THR A 1 115 ? -10.159 6.119   -6.466  1.00 52.30 ? 126 THR A OG1 1 
ATOM   798  C CG2 . THR A 1 115 ? -8.979  5.959   -8.548  1.00 52.42 ? 126 THR A CG2 1 
ATOM   799  N N   . ILE A 1 116 ? -9.647  2.155   -8.427  1.00 56.22 ? 127 ILE A N   1 
ATOM   800  C CA  . ILE A 1 116 ? -9.157  1.079   -9.298  1.00 54.48 ? 127 ILE A CA  1 
ATOM   801  C C   . ILE A 1 116 ? -9.600  -0.311  -8.805  1.00 53.64 ? 127 ILE A C   1 
ATOM   802  O O   . ILE A 1 116 ? -9.064  -0.822  -7.825  1.00 54.71 ? 127 ILE A O   1 
ATOM   803  C CB  . ILE A 1 116 ? -7.629  1.155   -9.441  1.00 54.54 ? 127 ILE A CB  1 
ATOM   804  C CG1 . ILE A 1 116 ? -7.234  2.597   -9.738  1.00 55.01 ? 127 ILE A CG1 1 
ATOM   805  C CG2 . ILE A 1 116 ? -7.158  0.255   -10.552 1.00 53.09 ? 127 ILE A CG2 1 
ATOM   806  C CD1 . ILE A 1 116 ? -5.893  2.958   -9.242  1.00 54.76 ? 127 ILE A CD1 1 
ATOM   807  N N   . PRO A 1 117 ? -10.640 -0.898  -9.437  1.00 53.26 ? 128 PRO A N   1 
ATOM   808  C CA  . PRO A 1 117 ? -11.133 -2.256  -9.078  1.00 51.89 ? 128 PRO A CA  1 
ATOM   809  C C   . PRO A 1 117 ? -10.342 -3.466  -9.659  1.00 49.44 ? 128 PRO A C   1 
ATOM   810  O O   . PRO A 1 117 ? -9.391  -3.289  -10.432 1.00 46.44 ? 128 PRO A O   1 
ATOM   811  C CB  . PRO A 1 117 ? -12.586 -2.259  -9.597  1.00 51.66 ? 128 PRO A CB  1 
ATOM   812  C CG  . PRO A 1 117 ? -12.880 -0.818  -9.963  1.00 51.96 ? 128 PRO A CG  1 
ATOM   813  C CD  . PRO A 1 117 ? -11.559 -0.233  -10.378 1.00 52.13 ? 128 PRO A CD  1 
ATOM   814  N N   . GLY A 1 118 ? -10.612 -4.649  -9.094  1.00 49.72 ? 129 GLY A N   1 
ATOM   815  C CA  . GLY A 1 118 ? -10.047 -5.885  -9.616  1.00 54.77 ? 129 GLY A CA  1 
ATOM   816  C C   . GLY A 1 118 ? -11.015 -6.312  -10.713 1.00 58.21 ? 129 GLY A C   1 
ATOM   817  O O   . GLY A 1 118 ? -11.626 -7.377  -10.634 1.00 57.44 ? 129 GLY A O   1 
ATOM   818  N N   . LEU A 1 119 ? -11.096 -5.474  -11.758 1.00 61.71 ? 130 LEU A N   1 
ATOM   819  C CA  . LEU A 1 119 ? -12.150 -5.500  -12.764 1.00 64.56 ? 130 LEU A CA  1 
ATOM   820  C C   . LEU A 1 119 ? -13.416 -5.762  -11.944 1.00 66.52 ? 130 LEU A C   1 
ATOM   821  O O   . LEU A 1 119 ? -13.840 -4.890  -11.121 1.00 66.37 ? 130 LEU A O   1 
ATOM   822  C CB  . LEU A 1 119 ? -11.925 -6.580  -13.834 1.00 65.20 ? 130 LEU A CB  1 
ATOM   823  C CG  . LEU A 1 119 ? -12.402 -6.093  -15.216 1.00 65.27 ? 130 LEU A CG  1 
ATOM   824  C CD1 . LEU A 1 119 ? -12.979 -7.247  -16.047 1.00 65.83 ? 130 LEU A CD1 1 
ATOM   825  C CD2 . LEU A 1 119 ? -13.458 -4.997  -15.054 1.00 65.80 ? 130 LEU A CD2 1 
ATOM   826  N N   . PHE A 1 120 ? -14.006 -6.970  -12.103 1.00 68.16 ? 131 PHE A N   1 
ATOM   827  C CA  . PHE A 1 120 ? -15.108 -7.382  -11.234 1.00 69.80 ? 131 PHE A CA  1 
ATOM   828  C C   . PHE A 1 120 ? -14.608 -7.614  -9.787  1.00 69.95 ? 131 PHE A C   1 
ATOM   829  O O   . PHE A 1 120 ? -14.261 -6.647  -9.098  1.00 69.30 ? 131 PHE A O   1 
ATOM   830  C CB  . PHE A 1 120 ? -15.941 -8.545  -11.818 1.00 69.67 ? 131 PHE A CB  1 
ATOM   831  C CG  . PHE A 1 120 ? -15.260 -9.885  -11.788 1.00 70.00 ? 131 PHE A CG  1 
ATOM   832  C CD1 . PHE A 1 120 ? -13.989 -10.054 -12.316 1.00 70.13 ? 131 PHE A CD1 1 
ATOM   833  C CD2 . PHE A 1 120 ? -15.983 -11.033 -11.441 1.00 70.82 ? 131 PHE A CD2 1 
ATOM   834  C CE1 . PHE A 1 120 ? -13.400 -11.320 -12.381 1.00 70.73 ? 131 PHE A CE1 1 
ATOM   835  C CE2 . PHE A 1 120 ? -15.405 -12.298 -11.504 1.00 71.15 ? 131 PHE A CE2 1 
ATOM   836  C CZ  . PHE A 1 120 ? -14.099 -12.441 -11.966 1.00 70.57 ? 131 PHE A CZ  1 
ATOM   837  N N   . GLY A 1 121 ? -14.482 -8.873  -9.359  1.00 70.33 ? 132 GLY A N   1 
ATOM   838  C CA  . GLY A 1 121 ? -14.056 -9.173  -7.985  1.00 69.07 ? 132 GLY A CA  1 
ATOM   839  C C   . GLY A 1 121 ? -14.772 -8.300  -6.965  1.00 68.04 ? 132 GLY A C   1 
ATOM   840  O O   . GLY A 1 121 ? -14.643 -8.531  -5.766  1.00 67.02 ? 132 GLY A O   1 
ATOM   841  N N   . THR A 1 122 ? -15.736 -7.525  -7.476  1.00 68.77 ? 133 THR A N   1 
ATOM   842  C CA  . THR A 1 122 ? -16.484 -6.424  -6.789  1.00 68.48 ? 133 THR A CA  1 
ATOM   843  C C   . THR A 1 122 ? -15.679 -5.136  -6.657  1.00 66.47 ? 133 THR A C   1 
ATOM   844  O O   . THR A 1 122 ? -16.270 -4.042  -6.710  1.00 68.60 ? 133 THR A O   1 
ATOM   845  C CB  . THR A 1 122 ? -17.196 -6.765  -5.418  1.00 68.07 ? 133 THR A CB  1 
ATOM   846  O OG1 . THR A 1 122 ? -17.731 -5.557  -4.860  1.00 65.74 ? 133 THR A OG1 1 
ATOM   847  C CG2 . THR A 1 122 ? -16.242 -7.362  -4.404  1.00 67.97 ? 133 THR A CG2 1 
ATOM   848  N N   . LYS A 1 123 ? -14.345 -5.297  -6.678  1.00 62.64 ? 134 LYS A N   1 
ATOM   849  C CA  . LYS A 1 123 ? -13.351 -4.248  -6.425  1.00 59.02 ? 134 LYS A CA  1 
ATOM   850  C C   . LYS A 1 123 ? -12.628 -4.661  -5.156  1.00 56.58 ? 134 LYS A C   1 
ATOM   851  O O   . LYS A 1 123 ? -11.465 -4.287  -4.939  1.00 56.29 ? 134 LYS A O   1 
ATOM   852  C CB  . LYS A 1 123 ? -13.971 -2.857  -6.275  1.00 58.91 ? 134 LYS A CB  1 
ATOM   853  C CG  . LYS A 1 123 ? -14.955 -2.731  -5.116  1.00 57.93 ? 134 LYS A CG  1 
ATOM   854  C CD  . LYS A 1 123 ? -15.878 -1.522  -5.324  1.00 58.10 ? 134 LYS A CD  1 
ATOM   855  C CE  . LYS A 1 123 ? -16.991 -1.479  -4.243  1.00 58.60 ? 134 LYS A CE  1 
ATOM   856  N NZ  . LYS A 1 123 ? -17.827 -0.239  -4.265  1.00 58.11 ? 134 LYS A NZ  1 
ATOM   857  N N   . ALA A 1 124 ? -13.284 -5.561  -4.419  1.00 53.51 ? 135 ALA A N   1 
ATOM   858  C CA  . ALA A 1 124 ? -12.788 -6.178  -3.182  1.00 51.88 ? 135 ALA A CA  1 
ATOM   859  C C   . ALA A 1 124 ? -11.297 -6.505  -3.221  1.00 50.94 ? 135 ALA A C   1 
ATOM   860  O O   . ALA A 1 124 ? -10.726 -6.702  -4.284  1.00 50.65 ? 135 ALA A O   1 
ATOM   861  C CB  . ALA A 1 124 ? -13.583 -7.450  -2.878  1.00 50.88 ? 135 ALA A CB  1 
ATOM   862  N N   . ILE A 1 125 ? -10.643 -6.444  -2.068  1.00 50.00 ? 136 ILE A N   1 
ATOM   863  C CA  . ILE A 1 125 ? -9.246  -6.819  -2.005  1.00 47.23 ? 136 ILE A CA  1 
ATOM   864  C C   . ILE A 1 125 ? -9.358  -8.343  -1.893  1.00 47.85 ? 136 ILE A C   1 
ATOM   865  O O   . ILE A 1 125 ? -10.247 -8.834  -1.204  1.00 45.24 ? 136 ILE A O   1 
ATOM   866  C CB  . ILE A 1 125 ? -8.484  -6.190  -0.792  1.00 45.09 ? 136 ILE A CB  1 
ATOM   867  C CG1 . ILE A 1 125 ? -8.560  -4.653  -0.800  1.00 45.92 ? 136 ILE A CG1 1 
ATOM   868  C CG2 . ILE A 1 125 ? -7.039  -6.574  -0.851  1.00 44.06 ? 136 ILE A CG2 1 
ATOM   869  C CD1 . ILE A 1 125 ? -7.694  -4.018  -1.887  1.00 45.14 ? 136 ILE A CD1 1 
ATOM   870  N N   . LYS A 1 126 ? -8.554  -9.063  -2.691  1.00 49.28 ? 137 LYS A N   1 
ATOM   871  C CA  . LYS A 1 126 ? -8.597  -10.524 -2.786  1.00 48.37 ? 137 LYS A CA  1 
ATOM   872  C C   . LYS A 1 126 ? -7.386  -11.175 -2.108  1.00 47.54 ? 137 LYS A C   1 
ATOM   873  O O   . LYS A 1 126 ? -7.500  -12.276 -1.518  1.00 46.56 ? 137 LYS A O   1 
ATOM   874  C CB  . LYS A 1 126 ? -8.628  -10.970 -4.262  1.00 48.98 ? 137 LYS A CB  1 
ATOM   875  C CG  . LYS A 1 126 ? -9.975  -11.132 -4.921  1.00 49.64 ? 137 LYS A CG  1 
ATOM   876  C CD  . LYS A 1 126 ? -10.633 -9.805  -5.237  1.00 50.93 ? 137 LYS A CD  1 
ATOM   877  C CE  . LYS A 1 126 ? -10.029 -9.085  -6.443  1.00 51.09 ? 137 LYS A CE  1 
ATOM   878  N NZ  . LYS A 1 126 ? -10.876 -7.866  -6.818  1.00 50.11 ? 137 LYS A NZ  1 
ATOM   879  N N   . TRP A 1 127 ? -6.220  -10.539 -2.258  1.00 46.15 ? 138 TRP A N   1 
ATOM   880  C CA  . TRP A 1 127 ? -4.966  -11.107 -1.763  1.00 44.99 ? 138 TRP A CA  1 
ATOM   881  C C   . TRP A 1 127 ? -4.152  -10.210 -0.819  1.00 45.12 ? 138 TRP A C   1 
ATOM   882  O O   . TRP A 1 127 ? -4.257  -8.986  -0.831  1.00 44.63 ? 138 TRP A O   1 
ATOM   883  C CB  . TRP A 1 127 ? -4.059  -11.511 -2.959  1.00 46.94 ? 138 TRP A CB  1 
ATOM   884  C CG  . TRP A 1 127 ? -4.814  -11.949 -4.251  1.00 46.79 ? 138 TRP A CG  1 
ATOM   885  C CD1 . TRP A 1 127 ? -4.837  -11.291 -5.457  1.00 46.77 ? 138 TRP A CD1 1 
ATOM   886  C CD2 . TRP A 1 127 ? -5.660  -13.092 -4.409  1.00 46.61 ? 138 TRP A CD2 1 
ATOM   887  N NE1 . TRP A 1 127 ? -5.611  -11.983 -6.363  1.00 47.65 ? 138 TRP A NE1 1 
ATOM   888  C CE2 . TRP A 1 127 ? -6.161  -13.067 -5.730  1.00 46.95 ? 138 TRP A CE2 1 
ATOM   889  C CE3 . TRP A 1 127 ? -6.069  -14.118 -3.554  1.00 46.52 ? 138 TRP A CE3 1 
ATOM   890  C CZ2 . TRP A 1 127 ? -7.050  -14.020 -6.206  1.00 46.89 ? 138 TRP A CZ2 1 
ATOM   891  C CZ3 . TRP A 1 127 ? -6.973  -15.051 -4.027  1.00 46.92 ? 138 TRP A CZ3 1 
ATOM   892  C CH2 . TRP A 1 127 ? -7.430  -15.014 -5.348  1.00 46.95 ? 138 TRP A CH2 1 
ATOM   893  N N   . ASN A 1 128 ? -3.273  -10.835 -0.050  1.00 45.10 ? 139 ASN A N   1 
ATOM   894  C CA  . ASN A 1 128 ? -2.295  -10.093 0.710   1.00 46.07 ? 139 ASN A CA  1 
ATOM   895  C C   . ASN A 1 128 ? -1.254  -9.524  -0.239  1.00 44.94 ? 139 ASN A C   1 
ATOM   896  O O   . ASN A 1 128 ? -0.950  -10.143 -1.248  1.00 45.93 ? 139 ASN A O   1 
ATOM   897  C CB  . ASN A 1 128 ? -1.593  -11.010 1.702   1.00 46.41 ? 139 ASN A CB  1 
ATOM   898  C CG  . ASN A 1 128 ? -2.363  -11.182 2.978   1.00 46.58 ? 139 ASN A CG  1 
ATOM   899  O OD1 . ASN A 1 128 ? -3.106  -10.283 3.412   1.00 47.50 ? 139 ASN A OD1 1 
ATOM   900  N ND2 . ASN A 1 128 ? -2.056  -12.257 3.676   1.00 46.48 ? 139 ASN A ND2 1 
ATOM   901  N N   . PHE A 1 129 ? -0.688  -8.370  0.110   1.00 43.39 ? 140 PHE A N   1 
ATOM   902  C CA  . PHE A 1 129 ? 0.392   -7.766  -0.682  1.00 42.98 ? 140 PHE A CA  1 
ATOM   903  C C   . PHE A 1 129 ? -0.031  -7.285  -2.060  1.00 40.30 ? 140 PHE A C   1 
ATOM   904  O O   . PHE A 1 129 ? 0.768   -7.247  -2.992  1.00 36.53 ? 140 PHE A O   1 
ATOM   905  C CB  . PHE A 1 129 ? 1.639   -8.690  -0.761  1.00 45.10 ? 140 PHE A CB  1 
ATOM   906  C CG  . PHE A 1 129 ? 2.491   -8.656  0.482   1.00 44.16 ? 140 PHE A CG  1 
ATOM   907  C CD1 . PHE A 1 129 ? 3.282   -7.574  0.754   1.00 45.56 ? 140 PHE A CD1 1 
ATOM   908  C CD2 . PHE A 1 129 ? 2.510   -9.714  1.350   1.00 45.60 ? 140 PHE A CD2 1 
ATOM   909  C CE1 . PHE A 1 129 ? 3.944   -7.467  1.950   1.00 47.26 ? 140 PHE A CE1 1 
ATOM   910  C CE2 . PHE A 1 129 ? 3.320   -9.692  2.470   1.00 46.28 ? 140 PHE A CE2 1 
ATOM   911  C CZ  . PHE A 1 129 ? 4.040   -8.578  2.773   1.00 46.22 ? 140 PHE A CZ  1 
ATOM   912  N N   . THR A 1 130 ? -1.323  -7.006  -2.177  1.00 41.43 ? 141 THR A N   1 
ATOM   913  C CA  . THR A 1 130 ? -1.877  -6.204  -3.238  1.00 40.85 ? 141 THR A CA  1 
ATOM   914  C C   . THR A 1 130 ? -1.392  -4.814  -2.908  1.00 37.80 ? 141 THR A C   1 
ATOM   915  O O   . THR A 1 130 ? -1.292  -4.430  -1.758  1.00 41.99 ? 141 THR A O   1 
ATOM   916  C CB  . THR A 1 130 ? -3.420  -6.175  -3.181  1.00 40.46 ? 141 THR A CB  1 
ATOM   917  O OG1 . THR A 1 130 ? -3.924  -7.455  -3.518  1.00 42.67 ? 141 THR A OG1 1 
ATOM   918  C CG2 . THR A 1 130 ? -4.019  -5.132  -4.155  1.00 41.52 ? 141 THR A CG2 1 
ATOM   919  N N   . SER A 1 131 ? -1.019  -4.073  -3.924  1.00 41.99 ? 142 SER A N   1 
ATOM   920  C CA  . SER A 1 131 ? -0.571  -2.697  -3.743  1.00 41.75 ? 142 SER A CA  1 
ATOM   921  C C   . SER A 1 131 ? -1.219  -1.727  -4.752  1.00 41.14 ? 142 SER A C   1 
ATOM   922  O O   . SER A 1 131 ? -1.758  -2.131  -5.829  1.00 42.11 ? 142 SER A O   1 
ATOM   923  C CB  . SER A 1 131 ? 0.967   -2.569  -3.765  1.00 38.94 ? 142 SER A CB  1 
ATOM   924  O OG  . SER A 1 131 ? 1.552   -2.934  -5.015  1.00 40.35 ? 142 SER A OG  1 
ATOM   925  N N   . PHE A 1 132 ? -1.174  -0.474  -4.364  1.00 40.64 ? 143 PHE A N   1 
ATOM   926  C CA  . PHE A 1 132 ? -1.704  0.629   -5.077  1.00 41.50 ? 143 PHE A CA  1 
ATOM   927  C C   . PHE A 1 132 ? -0.596  1.582   -5.158  1.00 40.88 ? 143 PHE A C   1 
ATOM   928  O O   . PHE A 1 132 ? 0.004   1.895   -4.193  1.00 41.53 ? 143 PHE A O   1 
ATOM   929  C CB  . PHE A 1 132 ? -2.818  1.294   -4.289  1.00 43.69 ? 143 PHE A CB  1 
ATOM   930  C CG  . PHE A 1 132 ? -4.081  0.525   -4.260  1.00 45.62 ? 143 PHE A CG  1 
ATOM   931  C CD1 . PHE A 1 132 ? -4.952  0.565   -5.312  1.00 44.07 ? 143 PHE A CD1 1 
ATOM   932  C CD2 . PHE A 1 132 ? -4.403  -0.238  -3.195  1.00 45.13 ? 143 PHE A CD2 1 
ATOM   933  C CE1 . PHE A 1 132 ? -6.060  -0.121  -5.280  1.00 43.33 ? 143 PHE A CE1 1 
ATOM   934  C CE2 . PHE A 1 132 ? -5.501  -0.935  -3.194  1.00 43.37 ? 143 PHE A CE2 1 
ATOM   935  C CZ  . PHE A 1 132 ? -6.337  -0.870  -4.231  1.00 44.59 ? 143 PHE A CZ  1 
ATOM   936  N N   . LEU A 1 133 ? -0.363  2.099   -6.331  1.00 41.50 ? 144 LEU A N   1 
ATOM   937  C CA  . LEU A 1 133 ? 0.555   3.180   -6.485  1.00 42.78 ? 144 LEU A CA  1 
ATOM   938  C C   . LEU A 1 133 ? -0.092  4.536   -6.459  1.00 43.46 ? 144 LEU A C   1 
ATOM   939  O O   . LEU A 1 133 ? -1.078  4.763   -7.071  1.00 41.83 ? 144 LEU A O   1 
ATOM   940  C CB  . LEU A 1 133 ? 1.360   2.977   -7.739  1.00 42.27 ? 144 LEU A CB  1 
ATOM   941  C CG  . LEU A 1 133 ? 2.359   4.014   -8.161  1.00 41.97 ? 144 LEU A CG  1 
ATOM   942  C CD1 . LEU A 1 133 ? 3.544   3.982   -7.334  1.00 37.64 ? 144 LEU A CD1 1 
ATOM   943  C CD2 . LEU A 1 133 ? 2.682   3.748   -9.576  1.00 41.16 ? 144 LEU A CD2 1 
ATOM   944  N N   . ILE A 1 134 ? 0.485   5.418   -5.689  1.00 43.98 ? 145 ILE A N   1 
ATOM   945  C CA  . ILE A 1 134 ? -0.101  6.738   -5.504  1.00 44.53 ? 145 ILE A CA  1 
ATOM   946  C C   . ILE A 1 134 ? 0.813   7.768   -6.133  1.00 44.46 ? 145 ILE A C   1 
ATOM   947  O O   . ILE A 1 134 ? 2.030   7.662   -6.005  1.00 44.39 ? 145 ILE A O   1 
ATOM   948  C CB  . ILE A 1 134 ? -0.235  7.076   -3.995  1.00 44.66 ? 145 ILE A CB  1 
ATOM   949  C CG1 . ILE A 1 134 ? -0.834  5.871   -3.190  1.00 44.25 ? 145 ILE A CG1 1 
ATOM   950  C CG2 . ILE A 1 134 ? -0.970  8.387   -3.798  1.00 43.06 ? 145 ILE A CG2 1 
ATOM   951  C CD1 . ILE A 1 134 ? -2.162  5.326   -3.729  1.00 41.50 ? 145 ILE A CD1 1 
ATOM   952  N N   . ASP A 1 135 ? 0.237   8.751   -6.839  1.00 43.79 ? 146 ASP A N   1 
ATOM   953  C CA  . ASP A 1 135 ? 1.045   9.818   -7.445  1.00 44.26 ? 146 ASP A CA  1 
ATOM   954  C C   . ASP A 1 135 ? 1.388   10.976  -6.485  1.00 44.87 ? 146 ASP A C   1 
ATOM   955  O O   . ASP A 1 135 ? 1.084   10.931  -5.276  1.00 47.14 ? 146 ASP A O   1 
ATOM   956  C CB  . ASP A 1 135 ? 0.451   10.302  -8.800  1.00 45.50 ? 146 ASP A CB  1 
ATOM   957  C CG  . ASP A 1 135 ? -0.878  11.077  -8.661  1.00 46.78 ? 146 ASP A CG  1 
ATOM   958  O OD1 . ASP A 1 135 ? -1.282  11.504  -7.553  1.00 46.34 ? 146 ASP A OD1 1 
ATOM   959  O OD2 . ASP A 1 135 ? -1.481  11.352  -9.714  1.00 49.82 ? 146 ASP A OD2 1 
ATOM   960  N N   . ARG A 1 136 ? 2.129   11.950  -6.996  1.00 46.58 ? 147 ARG A N   1 
ATOM   961  C CA  . ARG A 1 136 ? 2.567   13.114  -6.219  1.00 48.28 ? 147 ARG A CA  1 
ATOM   962  C C   . ARG A 1 136 ? 1.390   13.914  -5.626  1.00 47.14 ? 147 ARG A C   1 
ATOM   963  O O   . ARG A 1 136 ? 1.555   14.641  -4.642  1.00 44.55 ? 147 ARG A O   1 
ATOM   964  C CB  . ARG A 1 136 ? 3.412   14.025  -7.120  1.00 48.83 ? 147 ARG A CB  1 
ATOM   965  C CG  . ARG A 1 136 ? 2.590   14.664  -8.236  1.00 50.38 ? 147 ARG A CG  1 
ATOM   966  C CD  . ARG A 1 136 ? 3.456   15.462  -9.227  1.00 52.60 ? 147 ARG A CD  1 
ATOM   967  N NE  . ARG A 1 136 ? 4.105   16.624  -8.608  1.00 55.33 ? 147 ARG A NE  1 
ATOM   968  C CZ  . ARG A 1 136 ? 5.313   16.551  -8.003  1.00 56.15 ? 147 ARG A CZ  1 
ATOM   969  N NH1 . ARG A 1 136 ? 6.038   15.360  -7.956  1.00 55.78 ? 147 ARG A NH1 1 
ATOM   970  N NH2 . ARG A 1 136 ? 5.800   17.667  -7.455  1.00 57.62 ? 147 ARG A NH2 1 
ATOM   971  N N   . HIS A 1 137 ? 0.226   13.817  -6.271  1.00 47.90 ? 148 HIS A N   1 
ATOM   972  C CA  . HIS A 1 137 ? -0.981  14.500  -5.811  1.00 48.81 ? 148 HIS A CA  1 
ATOM   973  C C   . HIS A 1 137 ? -1.795  13.643  -4.872  1.00 48.89 ? 148 HIS A C   1 
ATOM   974  O O   . HIS A 1 137 ? -2.902  14.035  -4.520  1.00 52.89 ? 148 HIS A O   1 
ATOM   975  C CB  . HIS A 1 137 ? -1.911  14.824  -6.973  1.00 49.22 ? 148 HIS A CB  1 
ATOM   976  C CG  . HIS A 1 137 ? -1.289  15.655  -8.044  1.00 50.70 ? 148 HIS A CG  1 
ATOM   977  N ND1 . HIS A 1 137 ? -0.816  15.115  -9.219  1.00 50.84 ? 148 HIS A ND1 1 
ATOM   978  C CD2 . HIS A 1 137 ? -1.139  16.996  -8.159  1.00 51.33 ? 148 HIS A CD2 1 
ATOM   979  C CE1 . HIS A 1 137 ? -0.334  16.078  -9.980  1.00 50.61 ? 148 HIS A CE1 1 
ATOM   980  N NE2 . HIS A 1 137 ? -0.494  17.227  -9.346  1.00 51.43 ? 148 HIS A NE2 1 
ATOM   981  N N   . GLY A 1 138 ? -1.386  12.393  -4.683  1.00 46.91 ? 149 GLY A N   1 
ATOM   982  C CA  . GLY A 1 138 ? -2.105  11.475  -3.812  1.00 44.13 ? 149 GLY A CA  1 
ATOM   983  C C   . GLY A 1 138 ? -3.251  10.727  -4.454  1.00 43.28 ? 149 GLY A C   1 
ATOM   984  O O   . GLY A 1 138 ? -4.118  10.169  -3.761  1.00 41.76 ? 149 GLY A O   1 
ATOM   985  N N   . VAL A 1 139 ? -3.230  10.653  -5.777  1.00 42.29 ? 150 VAL A N   1 
ATOM   986  C CA  . VAL A 1 139 ? -4.263  9.944   -6.538  1.00 42.21 ? 150 VAL A CA  1 
ATOM   987  C C   . VAL A 1 139 ? -3.763  8.503   -6.842  1.00 44.55 ? 150 VAL A C   1 
ATOM   988  O O   . VAL A 1 139 ? -2.583  8.315   -7.184  1.00 43.41 ? 150 VAL A O   1 
ATOM   989  C CB  . VAL A 1 139 ? -4.663  10.774  -7.847  1.00 43.17 ? 150 VAL A CB  1 
ATOM   990  C CG1 . VAL A 1 139 ? -5.780  10.097  -8.653  1.00 39.44 ? 150 VAL A CG1 1 
ATOM   991  C CG2 . VAL A 1 139 ? -5.083  12.185  -7.458  1.00 38.79 ? 150 VAL A CG2 1 
ATOM   992  N N   . PRO A 1 140 ? -4.569  7.473   -6.474  1.00 45.42 ? 151 PRO A N   1 
ATOM   993  C CA  . PRO A 1 140 ? -4.199  6.110   -6.888  1.00 46.47 ? 151 PRO A CA  1 
ATOM   994  C C   . PRO A 1 140 ? -4.238  5.977   -8.420  1.00 48.30 ? 151 PRO A C   1 
ATOM   995  O O   . PRO A 1 140 ? -5.288  6.163   -9.042  1.00 49.12 ? 151 PRO A O   1 
ATOM   996  C CB  . PRO A 1 140 ? -5.303  5.235   -6.294  1.00 46.31 ? 151 PRO A CB  1 
ATOM   997  C CG  . PRO A 1 140 ? -6.102  6.145   -5.347  1.00 44.51 ? 151 PRO A CG  1 
ATOM   998  C CD  . PRO A 1 140 ? -5.811  7.531   -5.674  1.00 44.33 ? 151 PRO A CD  1 
ATOM   999  N N   . VAL A 1 141 ? -3.115  5.611   -9.019  1.00 48.42 ? 152 VAL A N   1 
ATOM   1000 C CA  . VAL A 1 141 ? -3.053  5.430   -10.468 1.00 47.82 ? 152 VAL A CA  1 
ATOM   1001 C C   . VAL A 1 141 ? -2.800  3.990   -10.930 1.00 48.06 ? 152 VAL A C   1 
ATOM   1002 O O   . VAL A 1 141 ? -2.784  3.734   -12.105 1.00 49.06 ? 152 VAL A O   1 
ATOM   1003 C CB  . VAL A 1 141 ? -1.954  6.344   -11.090 1.00 47.26 ? 152 VAL A CB  1 
ATOM   1004 C CG1 . VAL A 1 141 ? -2.357  7.821   -10.991 1.00 47.48 ? 152 VAL A CG1 1 
ATOM   1005 C CG2 . VAL A 1 141 ? -0.572  6.095   -10.453 1.00 44.74 ? 152 VAL A CG2 1 
ATOM   1006 N N   . GLU A 1 142 ? -2.691  3.033   -10.018 1.00 49.40 ? 153 GLU A N   1 
ATOM   1007 C CA  . GLU A 1 142 ? -2.258  1.700   -10.397 1.00 49.43 ? 153 GLU A CA  1 
ATOM   1008 C C   . GLU A 1 142 ? -2.539  0.695   -9.287  1.00 48.05 ? 153 GLU A C   1 
ATOM   1009 O O   . GLU A 1 142 ? -2.406  1.004   -8.104  1.00 48.64 ? 153 GLU A O   1 
ATOM   1010 C CB  . GLU A 1 142 ? -0.747  1.759   -10.664 1.00 52.35 ? 153 GLU A CB  1 
ATOM   1011 C CG  . GLU A 1 142 ? -0.247  0.893   -11.796 1.00 54.15 ? 153 GLU A CG  1 
ATOM   1012 C CD  . GLU A 1 142 ? -0.882  1.259   -13.132 1.00 55.25 ? 153 GLU A CD  1 
ATOM   1013 O OE1 . GLU A 1 142 ? -0.609  2.363   -13.666 1.00 55.92 ? 153 GLU A OE1 1 
ATOM   1014 O OE2 . GLU A 1 142 ? -1.636  0.419   -13.657 1.00 55.04 ? 153 GLU A OE2 1 
ATOM   1015 N N   . ARG A 1 143 ? -3.034  -0.474  -9.641  1.00 44.93 ? 154 ARG A N   1 
ATOM   1016 C CA  . ARG A 1 143 ? -3.294  -1.484  -8.632  1.00 46.47 ? 154 ARG A CA  1 
ATOM   1017 C C   . ARG A 1 143 ? -2.481  -2.716  -9.017  1.00 48.81 ? 154 ARG A C   1 
ATOM   1018 O O   . ARG A 1 143 ? -2.563  -3.159  -10.152 1.00 49.33 ? 154 ARG A O   1 
ATOM   1019 C CB  . ARG A 1 143 ? -4.766  -1.816  -8.608  1.00 45.36 ? 154 ARG A CB  1 
ATOM   1020 C CG  . ARG A 1 143 ? -5.248  -2.646  -7.444  1.00 41.22 ? 154 ARG A CG  1 
ATOM   1021 C CD  . ARG A 1 143 ? -6.635  -3.083  -7.836  1.00 42.52 ? 154 ARG A CD  1 
ATOM   1022 N NE  . ARG A 1 143 ? -7.182  -4.128  -6.998  1.00 42.23 ? 154 ARG A NE  1 
ATOM   1023 C CZ  . ARG A 1 143 ? -8.305  -4.002  -6.285  1.00 44.02 ? 154 ARG A CZ  1 
ATOM   1024 N NH1 . ARG A 1 143 ? -9.123  -2.941  -6.474  1.00 40.05 ? 154 ARG A NH1 1 
ATOM   1025 N NH2 . ARG A 1 143 ? -8.739  -5.067  -5.585  1.00 43.77 ? 154 ARG A NH2 1 
ATOM   1026 N N   . PHE A 1 144 ? -1.574  -3.170  -8.148  1.00 49.53 ? 155 PHE A N   1 
ATOM   1027 C CA  . PHE A 1 144 ? -0.771  -4.354  -8.511  1.00 49.15 ? 155 PHE A CA  1 
ATOM   1028 C C   . PHE A 1 144 ? -1.177  -5.575  -7.730  1.00 49.38 ? 155 PHE A C   1 
ATOM   1029 O O   . PHE A 1 144 ? -1.569  -5.463  -6.587  1.00 51.44 ? 155 PHE A O   1 
ATOM   1030 C CB  . PHE A 1 144 ? 0.727   -4.122  -8.305  1.00 46.41 ? 155 PHE A CB  1 
ATOM   1031 C CG  . PHE A 1 144 ? 1.277   -2.976  -9.102  1.00 46.70 ? 155 PHE A CG  1 
ATOM   1032 C CD1 . PHE A 1 144 ? 1.348   -1.701  -8.551  1.00 46.59 ? 155 PHE A CD1 1 
ATOM   1033 C CD2 . PHE A 1 144 ? 1.718   -3.164  -10.386 1.00 44.92 ? 155 PHE A CD2 1 
ATOM   1034 C CE1 . PHE A 1 144 ? 1.980   -0.686  -9.220  1.00 45.18 ? 155 PHE A CE1 1 
ATOM   1035 C CE2 . PHE A 1 144 ? 2.243   -2.112  -11.085 1.00 46.24 ? 155 PHE A CE2 1 
ATOM   1036 C CZ  . PHE A 1 144 ? 2.354   -0.866  -10.497 1.00 44.92 ? 155 PHE A CZ  1 
ATOM   1037 N N   . SER A 1 145 ? -1.043  -6.737  -8.356  1.00 50.29 ? 156 SER A N   1 
ATOM   1038 C CA  . SER A 1 145 ? -1.246  -8.011  -7.708  1.00 49.87 ? 156 SER A CA  1 
ATOM   1039 C C   . SER A 1 145 ? 0.017   -8.314  -6.931  1.00 49.73 ? 156 SER A C   1 
ATOM   1040 O O   . SER A 1 145 ? 1.042   -7.678  -7.164  1.00 48.96 ? 156 SER A O   1 
ATOM   1041 C CB  . SER A 1 145 ? -1.429  -9.064  -8.775  1.00 50.90 ? 156 SER A CB  1 
ATOM   1042 O OG  . SER A 1 145 ? -0.556  -8.769  -9.838  1.00 51.51 ? 156 SER A OG  1 
ATOM   1043 N N   . PRO A 1 146 ? -0.075  -9.229  -5.943  1.00 49.23 ? 157 PRO A N   1 
ATOM   1044 C CA  . PRO A 1 146 ? 1.017   -9.637  -5.044  1.00 45.71 ? 157 PRO A CA  1 
ATOM   1045 C C   . PRO A 1 146 ? 2.228   -10.218 -5.768  1.00 44.24 ? 157 PRO A C   1 
ATOM   1046 O O   . PRO A 1 146 ? 3.346   -10.190 -5.243  1.00 43.52 ? 157 PRO A O   1 
ATOM   1047 C CB  . PRO A 1 146 ? 0.388   -10.719 -4.166  1.00 46.87 ? 157 PRO A CB  1 
ATOM   1048 C CG  . PRO A 1 146 ? -0.972  -10.977 -4.699  1.00 49.95 ? 157 PRO A CG  1 
ATOM   1049 C CD  . PRO A 1 146 ? -1.367  -9.849  -5.597  1.00 50.27 ? 157 PRO A CD  1 
ATOM   1050 N N   . GLY A 1 147 ? 2.002   -10.686 -6.987  1.00 42.54 ? 158 GLY A N   1 
ATOM   1051 C CA  . GLY A 1 147 ? 3.020   -11.354 -7.786  1.00 40.41 ? 158 GLY A CA  1 
ATOM   1052 C C   . GLY A 1 147 ? 3.623   -10.443 -8.828  1.00 42.07 ? 158 GLY A C   1 
ATOM   1053 O O   . GLY A 1 147 ? 4.414   -10.895 -9.660  1.00 43.06 ? 158 GLY A O   1 
ATOM   1054 N N   . ALA A 1 148 ? 3.281   -9.153  -8.778  1.00 41.83 ? 159 ALA A N   1 
ATOM   1055 C CA  . ALA A 1 148 ? 3.853   -8.186  -9.727  1.00 43.07 ? 159 ALA A CA  1 
ATOM   1056 C C   . ALA A 1 148 ? 5.326   -8.079  -9.427  1.00 42.88 ? 159 ALA A C   1 
ATOM   1057 O O   . ALA A 1 148 ? 5.687   -8.039  -8.277  1.00 46.38 ? 159 ALA A O   1 
ATOM   1058 C CB  . ALA A 1 148 ? 3.205   -6.832  -9.556  1.00 43.56 ? 159 ALA A CB  1 
ATOM   1059 N N   . SER A 1 149 ? 6.192   -8.041  -10.429 1.00 41.67 ? 160 SER A N   1 
ATOM   1060 C CA  . SER A 1 149 ? 7.623   -7.923  -10.127 1.00 41.72 ? 160 SER A CA  1 
ATOM   1061 C C   . SER A 1 149 ? 8.079   -6.495  -9.760  1.00 41.38 ? 160 SER A C   1 
ATOM   1062 O O   . SER A 1 149 ? 7.294   -5.544  -9.791  1.00 42.42 ? 160 SER A O   1 
ATOM   1063 C CB  . SER A 1 149 ? 8.446   -8.434  -11.307 1.00 41.80 ? 160 SER A CB  1 
ATOM   1064 O OG  . SER A 1 149 ? 8.061   -7.766  -12.492 1.00 42.02 ? 160 SER A OG  1 
ATOM   1065 N N   . VAL A 1 150 ? 9.334   -6.364  -9.350  1.00 41.30 ? 161 VAL A N   1 
ATOM   1066 C CA  . VAL A 1 150 ? 9.937   -5.052  -9.134  1.00 40.71 ? 161 VAL A CA  1 
ATOM   1067 C C   . VAL A 1 150 ? 9.884   -4.221  -10.425 1.00 41.72 ? 161 VAL A C   1 
ATOM   1068 O O   . VAL A 1 150 ? 9.420   -3.073  -10.412 1.00 41.37 ? 161 VAL A O   1 
ATOM   1069 C CB  . VAL A 1 150 ? 11.401  -5.192  -8.707  1.00 39.55 ? 161 VAL A CB  1 
ATOM   1070 C CG1 . VAL A 1 150 ? 12.155  -3.909  -8.933  1.00 39.50 ? 161 VAL A CG1 1 
ATOM   1071 C CG2 . VAL A 1 150 ? 11.485  -5.623  -7.266  1.00 39.12 ? 161 VAL A CG2 1 
ATOM   1072 N N   . GLU A 1 151 ? 10.308  -4.827  -11.536 1.00 42.41 ? 162 GLU A N   1 
ATOM   1073 C CA  . GLU A 1 151 ? 10.310  -4.158  -12.834 1.00 45.53 ? 162 GLU A CA  1 
ATOM   1074 C C   . GLU A 1 151 ? 8.919   -3.734  -13.248 1.00 45.83 ? 162 GLU A C   1 
ATOM   1075 O O   . GLU A 1 151 ? 8.747   -2.682  -13.862 1.00 45.53 ? 162 GLU A O   1 
ATOM   1076 C CB  . GLU A 1 151 ? 10.895  -5.038  -13.954 1.00 46.61 ? 162 GLU A CB  1 
ATOM   1077 C CG  . GLU A 1 151 ? 12.324  -4.713  -14.423 1.00 49.53 ? 162 GLU A CG  1 
ATOM   1078 C CD  . GLU A 1 151 ? 13.414  -5.238  -13.481 1.00 52.11 ? 162 GLU A CD  1 
ATOM   1079 O OE1 . GLU A 1 151 ? 14.379  -5.917  -13.964 1.00 51.31 ? 162 GLU A OE1 1 
ATOM   1080 O OE2 . GLU A 1 151 ? 13.269  -5.021  -12.250 1.00 52.35 ? 162 GLU A OE2 1 
ATOM   1081 N N   . ASP A 1 152 ? 7.947   -4.614  -13.034 1.00 46.33 ? 163 ASP A N   1 
ATOM   1082 C CA  . ASP A 1 152 ? 6.598   -4.305  -13.449 1.00 45.98 ? 163 ASP A CA  1 
ATOM   1083 C C   . ASP A 1 152 ? 6.052   -3.085  -12.747 1.00 44.66 ? 163 ASP A C   1 
ATOM   1084 O O   . ASP A 1 152 ? 5.358   -2.272  -13.371 1.00 40.77 ? 163 ASP A O   1 
ATOM   1085 C CB  . ASP A 1 152 ? 5.669   -5.521  -13.396 1.00 48.20 ? 163 ASP A CB  1 
ATOM   1086 C CG  . ASP A 1 152 ? 5.683   -6.294  -14.709 1.00 52.32 ? 163 ASP A CG  1 
ATOM   1087 O OD1 . ASP A 1 152 ? 5.717   -5.650  -15.795 1.00 53.69 ? 163 ASP A OD1 1 
ATOM   1088 O OD2 . ASP A 1 152 ? 5.654   -7.541  -14.673 1.00 53.99 ? 163 ASP A OD2 1 
ATOM   1089 N N   . ILE A 1 153 ? 6.492   -2.888  -11.499 1.00 44.15 ? 164 ILE A N   1 
ATOM   1090 C CA  . ILE A 1 153 ? 6.109   -1.700  -10.722 1.00 43.31 ? 164 ILE A CA  1 
ATOM   1091 C C   . ILE A 1 153 ? 6.906   -0.459  -11.204 1.00 44.60 ? 164 ILE A C   1 
ATOM   1092 O O   . ILE A 1 153 ? 6.351   0.647   -11.261 1.00 43.45 ? 164 ILE A O   1 
ATOM   1093 C CB  . ILE A 1 153 ? 6.230   -1.921  -9.175  1.00 42.42 ? 164 ILE A CB  1 
ATOM   1094 C CG1 . ILE A 1 153 ? 5.235   -3.010  -8.735  1.00 40.86 ? 164 ILE A CG1 1 
ATOM   1095 C CG2 . ILE A 1 153 ? 6.091   -0.549  -8.397  1.00 40.85 ? 164 ILE A CG2 1 
ATOM   1096 C CD1 . ILE A 1 153 ? 5.151   -3.267  -7.286  1.00 41.76 ? 164 ILE A CD1 1 
ATOM   1097 N N   . GLU A 1 154 ? 8.144   -0.672  -11.660 1.00 42.13 ? 165 GLU A N   1 
ATOM   1098 C CA  . GLU A 1 154 ? 9.003   0.431   -12.111 1.00 43.74 ? 165 GLU A CA  1 
ATOM   1099 C C   . GLU A 1 154 ? 8.536   1.107   -13.421 1.00 46.33 ? 165 GLU A C   1 
ATOM   1100 O O   . GLU A 1 154 ? 8.729   2.317   -13.615 1.00 45.40 ? 165 GLU A O   1 
ATOM   1101 C CB  . GLU A 1 154 ? 10.473  -0.010  -12.176 1.00 39.40 ? 165 GLU A CB  1 
ATOM   1102 C CG  . GLU A 1 154 ? 11.125  -0.067  -10.789 1.00 38.17 ? 165 GLU A CG  1 
ATOM   1103 C CD  . GLU A 1 154 ? 12.456  -0.761  -10.803 1.00 36.62 ? 165 GLU A CD  1 
ATOM   1104 O OE1 . GLU A 1 154 ? 12.641  -1.643  -11.644 1.00 36.10 ? 165 GLU A OE1 1 
ATOM   1105 O OE2 . GLU A 1 154 ? 13.314  -0.461  -9.957  1.00 37.15 ? 165 GLU A OE2 1 
ATOM   1106 N N   . LYS A 1 155 ? 7.975   0.301   -14.327 1.00 48.84 ? 166 LYS A N   1 
ATOM   1107 C CA  . LYS A 1 155 ? 7.353   0.786   -15.541 1.00 49.96 ? 166 LYS A CA  1 
ATOM   1108 C C   . LYS A 1 155 ? 6.409   1.968   -15.251 1.00 48.57 ? 166 LYS A C   1 
ATOM   1109 O O   . LYS A 1 155 ? 6.424   2.961   -15.976 1.00 48.58 ? 166 LYS A O   1 
ATOM   1110 C CB  . LYS A 1 155 ? 6.576   -0.340  -16.248 1.00 50.78 ? 166 LYS A CB  1 
ATOM   1111 C CG  . LYS A 1 155 ? 7.345   -1.167  -17.255 1.00 52.67 ? 166 LYS A CG  1 
ATOM   1112 C CD  . LYS A 1 155 ? 6.380   -2.103  -18.026 1.00 53.26 ? 166 LYS A CD  1 
ATOM   1113 C CE  . LYS A 1 155 ? 5.473   -1.381  -19.061 1.00 54.09 ? 166 LYS A CE  1 
ATOM   1114 N NZ  . LYS A 1 155 ? 5.865   -1.532  -20.527 1.00 53.62 ? 166 LYS A NZ  1 
ATOM   1115 N N   . LYS A 1 156 ? 5.532   1.832   -14.254 1.00 48.19 ? 167 LYS A N   1 
ATOM   1116 C CA  . LYS A 1 156 ? 4.610   2.925   -13.862 1.00 47.30 ? 167 LYS A CA  1 
ATOM   1117 C C   . LYS A 1 156 ? 5.201   3.973   -12.877 1.00 46.16 ? 167 LYS A C   1 
ATOM   1118 O O   . LYS A 1 156 ? 4.934   5.172   -12.991 1.00 47.19 ? 167 LYS A O   1 
ATOM   1119 C CB  . LYS A 1 156 ? 3.326   2.349   -13.267 1.00 47.72 ? 167 LYS A CB  1 
ATOM   1120 C CG  . LYS A 1 156 ? 2.788   1.117   -13.965 1.00 48.85 ? 167 LYS A CG  1 
ATOM   1121 C CD  . LYS A 1 156 ? 2.388   1.361   -15.437 1.00 48.73 ? 167 LYS A CD  1 
ATOM   1122 C CE  . LYS A 1 156 ? 1.521   0.131   -15.964 1.00 48.38 ? 167 LYS A CE  1 
ATOM   1123 N NZ  . LYS A 1 156 ? 1.111   0.302   -17.471 1.00 49.04 ? 167 LYS A NZ  1 
ATOM   1124 N N   . LEU A 1 157 ? 6.056   3.515   -11.963 1.00 45.32 ? 168 LEU A N   1 
ATOM   1125 C CA  . LEU A 1 157 ? 6.686   4.355   -10.932 1.00 43.95 ? 168 LEU A CA  1 
ATOM   1126 C C   . LEU A 1 157 ? 7.788   5.343   -11.395 1.00 43.42 ? 168 LEU A C   1 
ATOM   1127 O O   . LEU A 1 157 ? 7.793   6.505   -10.964 1.00 42.23 ? 168 LEU A O   1 
ATOM   1128 C CB  . LEU A 1 157 ? 7.172   3.451   -9.796  1.00 43.34 ? 168 LEU A CB  1 
ATOM   1129 C CG  . LEU A 1 157 ? 7.652   3.960   -8.424  1.00 44.42 ? 168 LEU A CG  1 
ATOM   1130 C CD1 . LEU A 1 157 ? 9.071   3.512   -8.064  1.00 44.56 ? 168 LEU A CD1 1 
ATOM   1131 C CD2 . LEU A 1 157 ? 7.429   5.448   -8.252  1.00 40.75 ? 168 LEU A CD2 1 
ATOM   1132 N N   . LEU A 1 158 ? 8.713   4.917   -12.257 1.00 41.85 ? 169 LEU A N   1 
ATOM   1133 C CA  . LEU A 1 158 ? 9.794   5.818   -12.721 1.00 40.89 ? 169 LEU A CA  1 
ATOM   1134 C C   . LEU A 1 158 ? 9.357   7.133   -13.431 1.00 39.93 ? 169 LEU A C   1 
ATOM   1135 O O   . LEU A 1 158 ? 10.124  8.119   -13.422 1.00 38.61 ? 169 LEU A O   1 
ATOM   1136 C CB  . LEU A 1 158 ? 10.823  5.047   -13.557 1.00 40.02 ? 169 LEU A CB  1 
ATOM   1137 C CG  . LEU A 1 158 ? 11.563  3.972   -12.730 1.00 39.20 ? 169 LEU A CG  1 
ATOM   1138 C CD1 . LEU A 1 158 ? 12.145  2.907   -13.708 1.00 38.15 ? 169 LEU A CD1 1 
ATOM   1139 C CD2 . LEU A 1 158 ? 12.662  4.640   -11.889 1.00 38.93 ? 169 LEU A CD2 1 
ATOM   1140 N N   . PRO A 1 159 ? 8.228   7.112   -14.177 1.00 39.20 ? 170 PRO A N   1 
ATOM   1141 C CA  . PRO A 1 159 ? 7.685   8.406   -14.620 1.00 39.61 ? 170 PRO A CA  1 
ATOM   1142 C C   . PRO A 1 159 ? 6.881   9.196   -13.540 1.00 40.14 ? 170 PRO A C   1 
ATOM   1143 O O   . PRO A 1 159 ? 6.216   10.176  -13.903 1.00 42.09 ? 170 PRO A O   1 
ATOM   1144 C CB  . PRO A 1 159 ? 6.755   8.034   -15.795 1.00 39.03 ? 170 PRO A CB  1 
ATOM   1145 C CG  . PRO A 1 159 ? 6.995   6.597   -16.090 1.00 38.00 ? 170 PRO A CG  1 
ATOM   1146 C CD  . PRO A 1 159 ? 7.535   5.979   -14.819 1.00 38.50 ? 170 PRO A CD  1 
ATOM   1147 N N   . LEU A 1 160 ? 6.919   8.770   -12.265 1.00 38.91 ? 171 LEU A N   1 
ATOM   1148 C CA  . LEU A 1 160 ? 6.303   9.501   -11.130 1.00 38.32 ? 171 LEU A CA  1 
ATOM   1149 C C   . LEU A 1 160 ? 7.352   10.135  -10.187 1.00 38.24 ? 171 LEU A C   1 
ATOM   1150 O O   . LEU A 1 160 ? 6.985   10.935  -9.259  1.00 41.24 ? 171 LEU A O   1 
ATOM   1151 C CB  . LEU A 1 160 ? 5.313   8.623   -10.307 1.00 37.33 ? 171 LEU A CB  1 
ATOM   1152 C CG  . LEU A 1 160 ? 4.018   8.074   -10.921 1.00 36.93 ? 171 LEU A CG  1 
ATOM   1153 C CD1 . LEU A 1 160 ? 3.074   7.390   -9.936  1.00 37.63 ? 171 LEU A CD1 1 
ATOM   1154 C CD2 . LEU A 1 160 ? 3.277   9.198   -11.624 1.00 39.37 ? 171 LEU A CD2 1 
ATOM   1155 N N   . LEU A 1 161 ? 8.601   9.702   -10.284 1.00 40.17 ? 172 LEU A N   1 
ATOM   1156 C CA  . LEU A 1 161 ? 9.693   10.236  -9.476  1.00 43.80 ? 172 LEU A CA  1 
ATOM   1157 C C   . LEU A 1 161 ? 10.284  11.479  -10.169 1.00 48.77 ? 172 LEU A C   1 
ATOM   1158 O O   . LEU A 1 161 ? 11.497  11.557  -10.453 1.00 48.94 ? 172 LEU A O   1 
ATOM   1159 C CB  . LEU A 1 161 ? 10.772  9.169   -9.325  1.00 42.74 ? 172 LEU A CB  1 
ATOM   1160 C CG  . LEU A 1 161 ? 10.476  7.933   -8.466  1.00 42.35 ? 172 LEU A CG  1 
ATOM   1161 C CD1 . LEU A 1 161 ? 11.333  6.740   -8.910  1.00 40.97 ? 172 LEU A CD1 1 
ATOM   1162 C CD2 . LEU A 1 161 ? 10.732  8.276   -7.011  1.00 42.11 ? 172 LEU A CD2 1 
ATOM   1163 N N   . GLY A 1 162 ? 9.385   12.398  -10.514 1.00 52.10 ? 173 GLY A N   1 
ATOM   1164 C CA  . GLY A 1 162 ? 9.668   13.640  -11.224 1.00 55.95 ? 173 GLY A CA  1 
ATOM   1165 C C   . GLY A 1 162 ? 8.293   14.260  -11.325 1.00 58.76 ? 173 GLY A C   1 
ATOM   1166 O O   . GLY A 1 162 ? 8.118   15.420  -11.728 1.00 60.16 ? 173 GLY A O   1 
ATOM   1167 N N   . GLY A 1 163 ? 7.297   13.448  -10.933 1.00 62.32 ? 174 GLY A N   1 
ATOM   1168 C CA  . GLY A 1 163 ? 5.892   13.831  -10.819 1.00 66.02 ? 174 GLY A CA  1 
ATOM   1169 C C   . GLY A 1 163 ? 4.953   13.415  -11.941 1.00 68.40 ? 174 GLY A C   1 
ATOM   1170 O O   . GLY A 1 163 ? 3.862   12.900  -11.695 1.00 69.52 ? 174 GLY A O   1 
ATOM   1171 N N   . ALA A 1 164 ? 5.417   13.579  -13.174 1.00 70.08 ? 175 ALA A N   1 
ATOM   1172 C CA  . ALA A 1 164 ? 4.585   13.438  -14.360 1.00 71.15 ? 175 ALA A CA  1 
ATOM   1173 C C   . ALA A 1 164 ? 4.421   14.870  -14.813 1.00 72.26 ? 175 ALA A C   1 
ATOM   1174 O O   . ALA A 1 164 ? 3.369   15.472  -14.589 1.00 73.94 ? 175 ALA A O   1 
ATOM   1175 C CB  . ALA A 1 164 ? 3.234   12.835  -14.028 1.00 70.18 ? 175 ALA A CB  1 
ATOM   1176 N N   . ARG A 1 165 ? 5.512   15.455  -15.315 1.00 72.57 ? 176 ARG A N   1 
ATOM   1177 C CA  . ARG A 1 165 ? 5.516   16.871  -15.682 1.00 72.82 ? 176 ARG A CA  1 
ATOM   1178 C C   . ARG A 1 165 ? 6.891   17.377  -16.169 1.00 73.08 ? 176 ARG A C   1 
ATOM   1179 O O   . ARG A 1 165 ? 7.772   16.588  -16.547 1.00 73.16 ? 176 ARG A O   1 
ATOM   1180 C CB  . ARG A 1 165 ? 5.033   17.710  -14.489 1.00 72.65 ? 176 ARG A CB  1 
ATOM   1181 C CG  . ARG A 1 165 ? 5.976   17.671  -13.283 1.00 72.59 ? 176 ARG A CG  1 
ATOM   1182 C CD  . ARG A 1 165 ? 5.452   18.510  -12.127 1.00 72.38 ? 176 ARG A CD  1 
ATOM   1183 N NE  . ARG A 1 165 ? 6.533   19.230  -11.454 1.00 71.57 ? 176 ARG A NE  1 
ATOM   1184 C CZ  . ARG A 1 165 ? 6.997   20.426  -11.835 1.00 70.47 ? 176 ARG A CZ  1 
ATOM   1185 N NH1 . ARG A 1 165 ? 6.475   21.021  -12.900 1.00 69.94 ? 176 ARG A NH1 1 
ATOM   1186 N NH2 . ARG A 1 165 ? 7.978   21.022  -11.170 1.00 69.73 ? 176 ARG A NH2 1 
ATOM   1187 N N   . ILE A 1 166 ? 7.062   18.694  -16.155 1.00 72.91 ? 177 ILE A N   1 
ATOM   1188 C CA  . ILE A 1 166 ? 8.296   19.312  -16.629 1.00 72.67 ? 177 ILE A CA  1 
ATOM   1189 C C   . ILE A 1 166 ? 8.669   18.801  -18.017 1.00 72.47 ? 177 ILE A C   1 
ATOM   1190 O O   . ILE A 1 166 ? 9.610   19.296  -18.639 1.00 72.51 ? 177 ILE A O   1 
ATOM   1191 C CB  . ILE A 1 166 ? 9.466   19.048  -15.664 1.00 72.61 ? 177 ILE A CB  1 
ATOM   1192 C CG1 . ILE A 1 166 ? 9.767   17.549  -15.586 1.00 72.78 ? 177 ILE A CG1 1 
ATOM   1193 C CG2 . ILE A 1 166 ? 9.155   19.605  -14.284 1.00 72.52 ? 177 ILE A CG2 1 
ATOM   1194 C CD1 . ILE A 1 166 ? 10.152  16.935  -16.915 1.00 72.01 ? 177 ILE A CD1 1 
HETATM 1195 N N   . NH4 B 2 .   ? -4.066  2.244   10.042  1.00 23.00 ? 1   NH4 A N   1 
HETATM 1196 C C1  . GOL C 3 .   ? -6.464  -9.170  -7.686  1.00 57.09 ? 178 GOL A C1  1 
HETATM 1197 O O1  . GOL C 3 .   ? -5.267  -9.305  -8.424  1.00 57.56 ? 178 GOL A O1  1 
HETATM 1198 C C2  . GOL C 3 .   ? -6.466  -7.768  -7.121  1.00 56.84 ? 178 GOL A C2  1 
HETATM 1199 O O2  . GOL C 3 .   ? -6.651  -6.857  -8.173  1.00 58.87 ? 178 GOL A O2  1 
HETATM 1200 C C3  . GOL C 3 .   ? -7.495  -7.632  -6.017  1.00 56.96 ? 178 GOL A C3  1 
HETATM 1201 O O3  . GOL C 3 .   ? -6.877  -7.733  -4.723  1.00 57.77 ? 178 GOL A O3  1 
HETATM 1202 C C1  . GOL D 3 .   ? 8.445   -17.543 7.180   1.00 72.87 ? 179 GOL A C1  1 
HETATM 1203 O O1  . GOL D 3 .   ? 7.831   -18.222 6.094   1.00 71.87 ? 179 GOL A O1  1 
HETATM 1204 C C2  . GOL D 3 .   ? 7.368   -16.759 7.929   1.00 74.03 ? 179 GOL A C2  1 
HETATM 1205 O O2  . GOL D 3 .   ? 6.145   -17.443 7.790   1.00 73.16 ? 179 GOL A O2  1 
HETATM 1206 C C3  . GOL D 3 .   ? 7.715   -16.689 9.410   1.00 74.53 ? 179 GOL A C3  1 
HETATM 1207 O O3  . GOL D 3 .   ? 9.114   -16.567 9.542   1.00 75.92 ? 179 GOL A O3  1 
HETATM 1208 O O   . HOH E 4 .   ? 4.408   -5.959  -5.083  1.00 38.34 ? 180 HOH A O   1 
HETATM 1209 O O   . HOH E 4 .   ? -3.462  13.634  4.809   1.00 33.46 ? 181 HOH A O   1 
HETATM 1210 O O   . HOH E 4 .   ? 10.605  -8.309  -14.467 1.00 59.15 ? 182 HOH A O   1 
HETATM 1211 O O   . HOH E 4 .   ? -8.804  15.025  -7.764  1.00 67.15 ? 183 HOH A O   1 
HETATM 1212 O O   . HOH E 4 .   ? 9.879   3.033   8.631   1.00 41.95 ? 184 HOH A O   1 
HETATM 1213 O O   . HOH E 4 .   ? -4.954  -6.472  -9.955  1.00 68.44 ? 185 HOH A O   1 
HETATM 1214 O O   . HOH E 4 .   ? -6.004  -15.462 -0.910  1.00 59.11 ? 186 HOH A O   1 
HETATM 1215 O O   . HOH E 4 .   ? -3.839  -14.261 -0.200  1.00 55.88 ? 187 HOH A O   1 
HETATM 1216 O O   . HOH E 4 .   ? -3.104  2.807   20.925  1.00 55.63 ? 188 HOH A O   1 
HETATM 1217 O O   . HOH E 4 .   ? -0.386  -1.580  15.556  1.00 46.88 ? 189 HOH A O   1 
HETATM 1218 O O   . HOH E 4 .   ? -2.648  14.944  -13.525 1.00 61.90 ? 190 HOH A O   1 
HETATM 1219 O O   . HOH E 4 .   ? 7.186   -11.728 -6.961  1.00 42.94 ? 191 HOH A O   1 
HETATM 1220 O O   . HOH E 4 .   ? 3.695   -14.227 -7.785  1.00 67.35 ? 192 HOH A O   1 
HETATM 1221 O O   . HOH E 4 .   ? -6.085  1.920   15.102  1.00 62.46 ? 193 HOH A O   1 
HETATM 1222 O O   . HOH E 4 .   ? 1.302   12.292  -10.380 1.00 71.30 ? 194 HOH A O   1 
HETATM 1223 O O   . HOH E 4 .   ? -0.896  9.074   -13.331 1.00 59.71 ? 195 HOH A O   1 
HETATM 1224 O O   . HOH E 4 .   ? 4.378   -18.532 6.780   1.00 48.88 ? 196 HOH A O   1 
HETATM 1225 O O   . HOH E 4 .   ? 7.095   7.424   8.163   1.00 46.88 ? 197 HOH A O   1 
HETATM 1226 O O   . HOH E 4 .   ? -12.573 -10.698 8.223   1.00 56.27 ? 198 HOH A O   1 
HETATM 1227 O O   . HOH E 4 .   ? -2.557  13.353  10.990  1.00 37.51 ? 199 HOH A O   1 
HETATM 1228 O O   . HOH E 4 .   ? 3.382   -12.674 -0.656  1.00 61.63 ? 200 HOH A O   1 
HETATM 1229 O O   . HOH E 4 .   ? 3.427   8.738   16.604  1.00 67.37 ? 201 HOH A O   1 
HETATM 1230 O O   . HOH E 4 .   ? 8.138   -5.817  -16.762 1.00 51.01 ? 202 HOH A O   1 
HETATM 1231 O O   . HOH E 4 .   ? -3.268  -8.445  15.490  1.00 52.11 ? 203 HOH A O   1 
HETATM 1232 O O   . HOH E 4 .   ? 10.933  5.293   7.874   1.00 51.18 ? 204 HOH A O   1 
HETATM 1233 O O   . HOH E 4 .   ? -4.140  12.177  7.122   1.00 35.62 ? 205 HOH A O   1 
HETATM 1234 O O   . HOH E 4 .   ? -6.002  3.035   -13.726 1.00 58.52 ? 206 HOH A O   1 
HETATM 1235 O O   . HOH E 4 .   ? -2.406  -6.165  15.985  1.00 51.17 ? 207 HOH A O   1 
HETATM 1236 O O   . HOH E 4 .   ? -6.288  3.453   11.240  1.00 32.09 ? 208 HOH A O   1 
HETATM 1237 O O   . HOH E 4 .   ? -6.165  4.246   18.578  1.00 58.61 ? 209 HOH A O   1 
HETATM 1238 O O   . HOH E 4 .   ? 6.202   1.172   11.701  1.00 39.41 ? 210 HOH A O   1 
HETATM 1239 O O   . HOH E 4 .   ? 2.821   9.928   -14.549 1.00 69.51 ? 211 HOH A O   1 
HETATM 1240 O O   . HOH E 4 .   ? -10.532 -8.669  14.893  1.00 56.03 ? 212 HOH A O   1 
HETATM 1241 O O   . HOH E 4 .   ? 1.373   -21.158 2.032   1.00 62.36 ? 213 HOH A O   1 
HETATM 1242 O O   . HOH E 4 .   ? -1.863  -3.937  -12.655 1.00 53.04 ? 214 HOH A O   1 
HETATM 1243 O O   . HOH E 4 .   ? 0.156   19.085  5.474   1.00 62.57 ? 215 HOH A O   1 
HETATM 1244 O O   . HOH E 4 .   ? 0.808   4.615   -13.887 1.00 59.27 ? 216 HOH A O   1 
HETATM 1245 O O   . HOH E 4 .   ? 4.045   3.087   12.318  1.00 38.61 ? 217 HOH A O   1 
HETATM 1246 O O   . HOH E 4 .   ? -11.195 -8.144  10.742  1.00 45.27 ? 218 HOH A O   1 
HETATM 1247 O O   . HOH E 4 .   ? -11.029 -0.697  9.541   1.00 38.89 ? 219 HOH A O   1 
HETATM 1248 O O   . HOH E 4 .   ? -14.691 -5.019  8.122   1.00 44.88 ? 220 HOH A O   1 
HETATM 1249 O O   . HOH E 4 .   ? 15.289  9.282   -10.300 1.00 53.18 ? 221 HOH A O   1 
HETATM 1250 O O   . HOH E 4 .   ? 1.671   11.668  -2.943  1.00 35.79 ? 222 HOH A O   1 
HETATM 1251 O O   . HOH E 4 .   ? 15.772  2.113   -11.961 1.00 56.60 ? 223 HOH A O   1 
HETATM 1252 O O   . HOH E 4 .   ? -18.905 -2.542  0.886   1.00 48.96 ? 224 HOH A O   1 
HETATM 1253 O O   . HOH E 4 .   ? -2.202  -19.423 18.867  1.00 77.52 ? 225 HOH A O   1 
HETATM 1254 O O   . HOH E 4 .   ? -0.406  -6.185  -11.450 1.00 52.35 ? 226 HOH A O   1 
HETATM 1255 O O   . HOH E 4 .   ? 3.552   12.735  13.594  1.00 56.74 ? 227 HOH A O   1 
HETATM 1256 O O   . HOH E 4 .   ? 9.157   -3.254  11.284  1.00 41.61 ? 228 HOH A O   1 
HETATM 1257 O O   . HOH E 4 .   ? 3.489   9.907   12.060  1.00 44.49 ? 229 HOH A O   1 
HETATM 1258 O O   . HOH E 4 .   ? -3.490  -2.495  -0.751  1.00 27.93 ? 230 HOH A O   1 
HETATM 1259 O O   . HOH E 4 .   ? 9.168   6.967   5.343   1.00 37.52 ? 231 HOH A O   1 
HETATM 1260 O O   . HOH E 4 .   ? 2.790   -10.939 9.525   1.00 42.84 ? 232 HOH A O   1 
HETATM 1261 O O   . HOH E 4 .   ? 1.712   -5.867  -5.034  1.00 33.83 ? 233 HOH A O   1 
HETATM 1262 O O   . HOH E 4 .   ? 5.830   9.799   -0.781  1.00 42.23 ? 234 HOH A O   1 
HETATM 1263 O O   . HOH E 4 .   ? 15.022  -7.439  -9.312  1.00 65.76 ? 235 HOH A O   1 
HETATM 1264 O O   . HOH E 4 .   ? -14.926 -0.532  -1.925  1.00 53.28 ? 236 HOH A O   1 
HETATM 1265 O O   . HOH E 4 .   ? 6.251   10.050  10.594  1.00 55.20 ? 237 HOH A O   1 
HETATM 1266 O O   . HOH E 4 .   ? 13.163  -4.990  9.391   1.00 44.42 ? 238 HOH A O   1 
HETATM 1267 O O   . HOH E 4 .   ? 3.498   6.500   -14.382 1.00 51.48 ? 239 HOH A O   1 
HETATM 1268 O O   . HOH E 4 .   ? 12.097  15.848  -1.708  1.00 64.84 ? 240 HOH A O   1 
HETATM 1269 O O   . HOH E 4 .   ? -13.003 7.794   -6.330  1.00 45.59 ? 241 HOH A O   1 
HETATM 1270 O O   . HOH E 4 .   ? 8.204   -0.266  10.545  1.00 43.50 ? 242 HOH A O   1 
HETATM 1271 O O   . HOH E 4 .   ? -4.836  16.065  -8.714  1.00 55.93 ? 243 HOH A O   1 
HETATM 1272 O O   . HOH E 4 .   ? -3.155  9.827   8.493   1.00 30.03 ? 244 HOH A O   1 
HETATM 1273 O O   . HOH E 4 .   ? -10.497 -15.329 3.743   1.00 67.56 ? 245 HOH A O   1 
HETATM 1274 O O   . HOH E 4 .   ? -3.247  1.694   -16.057 1.00 63.43 ? 246 HOH A O   1 
HETATM 1275 O O   . HOH E 4 .   ? -16.225 -3.850  1.523   1.00 53.51 ? 247 HOH A O   1 
HETATM 1276 O O   . HOH E 4 .   ? -8.828  -4.156  12.915  1.00 62.23 ? 248 HOH A O   1 
HETATM 1277 O O   . HOH E 4 .   ? -8.324  5.106   11.148  1.00 38.03 ? 249 HOH A O   1 
HETATM 1278 O O   . HOH E 4 .   ? -8.164  7.367   12.069  1.00 33.34 ? 250 HOH A O   1 
HETATM 1279 O O   . HOH E 4 .   ? 2.014   15.918  -11.661 1.00 59.64 ? 251 HOH A O   1 
# 
loop_
_pdbx_poly_seq_scheme.asym_id 
_pdbx_poly_seq_scheme.entity_id 
_pdbx_poly_seq_scheme.seq_id 
_pdbx_poly_seq_scheme.mon_id 
_pdbx_poly_seq_scheme.ndb_seq_num 
_pdbx_poly_seq_scheme.pdb_seq_num 
_pdbx_poly_seq_scheme.auth_seq_num 
_pdbx_poly_seq_scheme.pdb_mon_id 
_pdbx_poly_seq_scheme.auth_mon_id 
_pdbx_poly_seq_scheme.pdb_strand_id 
_pdbx_poly_seq_scheme.pdb_ins_code 
_pdbx_poly_seq_scheme.hetero 
A 1 1   GLY 1   12  ?   ?   ?   A . n 
A 1 2   ALA 2   13  ?   ?   ?   A . n 
A 1 3   LYS 3   14  14  LYS LYS A . n 
A 1 4   SER 4   15  15  SER SER A . n 
A 1 5   ILE 5   16  16  ILE ILE A . n 
A 1 6   TYR 6   17  17  TYR TYR A . n 
A 1 7   GLU 7   18  18  GLU GLU A . n 
A 1 8   PHE 8   19  19  PHE PHE A . n 
A 1 9   GLN 9   20  20  GLN GLN A . n 
A 1 10  VAL 10  21  21  VAL VAL A . n 
A 1 11  ASN 11  22  22  ASN ASN A . n 
A 1 12  ALA 12  23  23  ALA ALA A . n 
A 1 13  ALA 13  24  24  ALA ALA A . n 
A 1 14  ASP 14  25  25  ASP ASP A . n 
A 1 15  GLY 15  26  26  GLY GLY A . n 
A 1 16  LYS 16  27  27  LYS LYS A . n 
A 1 17  PRO 17  28  28  PRO PRO A . n 
A 1 18  TYR 18  29  29  TYR TYR A . n 
A 1 19  ASP 19  30  30  ASP ASP A . n 
A 1 20  LEU 20  31  31  LEU LEU A . n 
A 1 21  SER 21  32  32  SER SER A . n 
A 1 22  GLN 22  33  33  GLN GLN A . n 
A 1 23  HIS 23  34  34  HIS HIS A . n 
A 1 24  LYS 24  35  35  LYS LYS A . n 
A 1 25  GLY 25  36  36  GLY GLY A . n 
A 1 26  HIS 26  37  37  HIS HIS A . n 
A 1 27  PRO 27  38  38  PRO PRO A . n 
A 1 28  LEU 28  39  39  LEU LEU A . n 
A 1 29  LEU 29  40  40  LEU LEU A . n 
A 1 30  ILE 30  41  41  ILE ILE A . n 
A 1 31  TYR 31  42  42  TYR TYR A . n 
A 1 32  ASN 32  43  43  ASN ASN A . n 
A 1 33  VAL 33  44  44  VAL VAL A . n 
A 1 34  ALA 34  45  45  ALA ALA A . n 
A 1 35  SER 35  46  46  SER SER A . n 
A 1 36  ARG 36  47  47  ARG ARG A . n 
A 1 37  CYS 37  48  48  CYS CYS A . n 
A 1 38  GLY 38  49  49  GLY GLY A . n 
A 1 39  TYR 39  50  50  TYR TYR A . n 
A 1 40  THR 40  51  51  THR THR A . n 
A 1 41  LYS 41  52  52  LYS ALA A . n 
A 1 42  GLY 42  53  53  GLY GLY A . n 
A 1 43  GLY 43  54  54  GLY GLY A . n 
A 1 44  TYR 44  55  55  TYR TYR A . n 
A 1 45  GLU 45  56  56  GLU GLU A . n 
A 1 46  THR 46  57  57  THR THR A . n 
A 1 47  ALA 47  58  58  ALA ALA A . n 
A 1 48  THR 48  59  59  THR THR A . n 
A 1 49  THR 49  60  60  THR THR A . n 
A 1 50  LEU 50  61  61  LEU LEU A . n 
A 1 51  TYR 51  62  62  TYR TYR A . n 
A 1 52  ASN 52  63  63  ASN ASN A . n 
A 1 53  LYS 53  64  64  LYS LYS A . n 
A 1 54  TYR 54  65  65  TYR TYR A . n 
A 1 55  LYS 55  66  66  LYS LYS A . n 
A 1 56  GLY 56  67  67  GLY GLY A . n 
A 1 57  GLN 57  68  68  GLN GLN A . n 
A 1 58  GLY 58  69  69  GLY GLY A . n 
A 1 59  PHE 59  70  70  PHE PHE A . n 
A 1 60  THR 60  71  71  THR THR A . n 
A 1 61  VAL 61  72  72  VAL VAL A . n 
A 1 62  LEU 62  73  73  LEU LEU A . n 
A 1 63  ALA 63  74  74  ALA ALA A . n 
A 1 64  PHE 64  75  75  PHE PHE A . n 
A 1 65  PRO 65  76  76  PRO PRO A . n 
A 1 66  CYS 66  77  77  CYS CYS A . n 
A 1 67  ASN 67  78  78  ASN ASN A . n 
A 1 68  GLN 68  79  79  GLN GLN A . n 
A 1 69  PHE 69  80  80  PHE PHE A . n 
A 1 70  ALA 70  81  81  ALA ALA A . n 
A 1 71  GLY 71  82  82  GLY GLY A . n 
A 1 72  GLN 72  83  ?   ?   ?   A . n 
A 1 73  GLU 73  84  ?   ?   ?   A . n 
A 1 74  PRO 74  85  ?   ?   ?   A . n 
A 1 75  GLY 75  86  ?   ?   ?   A . n 
A 1 76  THR 76  87  ?   ?   ?   A . n 
A 1 77  ALA 77  88  ?   ?   ?   A . n 
A 1 78  LEU 78  89  ?   ?   ?   A . n 
A 1 79  GLU 79  90  ?   ?   ?   A . n 
A 1 80  VAL 80  91  ?   ?   ?   A . n 
A 1 81  LYS 81  92  ?   ?   ?   A . n 
A 1 82  GLU 82  93  ?   ?   ?   A . n 
A 1 83  PHE 83  94  94  PHE PHE A . n 
A 1 84  ALA 84  95  95  ALA ALA A . n 
A 1 85  CYS 85  96  96  CYS CYS A . n 
A 1 86  THR 86  97  97  THR THR A . n 
A 1 87  ARG 87  98  98  ARG ARG A . n 
A 1 88  PHE 88  99  99  PHE PHE A . n 
A 1 89  LYS 89  100 100 LYS LYS A . n 
A 1 90  ALA 90  101 101 ALA ALA A . n 
A 1 91  ASP 91  102 102 ASP ASP A . n 
A 1 92  PHE 92  103 103 PHE PHE A . n 
A 1 93  PRO 93  104 104 PRO PRO A . n 
A 1 94  ILE 94  105 105 ILE ILE A . n 
A 1 95  MET 95  106 106 MET MET A . n 
A 1 96  ALA 96  107 107 ALA ALA A . n 
A 1 97  LYS 97  108 108 LYS LYS A . n 
A 1 98  ILE 98  109 109 ILE ILE A . n 
A 1 99  ASP 99  110 110 ASP ASP A . n 
A 1 100 VAL 100 111 111 VAL VAL A . n 
A 1 101 ASN 101 112 112 ASN ASN A . n 
A 1 102 GLY 102 113 113 GLY GLY A . n 
A 1 103 SER 103 114 114 SER SER A . n 
A 1 104 LYS 104 115 115 LYS LYS A . n 
A 1 105 ALA 105 116 116 ALA ALA A . n 
A 1 106 HIS 106 117 117 HIS HIS A . n 
A 1 107 PRO 107 118 118 PRO PRO A . n 
A 1 108 LEU 108 119 119 LEU LEU A . n 
A 1 109 TYR 109 120 120 TYR TYR A . n 
A 1 110 GLU 110 121 121 GLU GLU A . n 
A 1 111 PHE 111 122 122 PHE PHE A . n 
A 1 112 MET 112 123 123 MET MET A . n 
A 1 113 LYS 113 124 124 LYS LYS A . n 
A 1 114 ALA 114 125 125 ALA ALA A . n 
A 1 115 THR 115 126 126 THR THR A . n 
A 1 116 ILE 116 127 127 ILE ILE A . n 
A 1 117 PRO 117 128 128 PRO PRO A . n 
A 1 118 GLY 118 129 129 GLY GLY A . n 
A 1 119 LEU 119 130 130 LEU LEU A . n 
A 1 120 PHE 120 131 131 PHE PHE A . n 
A 1 121 GLY 121 132 132 GLY GLY A . n 
A 1 122 THR 122 133 133 THR THR A . n 
A 1 123 LYS 123 134 134 LYS LYS A . n 
A 1 124 ALA 124 135 135 ALA ALA A . n 
A 1 125 ILE 125 136 136 ILE ILE A . n 
A 1 126 LYS 126 137 137 LYS LYS A . n 
A 1 127 TRP 127 138 138 TRP TRP A . n 
A 1 128 ASN 128 139 139 ASN ASN A . n 
A 1 129 PHE 129 140 140 PHE PHE A . n 
A 1 130 THR 130 141 141 THR THR A . n 
A 1 131 SER 131 142 142 SER SER A . n 
A 1 132 PHE 132 143 143 PHE PHE A . n 
A 1 133 LEU 133 144 144 LEU LEU A . n 
A 1 134 ILE 134 145 145 ILE ILE A . n 
A 1 135 ASP 135 146 146 ASP ASP A . n 
A 1 136 ARG 136 147 147 ARG ARG A . n 
A 1 137 HIS 137 148 148 HIS HIS A . n 
A 1 138 GLY 138 149 149 GLY GLY A . n 
A 1 139 VAL 139 150 150 VAL VAL A . n 
A 1 140 PRO 140 151 151 PRO PRO A . n 
A 1 141 VAL 141 152 152 VAL VAL A . n 
A 1 142 GLU 142 153 153 GLU GLU A . n 
A 1 143 ARG 143 154 154 ARG ARG A . n 
A 1 144 PHE 144 155 155 PHE PHE A . n 
A 1 145 SER 145 156 156 SER SER A . n 
A 1 146 PRO 146 157 157 PRO PRO A . n 
A 1 147 GLY 147 158 158 GLY GLY A . n 
A 1 148 ALA 148 159 159 ALA ALA A . n 
A 1 149 SER 149 160 160 SER SER A . n 
A 1 150 VAL 150 161 161 VAL VAL A . n 
A 1 151 GLU 151 162 162 GLU GLU A . n 
A 1 152 ASP 152 163 163 ASP ASP A . n 
A 1 153 ILE 153 164 164 ILE ILE A . n 
A 1 154 GLU 154 165 165 GLU GLU A . n 
A 1 155 LYS 155 166 166 LYS LYS A . n 
A 1 156 LYS 156 167 167 LYS LYS A . n 
A 1 157 LEU 157 168 168 LEU LEU A . n 
A 1 158 LEU 158 169 169 LEU LEU A . n 
A 1 159 PRO 159 170 170 PRO PRO A . n 
A 1 160 LEU 160 171 171 LEU LEU A . n 
A 1 161 LEU 161 172 172 LEU LEU A . n 
A 1 162 GLY 162 173 173 GLY GLY A . n 
A 1 163 GLY 163 174 174 GLY GLY A . n 
A 1 164 ALA 164 175 175 ALA ALA A . n 
A 1 165 ARG 165 176 176 ARG ARG A . n 
A 1 166 ILE 166 177 177 ILE ILE A . n 
# 
loop_
_pdbx_nonpoly_scheme.asym_id 
_pdbx_nonpoly_scheme.entity_id 
_pdbx_nonpoly_scheme.mon_id 
_pdbx_nonpoly_scheme.ndb_seq_num 
_pdbx_nonpoly_scheme.pdb_seq_num 
_pdbx_nonpoly_scheme.auth_seq_num 
_pdbx_nonpoly_scheme.pdb_mon_id 
_pdbx_nonpoly_scheme.auth_mon_id 
_pdbx_nonpoly_scheme.pdb_strand_id 
_pdbx_nonpoly_scheme.pdb_ins_code 
B 2 NH4 1  1   1   NH4 NH4 A . 
C 3 GOL 1  178 101 GOL GOL A . 
D 3 GOL 1  179 102 GOL GOL A . 
E 4 HOH 1  180 1   HOH HOH A . 
E 4 HOH 2  181 2   HOH HOH A . 
E 4 HOH 3  182 3   HOH HOH A . 
E 4 HOH 4  183 4   HOH HOH A . 
E 4 HOH 5  184 5   HOH HOH A . 
E 4 HOH 6  185 6   HOH HOH A . 
E 4 HOH 7  186 7   HOH HOH A . 
E 4 HOH 8  187 8   HOH HOH A . 
E 4 HOH 9  188 9   HOH HOH A . 
E 4 HOH 10 189 10  HOH HOH A . 
E 4 HOH 11 190 11  HOH HOH A . 
E 4 HOH 12 191 12  HOH HOH A . 
E 4 HOH 13 192 13  HOH HOH A . 
E 4 HOH 14 193 14  HOH HOH A . 
E 4 HOH 15 194 15  HOH HOH A . 
E 4 HOH 16 195 16  HOH HOH A . 
E 4 HOH 17 196 17  HOH HOH A . 
E 4 HOH 18 197 18  HOH HOH A . 
E 4 HOH 19 198 19  HOH HOH A . 
E 4 HOH 20 199 20  HOH HOH A . 
E 4 HOH 21 200 21  HOH HOH A . 
E 4 HOH 22 201 22  HOH HOH A . 
E 4 HOH 23 202 23  HOH HOH A . 
E 4 HOH 24 203 24  HOH HOH A . 
E 4 HOH 25 204 25  HOH HOH A . 
E 4 HOH 26 205 26  HOH HOH A . 
E 4 HOH 27 206 28  HOH HOH A . 
E 4 HOH 28 207 29  HOH HOH A . 
E 4 HOH 29 208 30  HOH HOH A . 
E 4 HOH 30 209 31  HOH HOH A . 
E 4 HOH 31 210 32  HOH HOH A . 
E 4 HOH 32 211 33  HOH HOH A . 
E 4 HOH 33 212 34  HOH HOH A . 
E 4 HOH 34 213 35  HOH HOH A . 
E 4 HOH 35 214 36  HOH HOH A . 
E 4 HOH 36 215 37  HOH HOH A . 
E 4 HOH 37 216 38  HOH HOH A . 
E 4 HOH 38 217 39  HOH HOH A . 
E 4 HOH 39 218 40  HOH HOH A . 
E 4 HOH 40 219 41  HOH HOH A . 
E 4 HOH 41 220 42  HOH HOH A . 
E 4 HOH 42 221 43  HOH HOH A . 
E 4 HOH 43 222 44  HOH HOH A . 
E 4 HOH 44 223 45  HOH HOH A . 
E 4 HOH 45 224 46  HOH HOH A . 
E 4 HOH 46 225 47  HOH HOH A . 
E 4 HOH 47 226 48  HOH HOH A . 
E 4 HOH 48 227 49  HOH HOH A . 
E 4 HOH 49 228 50  HOH HOH A . 
E 4 HOH 50 229 51  HOH HOH A . 
E 4 HOH 51 230 52  HOH HOH A . 
E 4 HOH 52 231 53  HOH HOH A . 
E 4 HOH 53 232 54  HOH HOH A . 
E 4 HOH 54 233 56  HOH HOH A . 
E 4 HOH 55 234 57  HOH HOH A . 
E 4 HOH 56 235 58  HOH HOH A . 
E 4 HOH 57 236 59  HOH HOH A . 
E 4 HOH 58 237 60  HOH HOH A . 
E 4 HOH 59 238 61  HOH HOH A . 
E 4 HOH 60 239 62  HOH HOH A . 
E 4 HOH 61 240 63  HOH HOH A . 
E 4 HOH 62 241 64  HOH HOH A . 
E 4 HOH 63 242 66  HOH HOH A . 
E 4 HOH 64 243 67  HOH HOH A . 
E 4 HOH 65 244 68  HOH HOH A . 
E 4 HOH 66 245 69  HOH HOH A . 
E 4 HOH 67 246 70  HOH HOH A . 
E 4 HOH 68 247 71  HOH HOH A . 
E 4 HOH 69 248 72  HOH HOH A . 
E 4 HOH 70 249 73  HOH HOH A . 
E 4 HOH 71 250 74  HOH HOH A . 
E 4 HOH 72 251 75  HOH HOH A . 
# 
_pdbx_struct_assembly.id                   1 
_pdbx_struct_assembly.details              author_and_software_defined_assembly 
_pdbx_struct_assembly.method_details       PISA 
_pdbx_struct_assembly.oligomeric_details   monomeric 
_pdbx_struct_assembly.oligomeric_count     1 
# 
_pdbx_struct_assembly_gen.assembly_id       1 
_pdbx_struct_assembly_gen.oper_expression   1 
_pdbx_struct_assembly_gen.asym_id_list      A,B,C,D,E 
# 
_pdbx_struct_oper_list.id                   1 
_pdbx_struct_oper_list.type                 'identity operation' 
_pdbx_struct_oper_list.name                 1_555 
_pdbx_struct_oper_list.symmetry_operation   x,y,z 
_pdbx_struct_oper_list.matrix[1][1]         1.0000000000 
_pdbx_struct_oper_list.matrix[1][2]         0.0000000000 
_pdbx_struct_oper_list.matrix[1][3]         0.0000000000 
_pdbx_struct_oper_list.vector[1]            0.0000000000 
_pdbx_struct_oper_list.matrix[2][1]         0.0000000000 
_pdbx_struct_oper_list.matrix[2][2]         1.0000000000 
_pdbx_struct_oper_list.matrix[2][3]         0.0000000000 
_pdbx_struct_oper_list.vector[2]            0.0000000000 
_pdbx_struct_oper_list.matrix[3][1]         0.0000000000 
_pdbx_struct_oper_list.matrix[3][2]         0.0000000000 
_pdbx_struct_oper_list.matrix[3][3]         1.0000000000 
_pdbx_struct_oper_list.vector[3]            0.0000000000 
# 
loop_
_pdbx_audit_revision_history.ordinal 
_pdbx_audit_revision_history.data_content_type 
_pdbx_audit_revision_history.major_revision 
_pdbx_audit_revision_history.minor_revision 
_pdbx_audit_revision_history.revision_date 
1 'Structure model' 1 0 2009-08-04 
2 'Structure model' 1 1 2011-07-13 
3 'Structure model' 1 2 2023-08-30 
# 
_pdbx_audit_revision_details.ordinal             1 
_pdbx_audit_revision_details.revision_ordinal    1 
_pdbx_audit_revision_details.data_content_type   'Structure model' 
_pdbx_audit_revision_details.provider            repository 
_pdbx_audit_revision_details.type                'Initial release' 
_pdbx_audit_revision_details.description         ? 
_pdbx_audit_revision_details.details             ? 
# 
loop_
_pdbx_audit_revision_group.ordinal 
_pdbx_audit_revision_group.revision_ordinal 
_pdbx_audit_revision_group.data_content_type 
_pdbx_audit_revision_group.group 
1 2 'Structure model' Advisory                    
2 2 'Structure model' 'Version format compliance' 
3 3 'Structure model' 'Data collection'           
4 3 'Structure model' 'Database references'       
5 3 'Structure model' 'Derived calculations'      
6 3 'Structure model' 'Refinement description'    
# 
loop_
_pdbx_audit_revision_category.ordinal 
_pdbx_audit_revision_category.revision_ordinal 
_pdbx_audit_revision_category.data_content_type 
_pdbx_audit_revision_category.category 
1 3 'Structure model' chem_comp_atom                
2 3 'Structure model' chem_comp_bond                
3 3 'Structure model' database_2                    
4 3 'Structure model' pdbx_initial_refinement_model 
5 3 'Structure model' struct_ref_seq_dif            
6 3 'Structure model' struct_site                   
# 
loop_
_pdbx_audit_revision_item.ordinal 
_pdbx_audit_revision_item.revision_ordinal 
_pdbx_audit_revision_item.data_content_type 
_pdbx_audit_revision_item.item 
1 3 'Structure model' '_database_2.pdbx_DOI'                
2 3 'Structure model' '_database_2.pdbx_database_accession' 
3 3 'Structure model' '_struct_ref_seq_dif.details'         
4 3 'Structure model' '_struct_site.pdbx_auth_asym_id'      
5 3 'Structure model' '_struct_site.pdbx_auth_comp_id'      
6 3 'Structure model' '_struct_site.pdbx_auth_seq_id'       
# 
_pdbx_refine_tls.id               1 
_pdbx_refine_tls.details          ? 
_pdbx_refine_tls.method           refined 
_pdbx_refine_tls.origin_x         -0.0629 
_pdbx_refine_tls.origin_y         -0.2168 
_pdbx_refine_tls.origin_z         0.0094 
_pdbx_refine_tls.T[1][1]          -0.1997 
_pdbx_refine_tls.T[2][2]          -0.1784 
_pdbx_refine_tls.T[3][3]          -0.2289 
_pdbx_refine_tls.T[1][2]          0.0036 
_pdbx_refine_tls.T[1][3]          -0.0456 
_pdbx_refine_tls.T[2][3]          -0.0021 
_pdbx_refine_tls.L[1][1]          7.6950 
_pdbx_refine_tls.L[2][2]          6.5103 
_pdbx_refine_tls.L[3][3]          5.5934 
_pdbx_refine_tls.L[1][2]          -5.1496 
_pdbx_refine_tls.L[1][3]          -1.8199 
_pdbx_refine_tls.L[2][3]          2.6236 
_pdbx_refine_tls.S[1][1]          0.2467 
_pdbx_refine_tls.S[1][2]          0.4783 
_pdbx_refine_tls.S[1][3]          -0.4999 
_pdbx_refine_tls.S[2][1]          -0.4337 
_pdbx_refine_tls.S[2][2]          -0.4136 
_pdbx_refine_tls.S[2][3]          -0.0958 
_pdbx_refine_tls.S[3][1]          -0.0275 
_pdbx_refine_tls.S[3][2]          0.0194 
_pdbx_refine_tls.S[3][3]          0.1668 
_pdbx_refine_tls.pdbx_refine_id   'X-RAY DIFFRACTION' 
# 
_pdbx_refine_tls_group.id                  1 
_pdbx_refine_tls_group.refine_tls_id       1 
_pdbx_refine_tls_group.beg_auth_asym_id    A 
_pdbx_refine_tls_group.beg_auth_seq_id     14 
_pdbx_refine_tls_group.beg_label_asym_id   ? 
_pdbx_refine_tls_group.beg_label_seq_id    ? 
_pdbx_refine_tls_group.end_auth_asym_id    A 
_pdbx_refine_tls_group.end_auth_seq_id     177 
_pdbx_refine_tls_group.end_label_asym_id   ? 
_pdbx_refine_tls_group.end_label_seq_id    ? 
_pdbx_refine_tls_group.selection           ? 
_pdbx_refine_tls_group.selection_details   ? 
_pdbx_refine_tls_group.pdbx_refine_id      'X-RAY DIFFRACTION' 
# 
loop_
_software.name 
_software.classification 
_software.version 
_software.citation_id 
_software.pdbx_ordinal 
REFMAC       refinement        5.2.0019 ? 1 
CrystalClear 'data collection' .        ? 2 
d*TREK       'data reduction'  .        ? 3 
d*TREK       'data scaling'    .        ? 4 
MOLREP       phasing           .        ? 5 
# 
loop_
_pdbx_validate_torsion.id 
_pdbx_validate_torsion.PDB_model_num 
_pdbx_validate_torsion.auth_comp_id 
_pdbx_validate_torsion.auth_asym_id 
_pdbx_validate_torsion.auth_seq_id 
_pdbx_validate_torsion.PDB_ins_code 
_pdbx_validate_torsion.label_alt_id 
_pdbx_validate_torsion.phi 
_pdbx_validate_torsion.psi 
1  1 ASP A 25  ? ? -50.02  -4.76   
2  1 ARG A 47  ? ? -100.07 -83.57  
3  1 TYR A 50  ? ? 1.62    87.27   
4  1 THR A 51  ? ? -77.58  21.63   
5  1 ALA A 81  ? ? -90.61  31.00   
6  1 ALA A 95  ? ? -123.68 -128.49 
7  1 CYS A 96  ? ? -53.31  -142.29 
8  1 ARG A 98  ? ? 70.84   127.46  
9  1 LEU A 130 ? ? 40.71   -110.80 
10 1 PHE A 131 ? ? -68.34  -105.28 
11 1 THR A 133 ? ? 76.79   -24.37  
12 1 LYS A 134 ? ? 115.23  -18.61  
13 1 ALA A 135 ? ? -38.85  148.74  
14 1 ALA A 175 ? ? 107.09  70.21   
15 1 ARG A 176 ? ? 176.80  -161.73 
# 
loop_
_pdbx_unobs_or_zero_occ_atoms.id 
_pdbx_unobs_or_zero_occ_atoms.PDB_model_num 
_pdbx_unobs_or_zero_occ_atoms.polymer_flag 
_pdbx_unobs_or_zero_occ_atoms.occupancy_flag 
_pdbx_unobs_or_zero_occ_atoms.auth_asym_id 
_pdbx_unobs_or_zero_occ_atoms.auth_comp_id 
_pdbx_unobs_or_zero_occ_atoms.auth_seq_id 
_pdbx_unobs_or_zero_occ_atoms.PDB_ins_code 
_pdbx_unobs_or_zero_occ_atoms.auth_atom_id 
_pdbx_unobs_or_zero_occ_atoms.label_alt_id 
_pdbx_unobs_or_zero_occ_atoms.label_asym_id 
_pdbx_unobs_or_zero_occ_atoms.label_comp_id 
_pdbx_unobs_or_zero_occ_atoms.label_seq_id 
_pdbx_unobs_or_zero_occ_atoms.label_atom_id 
1 1 Y 1 A LYS 52 ? CG ? A LYS 41 CG 
2 1 Y 1 A LYS 52 ? CD ? A LYS 41 CD 
3 1 Y 1 A LYS 52 ? CE ? A LYS 41 CE 
4 1 Y 1 A LYS 52 ? NZ ? A LYS 41 NZ 
# 
loop_
_pdbx_unobs_or_zero_occ_residues.id 
_pdbx_unobs_or_zero_occ_residues.PDB_model_num 
_pdbx_unobs_or_zero_occ_residues.polymer_flag 
_pdbx_unobs_or_zero_occ_residues.occupancy_flag 
_pdbx_unobs_or_zero_occ_residues.auth_asym_id 
_pdbx_unobs_or_zero_occ_residues.auth_comp_id 
_pdbx_unobs_or_zero_occ_residues.auth_seq_id 
_pdbx_unobs_or_zero_occ_residues.PDB_ins_code 
_pdbx_unobs_or_zero_occ_residues.label_asym_id 
_pdbx_unobs_or_zero_occ_residues.label_comp_id 
_pdbx_unobs_or_zero_occ_residues.label_seq_id 
1  1 Y 1 A GLY 12 ? A GLY 1  
2  1 Y 1 A ALA 13 ? A ALA 2  
3  1 Y 1 A GLN 83 ? A GLN 72 
4  1 Y 1 A GLU 84 ? A GLU 73 
5  1 Y 1 A PRO 85 ? A PRO 74 
6  1 Y 1 A GLY 86 ? A GLY 75 
7  1 Y 1 A THR 87 ? A THR 76 
8  1 Y 1 A ALA 88 ? A ALA 77 
9  1 Y 1 A LEU 89 ? A LEU 78 
10 1 Y 1 A GLU 90 ? A GLU 79 
11 1 Y 1 A VAL 91 ? A VAL 80 
12 1 Y 1 A LYS 92 ? A LYS 81 
13 1 Y 1 A GLU 93 ? A GLU 82 
# 
loop_
_chem_comp_atom.comp_id 
_chem_comp_atom.atom_id 
_chem_comp_atom.type_symbol 
_chem_comp_atom.pdbx_aromatic_flag 
_chem_comp_atom.pdbx_stereo_config 
_chem_comp_atom.pdbx_ordinal 
ALA N    N N N 1   
ALA CA   C N S 2   
ALA C    C N N 3   
ALA O    O N N 4   
ALA CB   C N N 5   
ALA OXT  O N N 6   
ALA H    H N N 7   
ALA H2   H N N 8   
ALA HA   H N N 9   
ALA HB1  H N N 10  
ALA HB2  H N N 11  
ALA HB3  H N N 12  
ALA HXT  H N N 13  
ARG N    N N N 14  
ARG CA   C N S 15  
ARG C    C N N 16  
ARG O    O N N 17  
ARG CB   C N N 18  
ARG CG   C N N 19  
ARG CD   C N N 20  
ARG NE   N N N 21  
ARG CZ   C N N 22  
ARG NH1  N N N 23  
ARG NH2  N N N 24  
ARG OXT  O N N 25  
ARG H    H N N 26  
ARG H2   H N N 27  
ARG HA   H N N 28  
ARG HB2  H N N 29  
ARG HB3  H N N 30  
ARG HG2  H N N 31  
ARG HG3  H N N 32  
ARG HD2  H N N 33  
ARG HD3  H N N 34  
ARG HE   H N N 35  
ARG HH11 H N N 36  
ARG HH12 H N N 37  
ARG HH21 H N N 38  
ARG HH22 H N N 39  
ARG HXT  H N N 40  
ASN N    N N N 41  
ASN CA   C N S 42  
ASN C    C N N 43  
ASN O    O N N 44  
ASN CB   C N N 45  
ASN CG   C N N 46  
ASN OD1  O N N 47  
ASN ND2  N N N 48  
ASN OXT  O N N 49  
ASN H    H N N 50  
ASN H2   H N N 51  
ASN HA   H N N 52  
ASN HB2  H N N 53  
ASN HB3  H N N 54  
ASN HD21 H N N 55  
ASN HD22 H N N 56  
ASN HXT  H N N 57  
ASP N    N N N 58  
ASP CA   C N S 59  
ASP C    C N N 60  
ASP O    O N N 61  
ASP CB   C N N 62  
ASP CG   C N N 63  
ASP OD1  O N N 64  
ASP OD2  O N N 65  
ASP OXT  O N N 66  
ASP H    H N N 67  
ASP H2   H N N 68  
ASP HA   H N N 69  
ASP HB2  H N N 70  
ASP HB3  H N N 71  
ASP HD2  H N N 72  
ASP HXT  H N N 73  
CYS N    N N N 74  
CYS CA   C N R 75  
CYS C    C N N 76  
CYS O    O N N 77  
CYS CB   C N N 78  
CYS SG   S N N 79  
CYS OXT  O N N 80  
CYS H    H N N 81  
CYS H2   H N N 82  
CYS HA   H N N 83  
CYS HB2  H N N 84  
CYS HB3  H N N 85  
CYS HG   H N N 86  
CYS HXT  H N N 87  
GLN N    N N N 88  
GLN CA   C N S 89  
GLN C    C N N 90  
GLN O    O N N 91  
GLN CB   C N N 92  
GLN CG   C N N 93  
GLN CD   C N N 94  
GLN OE1  O N N 95  
GLN NE2  N N N 96  
GLN OXT  O N N 97  
GLN H    H N N 98  
GLN H2   H N N 99  
GLN HA   H N N 100 
GLN HB2  H N N 101 
GLN HB3  H N N 102 
GLN HG2  H N N 103 
GLN HG3  H N N 104 
GLN HE21 H N N 105 
GLN HE22 H N N 106 
GLN HXT  H N N 107 
GLU N    N N N 108 
GLU CA   C N S 109 
GLU C    C N N 110 
GLU O    O N N 111 
GLU CB   C N N 112 
GLU CG   C N N 113 
GLU CD   C N N 114 
GLU OE1  O N N 115 
GLU OE2  O N N 116 
GLU OXT  O N N 117 
GLU H    H N N 118 
GLU H2   H N N 119 
GLU HA   H N N 120 
GLU HB2  H N N 121 
GLU HB3  H N N 122 
GLU HG2  H N N 123 
GLU HG3  H N N 124 
GLU HE2  H N N 125 
GLU HXT  H N N 126 
GLY N    N N N 127 
GLY CA   C N N 128 
GLY C    C N N 129 
GLY O    O N N 130 
GLY OXT  O N N 131 
GLY H    H N N 132 
GLY H2   H N N 133 
GLY HA2  H N N 134 
GLY HA3  H N N 135 
GLY HXT  H N N 136 
GOL C1   C N N 137 
GOL O1   O N N 138 
GOL C2   C N N 139 
GOL O2   O N N 140 
GOL C3   C N N 141 
GOL O3   O N N 142 
GOL H11  H N N 143 
GOL H12  H N N 144 
GOL HO1  H N N 145 
GOL H2   H N N 146 
GOL HO2  H N N 147 
GOL H31  H N N 148 
GOL H32  H N N 149 
GOL HO3  H N N 150 
HIS N    N N N 151 
HIS CA   C N S 152 
HIS C    C N N 153 
HIS O    O N N 154 
HIS CB   C N N 155 
HIS CG   C Y N 156 
HIS ND1  N Y N 157 
HIS CD2  C Y N 158 
HIS CE1  C Y N 159 
HIS NE2  N Y N 160 
HIS OXT  O N N 161 
HIS H    H N N 162 
HIS H2   H N N 163 
HIS HA   H N N 164 
HIS HB2  H N N 165 
HIS HB3  H N N 166 
HIS HD1  H N N 167 
HIS HD2  H N N 168 
HIS HE1  H N N 169 
HIS HE2  H N N 170 
HIS HXT  H N N 171 
HOH O    O N N 172 
HOH H1   H N N 173 
HOH H2   H N N 174 
ILE N    N N N 175 
ILE CA   C N S 176 
ILE C    C N N 177 
ILE O    O N N 178 
ILE CB   C N S 179 
ILE CG1  C N N 180 
ILE CG2  C N N 181 
ILE CD1  C N N 182 
ILE OXT  O N N 183 
ILE H    H N N 184 
ILE H2   H N N 185 
ILE HA   H N N 186 
ILE HB   H N N 187 
ILE HG12 H N N 188 
ILE HG13 H N N 189 
ILE HG21 H N N 190 
ILE HG22 H N N 191 
ILE HG23 H N N 192 
ILE HD11 H N N 193 
ILE HD12 H N N 194 
ILE HD13 H N N 195 
ILE HXT  H N N 196 
LEU N    N N N 197 
LEU CA   C N S 198 
LEU C    C N N 199 
LEU O    O N N 200 
LEU CB   C N N 201 
LEU CG   C N N 202 
LEU CD1  C N N 203 
LEU CD2  C N N 204 
LEU OXT  O N N 205 
LEU H    H N N 206 
LEU H2   H N N 207 
LEU HA   H N N 208 
LEU HB2  H N N 209 
LEU HB3  H N N 210 
LEU HG   H N N 211 
LEU HD11 H N N 212 
LEU HD12 H N N 213 
LEU HD13 H N N 214 
LEU HD21 H N N 215 
LEU HD22 H N N 216 
LEU HD23 H N N 217 
LEU HXT  H N N 218 
LYS N    N N N 219 
LYS CA   C N S 220 
LYS C    C N N 221 
LYS O    O N N 222 
LYS CB   C N N 223 
LYS CG   C N N 224 
LYS CD   C N N 225 
LYS CE   C N N 226 
LYS NZ   N N N 227 
LYS OXT  O N N 228 
LYS H    H N N 229 
LYS H2   H N N 230 
LYS HA   H N N 231 
LYS HB2  H N N 232 
LYS HB3  H N N 233 
LYS HG2  H N N 234 
LYS HG3  H N N 235 
LYS HD2  H N N 236 
LYS HD3  H N N 237 
LYS HE2  H N N 238 
LYS HE3  H N N 239 
LYS HZ1  H N N 240 
LYS HZ2  H N N 241 
LYS HZ3  H N N 242 
LYS HXT  H N N 243 
MET N    N N N 244 
MET CA   C N S 245 
MET C    C N N 246 
MET O    O N N 247 
MET CB   C N N 248 
MET CG   C N N 249 
MET SD   S N N 250 
MET CE   C N N 251 
MET OXT  O N N 252 
MET H    H N N 253 
MET H2   H N N 254 
MET HA   H N N 255 
MET HB2  H N N 256 
MET HB3  H N N 257 
MET HG2  H N N 258 
MET HG3  H N N 259 
MET HE1  H N N 260 
MET HE2  H N N 261 
MET HE3  H N N 262 
MET HXT  H N N 263 
NH4 N    N N N 264 
NH4 HN1  H N N 265 
NH4 HN2  H N N 266 
NH4 HN3  H N N 267 
NH4 HN4  H N N 268 
PHE N    N N N 269 
PHE CA   C N S 270 
PHE C    C N N 271 
PHE O    O N N 272 
PHE CB   C N N 273 
PHE CG   C Y N 274 
PHE CD1  C Y N 275 
PHE CD2  C Y N 276 
PHE CE1  C Y N 277 
PHE CE2  C Y N 278 
PHE CZ   C Y N 279 
PHE OXT  O N N 280 
PHE H    H N N 281 
PHE H2   H N N 282 
PHE HA   H N N 283 
PHE HB2  H N N 284 
PHE HB3  H N N 285 
PHE HD1  H N N 286 
PHE HD2  H N N 287 
PHE HE1  H N N 288 
PHE HE2  H N N 289 
PHE HZ   H N N 290 
PHE HXT  H N N 291 
PRO N    N N N 292 
PRO CA   C N S 293 
PRO C    C N N 294 
PRO O    O N N 295 
PRO CB   C N N 296 
PRO CG   C N N 297 
PRO CD   C N N 298 
PRO OXT  O N N 299 
PRO H    H N N 300 
PRO HA   H N N 301 
PRO HB2  H N N 302 
PRO HB3  H N N 303 
PRO HG2  H N N 304 
PRO HG3  H N N 305 
PRO HD2  H N N 306 
PRO HD3  H N N 307 
PRO HXT  H N N 308 
SER N    N N N 309 
SER CA   C N S 310 
SER C    C N N 311 
SER O    O N N 312 
SER CB   C N N 313 
SER OG   O N N 314 
SER OXT  O N N 315 
SER H    H N N 316 
SER H2   H N N 317 
SER HA   H N N 318 
SER HB2  H N N 319 
SER HB3  H N N 320 
SER HG   H N N 321 
SER HXT  H N N 322 
THR N    N N N 323 
THR CA   C N S 324 
THR C    C N N 325 
THR O    O N N 326 
THR CB   C N R 327 
THR OG1  O N N 328 
THR CG2  C N N 329 
THR OXT  O N N 330 
THR H    H N N 331 
THR H2   H N N 332 
THR HA   H N N 333 
THR HB   H N N 334 
THR HG1  H N N 335 
THR HG21 H N N 336 
THR HG22 H N N 337 
THR HG23 H N N 338 
THR HXT  H N N 339 
TRP N    N N N 340 
TRP CA   C N S 341 
TRP C    C N N 342 
TRP O    O N N 343 
TRP CB   C N N 344 
TRP CG   C Y N 345 
TRP CD1  C Y N 346 
TRP CD2  C Y N 347 
TRP NE1  N Y N 348 
TRP CE2  C Y N 349 
TRP CE3  C Y N 350 
TRP CZ2  C Y N 351 
TRP CZ3  C Y N 352 
TRP CH2  C Y N 353 
TRP OXT  O N N 354 
TRP H    H N N 355 
TRP H2   H N N 356 
TRP HA   H N N 357 
TRP HB2  H N N 358 
TRP HB3  H N N 359 
TRP HD1  H N N 360 
TRP HE1  H N N 361 
TRP HE3  H N N 362 
TRP HZ2  H N N 363 
TRP HZ3  H N N 364 
TRP HH2  H N N 365 
TRP HXT  H N N 366 
TYR N    N N N 367 
TYR CA   C N S 368 
TYR C    C N N 369 
TYR O    O N N 370 
TYR CB   C N N 371 
TYR CG   C Y N 372 
TYR CD1  C Y N 373 
TYR CD2  C Y N 374 
TYR CE1  C Y N 375 
TYR CE2  C Y N 376 
TYR CZ   C Y N 377 
TYR OH   O N N 378 
TYR OXT  O N N 379 
TYR H    H N N 380 
TYR H2   H N N 381 
TYR HA   H N N 382 
TYR HB2  H N N 383 
TYR HB3  H N N 384 
TYR HD1  H N N 385 
TYR HD2  H N N 386 
TYR HE1  H N N 387 
TYR HE2  H N N 388 
TYR HH   H N N 389 
TYR HXT  H N N 390 
VAL N    N N N 391 
VAL CA   C N S 392 
VAL C    C N N 393 
VAL O    O N N 394 
VAL CB   C N N 395 
VAL CG1  C N N 396 
VAL CG2  C N N 397 
VAL OXT  O N N 398 
VAL H    H N N 399 
VAL H2   H N N 400 
VAL HA   H N N 401 
VAL HB   H N N 402 
VAL HG11 H N N 403 
VAL HG12 H N N 404 
VAL HG13 H N N 405 
VAL HG21 H N N 406 
VAL HG22 H N N 407 
VAL HG23 H N N 408 
VAL HXT  H N N 409 
# 
loop_
_chem_comp_bond.comp_id 
_chem_comp_bond.atom_id_1 
_chem_comp_bond.atom_id_2 
_chem_comp_bond.value_order 
_chem_comp_bond.pdbx_aromatic_flag 
_chem_comp_bond.pdbx_stereo_config 
_chem_comp_bond.pdbx_ordinal 
ALA N   CA   sing N N 1   
ALA N   H    sing N N 2   
ALA N   H2   sing N N 3   
ALA CA  C    sing N N 4   
ALA CA  CB   sing N N 5   
ALA CA  HA   sing N N 6   
ALA C   O    doub N N 7   
ALA C   OXT  sing N N 8   
ALA CB  HB1  sing N N 9   
ALA CB  HB2  sing N N 10  
ALA CB  HB3  sing N N 11  
ALA OXT HXT  sing N N 12  
ARG N   CA   sing N N 13  
ARG N   H    sing N N 14  
ARG N   H2   sing N N 15  
ARG CA  C    sing N N 16  
ARG CA  CB   sing N N 17  
ARG CA  HA   sing N N 18  
ARG C   O    doub N N 19  
ARG C   OXT  sing N N 20  
ARG CB  CG   sing N N 21  
ARG CB  HB2  sing N N 22  
ARG CB  HB3  sing N N 23  
ARG CG  CD   sing N N 24  
ARG CG  HG2  sing N N 25  
ARG CG  HG3  sing N N 26  
ARG CD  NE   sing N N 27  
ARG CD  HD2  sing N N 28  
ARG CD  HD3  sing N N 29  
ARG NE  CZ   sing N N 30  
ARG NE  HE   sing N N 31  
ARG CZ  NH1  sing N N 32  
ARG CZ  NH2  doub N N 33  
ARG NH1 HH11 sing N N 34  
ARG NH1 HH12 sing N N 35  
ARG NH2 HH21 sing N N 36  
ARG NH2 HH22 sing N N 37  
ARG OXT HXT  sing N N 38  
ASN N   CA   sing N N 39  
ASN N   H    sing N N 40  
ASN N   H2   sing N N 41  
ASN CA  C    sing N N 42  
ASN CA  CB   sing N N 43  
ASN CA  HA   sing N N 44  
ASN C   O    doub N N 45  
ASN C   OXT  sing N N 46  
ASN CB  CG   sing N N 47  
ASN CB  HB2  sing N N 48  
ASN CB  HB3  sing N N 49  
ASN CG  OD1  doub N N 50  
ASN CG  ND2  sing N N 51  
ASN ND2 HD21 sing N N 52  
ASN ND2 HD22 sing N N 53  
ASN OXT HXT  sing N N 54  
ASP N   CA   sing N N 55  
ASP N   H    sing N N 56  
ASP N   H2   sing N N 57  
ASP CA  C    sing N N 58  
ASP CA  CB   sing N N 59  
ASP CA  HA   sing N N 60  
ASP C   O    doub N N 61  
ASP C   OXT  sing N N 62  
ASP CB  CG   sing N N 63  
ASP CB  HB2  sing N N 64  
ASP CB  HB3  sing N N 65  
ASP CG  OD1  doub N N 66  
ASP CG  OD2  sing N N 67  
ASP OD2 HD2  sing N N 68  
ASP OXT HXT  sing N N 69  
CYS N   CA   sing N N 70  
CYS N   H    sing N N 71  
CYS N   H2   sing N N 72  
CYS CA  C    sing N N 73  
CYS CA  CB   sing N N 74  
CYS CA  HA   sing N N 75  
CYS C   O    doub N N 76  
CYS C   OXT  sing N N 77  
CYS CB  SG   sing N N 78  
CYS CB  HB2  sing N N 79  
CYS CB  HB3  sing N N 80  
CYS SG  HG   sing N N 81  
CYS OXT HXT  sing N N 82  
GLN N   CA   sing N N 83  
GLN N   H    sing N N 84  
GLN N   H2   sing N N 85  
GLN CA  C    sing N N 86  
GLN CA  CB   sing N N 87  
GLN CA  HA   sing N N 88  
GLN C   O    doub N N 89  
GLN C   OXT  sing N N 90  
GLN CB  CG   sing N N 91  
GLN CB  HB2  sing N N 92  
GLN CB  HB3  sing N N 93  
GLN CG  CD   sing N N 94  
GLN CG  HG2  sing N N 95  
GLN CG  HG3  sing N N 96  
GLN CD  OE1  doub N N 97  
GLN CD  NE2  sing N N 98  
GLN NE2 HE21 sing N N 99  
GLN NE2 HE22 sing N N 100 
GLN OXT HXT  sing N N 101 
GLU N   CA   sing N N 102 
GLU N   H    sing N N 103 
GLU N   H2   sing N N 104 
GLU CA  C    sing N N 105 
GLU CA  CB   sing N N 106 
GLU CA  HA   sing N N 107 
GLU C   O    doub N N 108 
GLU C   OXT  sing N N 109 
GLU CB  CG   sing N N 110 
GLU CB  HB2  sing N N 111 
GLU CB  HB3  sing N N 112 
GLU CG  CD   sing N N 113 
GLU CG  HG2  sing N N 114 
GLU CG  HG3  sing N N 115 
GLU CD  OE1  doub N N 116 
GLU CD  OE2  sing N N 117 
GLU OE2 HE2  sing N N 118 
GLU OXT HXT  sing N N 119 
GLY N   CA   sing N N 120 
GLY N   H    sing N N 121 
GLY N   H2   sing N N 122 
GLY CA  C    sing N N 123 
GLY CA  HA2  sing N N 124 
GLY CA  HA3  sing N N 125 
GLY C   O    doub N N 126 
GLY C   OXT  sing N N 127 
GLY OXT HXT  sing N N 128 
GOL C1  O1   sing N N 129 
GOL C1  C2   sing N N 130 
GOL C1  H11  sing N N 131 
GOL C1  H12  sing N N 132 
GOL O1  HO1  sing N N 133 
GOL C2  O2   sing N N 134 
GOL C2  C3   sing N N 135 
GOL C2  H2   sing N N 136 
GOL O2  HO2  sing N N 137 
GOL C3  O3   sing N N 138 
GOL C3  H31  sing N N 139 
GOL C3  H32  sing N N 140 
GOL O3  HO3  sing N N 141 
HIS N   CA   sing N N 142 
HIS N   H    sing N N 143 
HIS N   H2   sing N N 144 
HIS CA  C    sing N N 145 
HIS CA  CB   sing N N 146 
HIS CA  HA   sing N N 147 
HIS C   O    doub N N 148 
HIS C   OXT  sing N N 149 
HIS CB  CG   sing N N 150 
HIS CB  HB2  sing N N 151 
HIS CB  HB3  sing N N 152 
HIS CG  ND1  sing Y N 153 
HIS CG  CD2  doub Y N 154 
HIS ND1 CE1  doub Y N 155 
HIS ND1 HD1  sing N N 156 
HIS CD2 NE2  sing Y N 157 
HIS CD2 HD2  sing N N 158 
HIS CE1 NE2  sing Y N 159 
HIS CE1 HE1  sing N N 160 
HIS NE2 HE2  sing N N 161 
HIS OXT HXT  sing N N 162 
HOH O   H1   sing N N 163 
HOH O   H2   sing N N 164 
ILE N   CA   sing N N 165 
ILE N   H    sing N N 166 
ILE N   H2   sing N N 167 
ILE CA  C    sing N N 168 
ILE CA  CB   sing N N 169 
ILE CA  HA   sing N N 170 
ILE C   O    doub N N 171 
ILE C   OXT  sing N N 172 
ILE CB  CG1  sing N N 173 
ILE CB  CG2  sing N N 174 
ILE CB  HB   sing N N 175 
ILE CG1 CD1  sing N N 176 
ILE CG1 HG12 sing N N 177 
ILE CG1 HG13 sing N N 178 
ILE CG2 HG21 sing N N 179 
ILE CG2 HG22 sing N N 180 
ILE CG2 HG23 sing N N 181 
ILE CD1 HD11 sing N N 182 
ILE CD1 HD12 sing N N 183 
ILE CD1 HD13 sing N N 184 
ILE OXT HXT  sing N N 185 
LEU N   CA   sing N N 186 
LEU N   H    sing N N 187 
LEU N   H2   sing N N 188 
LEU CA  C    sing N N 189 
LEU CA  CB   sing N N 190 
LEU CA  HA   sing N N 191 
LEU C   O    doub N N 192 
LEU C   OXT  sing N N 193 
LEU CB  CG   sing N N 194 
LEU CB  HB2  sing N N 195 
LEU CB  HB3  sing N N 196 
LEU CG  CD1  sing N N 197 
LEU CG  CD2  sing N N 198 
LEU CG  HG   sing N N 199 
LEU CD1 HD11 sing N N 200 
LEU CD1 HD12 sing N N 201 
LEU CD1 HD13 sing N N 202 
LEU CD2 HD21 sing N N 203 
LEU CD2 HD22 sing N N 204 
LEU CD2 HD23 sing N N 205 
LEU OXT HXT  sing N N 206 
LYS N   CA   sing N N 207 
LYS N   H    sing N N 208 
LYS N   H2   sing N N 209 
LYS CA  C    sing N N 210 
LYS CA  CB   sing N N 211 
LYS CA  HA   sing N N 212 
LYS C   O    doub N N 213 
LYS C   OXT  sing N N 214 
LYS CB  CG   sing N N 215 
LYS CB  HB2  sing N N 216 
LYS CB  HB3  sing N N 217 
LYS CG  CD   sing N N 218 
LYS CG  HG2  sing N N 219 
LYS CG  HG3  sing N N 220 
LYS CD  CE   sing N N 221 
LYS CD  HD2  sing N N 222 
LYS CD  HD3  sing N N 223 
LYS CE  NZ   sing N N 224 
LYS CE  HE2  sing N N 225 
LYS CE  HE3  sing N N 226 
LYS NZ  HZ1  sing N N 227 
LYS NZ  HZ2  sing N N 228 
LYS NZ  HZ3  sing N N 229 
LYS OXT HXT  sing N N 230 
MET N   CA   sing N N 231 
MET N   H    sing N N 232 
MET N   H2   sing N N 233 
MET CA  C    sing N N 234 
MET CA  CB   sing N N 235 
MET CA  HA   sing N N 236 
MET C   O    doub N N 237 
MET C   OXT  sing N N 238 
MET CB  CG   sing N N 239 
MET CB  HB2  sing N N 240 
MET CB  HB3  sing N N 241 
MET CG  SD   sing N N 242 
MET CG  HG2  sing N N 243 
MET CG  HG3  sing N N 244 
MET SD  CE   sing N N 245 
MET CE  HE1  sing N N 246 
MET CE  HE2  sing N N 247 
MET CE  HE3  sing N N 248 
MET OXT HXT  sing N N 249 
NH4 N   HN1  sing N N 250 
NH4 N   HN2  sing N N 251 
NH4 N   HN3  sing N N 252 
NH4 N   HN4  sing N N 253 
PHE N   CA   sing N N 254 
PHE N   H    sing N N 255 
PHE N   H2   sing N N 256 
PHE CA  C    sing N N 257 
PHE CA  CB   sing N N 258 
PHE CA  HA   sing N N 259 
PHE C   O    doub N N 260 
PHE C   OXT  sing N N 261 
PHE CB  CG   sing N N 262 
PHE CB  HB2  sing N N 263 
PHE CB  HB3  sing N N 264 
PHE CG  CD1  doub Y N 265 
PHE CG  CD2  sing Y N 266 
PHE CD1 CE1  sing Y N 267 
PHE CD1 HD1  sing N N 268 
PHE CD2 CE2  doub Y N 269 
PHE CD2 HD2  sing N N 270 
PHE CE1 CZ   doub Y N 271 
PHE CE1 HE1  sing N N 272 
PHE CE2 CZ   sing Y N 273 
PHE CE2 HE2  sing N N 274 
PHE CZ  HZ   sing N N 275 
PHE OXT HXT  sing N N 276 
PRO N   CA   sing N N 277 
PRO N   CD   sing N N 278 
PRO N   H    sing N N 279 
PRO CA  C    sing N N 280 
PRO CA  CB   sing N N 281 
PRO CA  HA   sing N N 282 
PRO C   O    doub N N 283 
PRO C   OXT  sing N N 284 
PRO CB  CG   sing N N 285 
PRO CB  HB2  sing N N 286 
PRO CB  HB3  sing N N 287 
PRO CG  CD   sing N N 288 
PRO CG  HG2  sing N N 289 
PRO CG  HG3  sing N N 290 
PRO CD  HD2  sing N N 291 
PRO CD  HD3  sing N N 292 
PRO OXT HXT  sing N N 293 
SER N   CA   sing N N 294 
SER N   H    sing N N 295 
SER N   H2   sing N N 296 
SER CA  C    sing N N 297 
SER CA  CB   sing N N 298 
SER CA  HA   sing N N 299 
SER C   O    doub N N 300 
SER C   OXT  sing N N 301 
SER CB  OG   sing N N 302 
SER CB  HB2  sing N N 303 
SER CB  HB3  sing N N 304 
SER OG  HG   sing N N 305 
SER OXT HXT  sing N N 306 
THR N   CA   sing N N 307 
THR N   H    sing N N 308 
THR N   H2   sing N N 309 
THR CA  C    sing N N 310 
THR CA  CB   sing N N 311 
THR CA  HA   sing N N 312 
THR C   O    doub N N 313 
THR C   OXT  sing N N 314 
THR CB  OG1  sing N N 315 
THR CB  CG2  sing N N 316 
THR CB  HB   sing N N 317 
THR OG1 HG1  sing N N 318 
THR CG2 HG21 sing N N 319 
THR CG2 HG22 sing N N 320 
THR CG2 HG23 sing N N 321 
THR OXT HXT  sing N N 322 
TRP N   CA   sing N N 323 
TRP N   H    sing N N 324 
TRP N   H2   sing N N 325 
TRP CA  C    sing N N 326 
TRP CA  CB   sing N N 327 
TRP CA  HA   sing N N 328 
TRP C   O    doub N N 329 
TRP C   OXT  sing N N 330 
TRP CB  CG   sing N N 331 
TRP CB  HB2  sing N N 332 
TRP CB  HB3  sing N N 333 
TRP CG  CD1  doub Y N 334 
TRP CG  CD2  sing Y N 335 
TRP CD1 NE1  sing Y N 336 
TRP CD1 HD1  sing N N 337 
TRP CD2 CE2  doub Y N 338 
TRP CD2 CE3  sing Y N 339 
TRP NE1 CE2  sing Y N 340 
TRP NE1 HE1  sing N N 341 
TRP CE2 CZ2  sing Y N 342 
TRP CE3 CZ3  doub Y N 343 
TRP CE3 HE3  sing N N 344 
TRP CZ2 CH2  doub Y N 345 
TRP CZ2 HZ2  sing N N 346 
TRP CZ3 CH2  sing Y N 347 
TRP CZ3 HZ3  sing N N 348 
TRP CH2 HH2  sing N N 349 
TRP OXT HXT  sing N N 350 
TYR N   CA   sing N N 351 
TYR N   H    sing N N 352 
TYR N   H2   sing N N 353 
TYR CA  C    sing N N 354 
TYR CA  CB   sing N N 355 
TYR CA  HA   sing N N 356 
TYR C   O    doub N N 357 
TYR C   OXT  sing N N 358 
TYR CB  CG   sing N N 359 
TYR CB  HB2  sing N N 360 
TYR CB  HB3  sing N N 361 
TYR CG  CD1  doub Y N 362 
TYR CG  CD2  sing Y N 363 
TYR CD1 CE1  sing Y N 364 
TYR CD1 HD1  sing N N 365 
TYR CD2 CE2  doub Y N 366 
TYR CD2 HD2  sing N N 367 
TYR CE1 CZ   doub Y N 368 
TYR CE1 HE1  sing N N 369 
TYR CE2 CZ   sing Y N 370 
TYR CE2 HE2  sing N N 371 
TYR CZ  OH   sing N N 372 
TYR OH  HH   sing N N 373 
TYR OXT HXT  sing N N 374 
VAL N   CA   sing N N 375 
VAL N   H    sing N N 376 
VAL N   H2   sing N N 377 
VAL CA  C    sing N N 378 
VAL CA  CB   sing N N 379 
VAL CA  HA   sing N N 380 
VAL C   O    doub N N 381 
VAL C   OXT  sing N N 382 
VAL CB  CG1  sing N N 383 
VAL CB  CG2  sing N N 384 
VAL CB  HB   sing N N 385 
VAL CG1 HG11 sing N N 386 
VAL CG1 HG12 sing N N 387 
VAL CG1 HG13 sing N N 388 
VAL CG2 HG21 sing N N 389 
VAL CG2 HG22 sing N N 390 
VAL CG2 HG23 sing N N 391 
VAL OXT HXT  sing N N 392 
# 
loop_
_pdbx_entity_nonpoly.entity_id 
_pdbx_entity_nonpoly.name 
_pdbx_entity_nonpoly.comp_id 
2 'AMMONIUM ION' NH4 
3 GLYCEROL       GOL 
4 water          HOH 
# 
_pdbx_initial_refinement_model.id               1 
_pdbx_initial_refinement_model.entity_id_list   ? 
_pdbx_initial_refinement_model.type             'experimental model' 
_pdbx_initial_refinement_model.source_name      PDB 
_pdbx_initial_refinement_model.accession_code   2P5R 
_pdbx_initial_refinement_model.details          'Homology model based on 2P5R, all loops deleted' 
# 
